data_4RQQ
#
_entry.id   4RQQ
#
_cell.length_a   55.700
_cell.length_b   149.170
_cell.length_c   109.930
_cell.angle_alpha   90.00
_cell.angle_beta   100.90
_cell.angle_gamma   90.00
#
_symmetry.space_group_name_H-M   'P 1 21 1'
#
loop_
_entity.id
_entity.type
_entity.pdbx_description
1 polymer 'Human anti-HIV-1 antibody PGDM1400 light chain'
2 polymer 'Human anti-HIV-1 antibody PGDM1400 heavy chain'
#
loop_
_entity_poly.entity_id
_entity_poly.type
_entity_poly.pdbx_seq_one_letter_code
_entity_poly.pdbx_strand_id
1 'polypeptide(L)'
;DFVLTQSPHSLSVTPGESASISCKSSHSLIHGDRNNYLAWYVQKPGRSPQLLIYLASSRASGVPDRFSGSGSDKDFTLKI
SRVETEDVGTYYCMQGRESPWTFGQGTKVDIKRTVAAPSVFIFPPSDEQLKSGTASVVCLLNNFYPREAKVQWKVDNALQ
SGNSQESVTEQDSKDSTYSLSSTLTLSKADYEKHKVYACEVTHQGLSSPVTKSFNRGEC
;
L,A,C
2 'polypeptide(L)'
;QAQLVQSGPEVRKPGTSVKVSCKAPGNTLKTYDLHWVRSVPGQGLQWMGWISHEGDKKVIVERFKAKVTIDWDRSTNTAY
LQLSGLTSGDTAVYYCAKGSKHRLRDYAL(TYS)DDDGALNWAVDVDYLSNLEFWGQGTAVTVSSASTKGPSVFPLAPSS
KSTSGGTAALGCLVKDYFPEPVTVSWNSGALTSGVHTFPAVLQSSGLYSLSSVVTVPSSSLGTQTYICNVNHKPSNTKVD
KKVEPKSCD
;
H,B,D
#
# COMPACT_ATOMS: atom_id res chain seq x y z
N VAL A 3 -5.34 19.76 -16.02
CA VAL A 3 -4.47 18.65 -16.36
C VAL A 3 -3.70 18.89 -17.65
N LEU A 4 -2.64 18.11 -17.86
CA LEU A 4 -1.99 18.01 -19.16
C LEU A 4 -2.50 16.75 -19.84
N THR A 5 -3.09 16.91 -21.02
CA THR A 5 -3.53 15.75 -21.79
C THR A 5 -2.75 15.63 -23.09
N GLN A 6 -1.91 14.60 -23.16
CA GLN A 6 -1.04 14.39 -24.30
C GLN A 6 -1.66 13.39 -25.28
N SER A 7 -1.44 13.62 -26.57
CA SER A 7 -2.06 12.81 -27.61
C SER A 7 -1.15 12.69 -28.83
N PRO A 8 -1.17 11.51 -29.49
CA PRO A 8 -1.93 10.31 -29.09
C PRO A 8 -1.20 9.48 -28.04
N HIS A 9 -1.79 8.36 -27.65
CA HIS A 9 -1.15 7.45 -26.69
C HIS A 9 -0.04 6.66 -27.39
N SER A 10 -0.28 6.33 -28.66
CA SER A 10 0.72 5.62 -29.47
C SER A 10 0.81 6.26 -30.84
N LEU A 11 1.97 6.14 -31.47
CA LEU A 11 2.19 6.73 -32.79
C LEU A 11 3.19 5.94 -33.62
N SER A 12 2.87 5.75 -34.90
CA SER A 12 3.77 5.05 -35.81
C SER A 12 4.04 5.90 -37.06
N VAL A 13 5.32 6.07 -37.37
CA VAL A 13 5.73 6.91 -38.50
C VAL A 13 6.54 6.13 -39.52
N THR A 14 6.04 6.09 -40.76
CA THR A 14 6.81 5.62 -41.90
C THR A 14 8.05 6.49 -42.02
N PRO A 15 9.24 5.89 -42.12
CA PRO A 15 10.50 6.64 -42.12
C PRO A 15 10.58 7.72 -43.21
N GLY A 16 11.02 8.91 -42.84
CA GLY A 16 11.14 10.01 -43.78
C GLY A 16 9.90 10.90 -43.83
N GLU A 17 8.94 10.61 -42.97
CA GLU A 17 7.71 11.39 -42.91
C GLU A 17 7.71 12.36 -41.73
N SER A 18 6.54 12.83 -41.35
CA SER A 18 6.41 13.80 -40.26
C SER A 18 5.53 13.27 -39.14
N ALA A 19 5.90 13.60 -37.91
CA ALA A 19 5.15 13.18 -36.72
C ALA A 19 4.67 14.38 -35.93
N SER A 20 3.38 14.40 -35.60
CA SER A 20 2.80 15.52 -34.86
C SER A 20 2.19 15.05 -33.54
N ILE A 21 2.82 15.43 -32.44
CA ILE A 21 2.32 15.09 -31.10
C ILE A 21 1.74 16.34 -30.46
N SER A 22 0.60 16.19 -29.79
CA SER A 22 -0.08 17.34 -29.20
C SER A 22 -0.11 17.29 -27.67
N CYS A 23 -0.08 18.47 -27.06
CA CYS A 23 -0.26 18.60 -25.63
C CYS A 23 -1.28 19.70 -25.36
N LYS A 24 -2.30 19.39 -24.57
CA LYS A 24 -3.36 20.36 -24.30
C LYS A 24 -3.57 20.58 -22.82
N SER A 25 -3.49 21.85 -22.42
CA SER A 25 -3.64 22.23 -21.02
C SER A 25 -5.02 22.76 -20.72
N SER A 26 -5.56 22.37 -19.57
CA SER A 26 -6.85 22.87 -19.12
C SER A 26 -6.79 24.35 -18.79
N HIS A 27 -5.63 24.79 -18.32
CA HIS A 27 -5.43 26.19 -17.95
C HIS A 27 -4.28 26.80 -18.73
N SER A 28 -4.18 28.13 -18.70
CA SER A 28 -3.15 28.85 -19.45
C SER A 28 -1.74 28.51 -18.98
N LEU A 29 -0.81 28.41 -19.93
CA LEU A 29 0.59 28.16 -19.59
C LEU A 29 1.44 29.39 -19.88
N ILE A 30 0.79 30.52 -20.13
CA ILE A 30 1.49 31.78 -20.40
C ILE A 30 1.61 32.62 -19.13
N HIS A 31 2.79 33.19 -18.91
CA HIS A 31 2.95 34.18 -17.86
C HIS A 31 3.69 35.41 -18.38
N GLY A 32 3.12 36.58 -18.11
CA GLY A 32 3.78 37.84 -18.43
C GLY A 32 3.72 38.24 -19.88
N ASP A 33 4.88 38.49 -20.47
CA ASP A 33 4.98 39.01 -21.82
C ASP A 33 4.41 38.03 -22.85
N ARG A 34 5.19 37.00 -23.17
CA ARG A 34 4.78 35.96 -24.11
C ARG A 34 5.51 34.65 -23.80
N ASN A 35 5.45 34.19 -22.56
CA ASN A 35 6.22 33.03 -22.15
C ASN A 35 5.36 31.79 -21.86
N ASN A 36 5.42 30.81 -22.76
CA ASN A 36 4.70 29.55 -22.60
C ASN A 36 5.58 28.47 -21.95
N TYR A 37 5.36 28.22 -20.67
CA TYR A 37 6.22 27.28 -19.94
C TYR A 37 5.79 25.83 -20.18
N LEU A 38 6.08 25.34 -21.39
CA LEU A 38 5.85 23.94 -21.73
C LEU A 38 7.04 23.39 -22.50
N ALA A 39 7.55 22.25 -22.06
CA ALA A 39 8.74 21.65 -22.65
C ALA A 39 8.45 20.28 -23.25
N TRP A 40 9.36 19.80 -24.10
CA TRP A 40 9.24 18.48 -24.70
C TRP A 40 10.48 17.63 -24.44
N TYR A 41 10.27 16.34 -24.22
CA TYR A 41 11.38 15.43 -23.88
C TYR A 41 11.29 14.10 -24.63
N VAL A 42 12.43 13.43 -24.76
CA VAL A 42 12.46 12.05 -25.25
C VAL A 42 13.05 11.13 -24.20
N GLN A 43 12.50 9.92 -24.10
CA GLN A 43 13.18 8.88 -23.36
C GLN A 43 13.30 7.63 -24.22
N LYS A 44 14.41 7.55 -24.97
CA LYS A 44 14.69 6.41 -25.82
C LYS A 44 14.93 5.17 -24.95
N PRO A 45 14.67 3.97 -25.51
CA PRO A 45 14.83 2.73 -24.76
C PRO A 45 16.24 2.54 -24.21
N GLY A 46 16.37 2.50 -22.88
CA GLY A 46 17.64 2.30 -22.24
C GLY A 46 18.38 3.57 -21.90
N ARG A 47 17.77 4.71 -22.23
CA ARG A 47 18.39 6.01 -21.99
C ARG A 47 17.60 6.88 -21.02
N SER A 48 18.28 7.84 -20.41
CA SER A 48 17.63 8.84 -19.57
C SER A 48 16.86 9.82 -20.45
N PRO A 49 15.89 10.54 -19.86
CA PRO A 49 15.20 11.59 -20.61
C PRO A 49 16.16 12.66 -21.13
N GLN A 50 15.83 13.26 -22.28
CA GLN A 50 16.65 14.33 -22.84
C GLN A 50 15.76 15.45 -23.38
N LEU A 51 16.24 16.68 -23.27
CA LEU A 51 15.46 17.86 -23.63
C LEU A 51 15.47 18.13 -25.13
N LEU A 52 14.30 18.47 -25.66
CA LEU A 52 14.17 18.87 -27.06
C LEU A 52 13.83 20.34 -27.18
N ILE A 53 12.63 20.68 -26.69
CA ILE A 53 12.08 22.01 -26.83
C ILE A 53 11.73 22.59 -25.46
N TYR A 54 11.94 23.90 -25.30
CA TYR A 54 11.54 24.59 -24.09
C TYR A 54 10.91 25.94 -24.45
N LEU A 55 10.14 26.49 -23.53
CA LEU A 55 9.36 27.71 -23.76
C LEU A 55 8.54 27.59 -25.04
N ALA A 56 7.88 26.44 -25.18
CA ALA A 56 7.01 26.09 -26.31
C ALA A 56 7.75 25.90 -27.64
N SER A 57 8.64 26.83 -28.00
CA SER A 57 9.16 26.85 -29.36
C SER A 57 10.69 26.87 -29.49
N SER A 58 11.42 26.90 -28.37
CA SER A 58 12.87 27.03 -28.43
C SER A 58 13.58 25.68 -28.48
N ARG A 59 14.42 25.49 -29.50
CA ARG A 59 15.22 24.28 -29.63
C ARG A 59 16.40 24.29 -28.67
N ALA A 60 16.63 23.16 -28.01
CA ALA A 60 17.78 23.02 -27.12
C ALA A 60 19.06 22.85 -27.94
N SER A 61 20.20 23.01 -27.28
CA SER A 61 21.50 22.89 -27.95
C SER A 61 21.75 21.46 -28.43
N GLY A 62 22.31 21.33 -29.62
CA GLY A 62 22.62 20.02 -30.18
C GLY A 62 21.40 19.20 -30.54
N VAL A 63 20.28 19.88 -30.79
CA VAL A 63 19.05 19.21 -31.18
C VAL A 63 18.77 19.43 -32.67
N PRO A 64 18.62 18.33 -33.43
CA PRO A 64 18.39 18.34 -34.88
C PRO A 64 17.27 19.29 -35.32
N ASP A 65 17.40 19.81 -36.54
CA ASP A 65 16.49 20.85 -37.05
C ASP A 65 15.08 20.34 -37.28
N ARG A 66 14.92 19.03 -37.34
CA ARG A 66 13.63 18.42 -37.63
C ARG A 66 12.62 18.59 -36.49
N PHE A 67 13.13 18.82 -35.28
CA PHE A 67 12.27 19.04 -34.13
C PHE A 67 11.84 20.50 -34.04
N SER A 68 10.54 20.73 -33.87
CA SER A 68 10.02 22.09 -33.73
C SER A 68 8.87 22.15 -32.74
N GLY A 69 8.66 23.31 -32.15
CA GLY A 69 7.57 23.52 -31.23
C GLY A 69 6.68 24.67 -31.64
N SER A 70 5.40 24.55 -31.34
CA SER A 70 4.43 25.60 -31.67
C SER A 70 3.25 25.55 -30.72
N GLY A 71 2.38 26.54 -30.85
CA GLY A 71 1.17 26.61 -30.03
C GLY A 71 1.30 27.64 -28.93
N SER A 72 0.21 27.85 -28.19
CA SER A 72 0.19 28.86 -27.15
C SER A 72 -1.00 28.69 -26.22
N ASP A 73 -0.80 29.07 -24.95
CA ASP A 73 -1.87 29.19 -23.95
C ASP A 73 -2.47 27.86 -23.53
N LYS A 74 -3.01 27.12 -24.49
CA LYS A 74 -3.70 25.87 -24.20
C LYS A 74 -3.27 24.77 -25.17
N ASP A 75 -3.20 25.13 -26.45
CA ASP A 75 -2.90 24.17 -27.50
C ASP A 75 -1.41 24.15 -27.78
N PHE A 76 -0.78 22.98 -27.66
CA PHE A 76 0.66 22.84 -27.90
C PHE A 76 0.96 21.63 -28.78
N THR A 77 1.91 21.79 -29.69
CA THR A 77 2.22 20.74 -30.66
C THR A 77 3.72 20.56 -30.86
N LEU A 78 4.17 19.30 -30.76
CA LEU A 78 5.53 18.94 -31.11
C LEU A 78 5.57 18.31 -32.49
N LYS A 79 6.39 18.87 -33.38
CA LYS A 79 6.48 18.34 -34.73
C LYS A 79 7.85 17.78 -35.05
N ILE A 80 7.90 16.47 -35.29
CA ILE A 80 9.11 15.80 -35.74
C ILE A 80 8.94 15.41 -37.21
N SER A 81 9.82 15.93 -38.07
CA SER A 81 9.79 15.61 -39.49
C SER A 81 11.04 14.83 -39.88
N ARG A 82 11.01 14.22 -41.07
CA ARG A 82 12.13 13.43 -41.57
C ARG A 82 12.56 12.37 -40.55
N VAL A 83 11.56 11.73 -39.94
CA VAL A 83 11.77 10.80 -38.84
C VAL A 83 12.68 9.65 -39.20
N GLU A 84 13.70 9.41 -38.36
CA GLU A 84 14.62 8.30 -38.56
C GLU A 84 14.51 7.31 -37.41
N THR A 85 15.30 6.24 -37.49
CA THR A 85 15.32 5.19 -36.47
C THR A 85 15.77 5.71 -35.11
N GLU A 86 16.57 6.78 -35.12
CA GLU A 86 17.09 7.38 -33.89
C GLU A 86 15.98 7.88 -32.97
N ASP A 87 14.88 8.33 -33.57
CA ASP A 87 13.84 9.05 -32.83
C ASP A 87 12.86 8.15 -32.07
N VAL A 88 13.01 6.84 -32.21
CA VAL A 88 12.11 5.89 -31.55
C VAL A 88 12.22 5.99 -30.02
N GLY A 89 11.08 6.02 -29.36
CA GLY A 89 11.05 6.11 -27.91
C GLY A 89 9.73 6.68 -27.41
N THR A 90 9.74 7.21 -26.20
CA THR A 90 8.54 7.80 -25.62
C THR A 90 8.74 9.31 -25.39
N TYR A 91 7.80 10.11 -25.88
CA TYR A 91 7.92 11.55 -25.78
C TYR A 91 6.97 12.11 -24.73
N TYR A 92 7.45 13.09 -23.97
CA TYR A 92 6.66 13.68 -22.88
C TYR A 92 6.58 15.19 -22.99
N CYS A 93 5.43 15.75 -22.65
CA CYS A 93 5.29 17.19 -22.51
C CYS A 93 5.33 17.54 -21.03
N MET A 94 5.81 18.73 -20.70
CA MET A 94 5.94 19.14 -19.31
C MET A 94 5.62 20.61 -19.14
N GLN A 95 4.77 20.93 -18.16
CA GLN A 95 4.38 22.31 -17.91
C GLN A 95 5.13 22.88 -16.70
N GLY A 96 5.30 24.19 -16.69
CA GLY A 96 6.00 24.85 -15.59
C GLY A 96 5.30 26.13 -15.14
N ARG A 97 3.98 26.13 -15.26
CA ARG A 97 3.18 27.29 -14.86
C ARG A 97 2.69 27.15 -13.41
N GLU A 98 1.69 26.29 -13.22
CA GLU A 98 1.15 26.04 -11.89
C GLU A 98 1.98 25.02 -11.13
N SER A 99 1.93 25.08 -9.80
CA SER A 99 2.59 24.08 -8.97
C SER A 99 1.53 23.11 -8.46
N PRO A 100 1.87 21.80 -8.43
CA PRO A 100 3.16 21.23 -8.81
C PRO A 100 3.33 21.03 -10.32
N TRP A 101 4.57 21.07 -10.78
CA TRP A 101 4.88 20.83 -12.19
C TRP A 101 4.71 19.36 -12.55
N THR A 102 4.06 19.10 -13.69
CA THR A 102 3.73 17.73 -14.08
C THR A 102 4.18 17.39 -15.50
N PHE A 103 4.25 16.09 -15.78
CA PHE A 103 4.57 15.59 -17.12
C PHE A 103 3.31 15.22 -17.89
N GLY A 104 3.46 15.00 -19.19
CA GLY A 104 2.41 14.42 -19.99
C GLY A 104 2.38 12.93 -19.74
N GLN A 105 1.32 12.25 -20.15
CA GLN A 105 1.21 10.82 -19.90
C GLN A 105 2.05 10.00 -20.88
N GLY A 106 2.69 10.69 -21.82
CA GLY A 106 3.62 10.04 -22.73
C GLY A 106 3.05 9.66 -24.07
N THR A 107 3.93 9.51 -25.06
CA THR A 107 3.53 9.09 -26.39
C THR A 107 4.58 8.17 -27.02
N LYS A 108 4.23 6.89 -27.18
CA LYS A 108 5.13 5.92 -27.78
C LYS A 108 5.26 6.12 -29.29
N VAL A 109 6.40 6.65 -29.73
CA VAL A 109 6.64 6.85 -31.15
C VAL A 109 7.33 5.62 -31.74
N ASP A 110 6.80 5.14 -32.87
CA ASP A 110 7.24 3.89 -33.46
C ASP A 110 7.58 4.07 -34.93
N ILE A 111 8.54 3.27 -35.41
CA ILE A 111 8.86 3.27 -36.84
C ILE A 111 7.92 2.33 -37.57
N LYS A 112 7.16 2.87 -38.51
CA LYS A 112 6.20 2.05 -39.25
C LYS A 112 6.80 1.45 -40.51
N ARG A 113 6.84 0.13 -40.56
CA ARG A 113 7.26 -0.60 -41.75
C ARG A 113 6.07 -1.30 -42.37
N THR A 114 6.29 -1.92 -43.53
CA THR A 114 5.27 -2.77 -44.13
C THR A 114 5.03 -3.96 -43.20
N VAL A 115 3.78 -4.40 -43.12
CA VAL A 115 3.37 -5.44 -42.19
C VAL A 115 4.16 -6.74 -42.35
N ALA A 116 4.65 -7.28 -41.25
CA ALA A 116 5.38 -8.54 -41.26
C ALA A 116 4.76 -9.53 -40.28
N ALA A 117 4.37 -10.70 -40.79
CA ALA A 117 3.81 -11.76 -39.95
C ALA A 117 4.92 -12.43 -39.17
N PRO A 118 4.60 -12.92 -37.96
CA PRO A 118 5.60 -13.62 -37.15
C PRO A 118 5.66 -15.11 -37.42
N SER A 119 6.87 -15.67 -37.49
CA SER A 119 7.02 -17.11 -37.44
C SER A 119 6.83 -17.53 -35.99
N VAL A 120 5.90 -18.45 -35.75
CA VAL A 120 5.59 -18.85 -34.38
C VAL A 120 6.26 -20.17 -34.02
N PHE A 121 7.00 -20.17 -32.91
CA PHE A 121 7.71 -21.36 -32.46
C PHE A 121 7.14 -21.83 -31.11
N ILE A 122 7.34 -23.11 -30.81
CA ILE A 122 6.83 -23.68 -29.57
C ILE A 122 7.88 -24.60 -28.95
N PHE A 123 8.01 -24.54 -27.63
CA PHE A 123 8.97 -25.36 -26.91
C PHE A 123 8.31 -26.06 -25.73
N PRO A 124 8.36 -27.40 -25.72
CA PRO A 124 7.86 -28.18 -24.58
C PRO A 124 8.79 -28.03 -23.38
N PRO A 125 8.30 -28.32 -22.17
CA PRO A 125 9.16 -28.30 -20.99
C PRO A 125 10.32 -29.28 -21.11
N SER A 126 11.53 -28.85 -20.76
CA SER A 126 12.70 -29.72 -20.83
C SER A 126 12.64 -30.79 -19.75
N ASP A 127 13.33 -31.90 -19.98
CA ASP A 127 13.44 -32.97 -18.99
C ASP A 127 14.16 -32.45 -17.75
N GLU A 128 15.10 -31.55 -17.95
CA GLU A 128 15.87 -30.97 -16.86
C GLU A 128 14.98 -30.18 -15.89
N GLN A 129 13.97 -29.50 -16.43
CA GLN A 129 13.08 -28.71 -15.60
C GLN A 129 12.01 -29.56 -14.93
N LEU A 130 11.49 -30.54 -15.67
CA LEU A 130 10.49 -31.46 -15.14
C LEU A 130 11.03 -32.26 -13.95
N LYS A 131 12.32 -32.56 -14.00
CA LYS A 131 13.00 -33.22 -12.89
C LYS A 131 13.00 -32.35 -11.64
N SER A 132 12.95 -31.03 -11.84
CA SER A 132 12.96 -30.09 -10.74
C SER A 132 11.55 -29.81 -10.19
N GLY A 133 10.54 -30.39 -10.83
CA GLY A 133 9.19 -30.34 -10.31
C GLY A 133 8.31 -29.21 -10.81
N THR A 134 8.73 -28.55 -11.88
CA THR A 134 7.92 -27.51 -12.51
C THR A 134 7.90 -27.66 -14.03
N ALA A 135 6.83 -27.18 -14.66
CA ALA A 135 6.69 -27.29 -16.11
C ALA A 135 6.43 -25.92 -16.74
N SER A 136 7.33 -25.51 -17.62
CA SER A 136 7.23 -24.21 -18.28
C SER A 136 7.20 -24.37 -19.80
N VAL A 137 6.11 -23.90 -20.42
CA VAL A 137 5.96 -24.01 -21.85
C VAL A 137 6.17 -22.64 -22.52
N VAL A 138 7.00 -22.61 -23.55
CA VAL A 138 7.38 -21.35 -24.19
C VAL A 138 6.88 -21.24 -25.63
N CYS A 139 6.18 -20.15 -25.93
CA CYS A 139 5.79 -19.85 -27.30
C CYS A 139 6.52 -18.60 -27.78
N LEU A 140 7.12 -18.69 -28.96
CA LEU A 140 7.93 -17.59 -29.48
C LEU A 140 7.41 -17.09 -30.83
N LEU A 141 7.11 -15.80 -30.89
CA LEU A 141 6.69 -15.14 -32.11
C LEU A 141 7.85 -14.24 -32.57
N ASN A 142 8.38 -14.45 -33.77
CA ASN A 142 9.61 -13.72 -34.16
C ASN A 142 9.45 -12.73 -35.31
N ASN A 143 10.05 -11.56 -35.14
CA ASN A 143 10.17 -10.55 -36.19
C ASN A 143 8.83 -10.18 -36.85
N PHE A 144 7.98 -9.49 -36.10
CA PHE A 144 6.67 -9.10 -36.62
C PHE A 144 6.38 -7.61 -36.43
N TYR A 145 5.46 -7.12 -37.26
CA TYR A 145 4.95 -5.76 -37.14
C TYR A 145 3.45 -5.77 -37.43
N PRO A 146 2.66 -5.01 -36.65
CA PRO A 146 3.09 -4.14 -35.54
C PRO A 146 3.28 -4.88 -34.22
N ARG A 147 3.54 -4.12 -33.17
CA ARG A 147 3.79 -4.68 -31.84
C ARG A 147 2.56 -5.38 -31.27
N GLU A 148 1.38 -4.95 -31.69
CA GLU A 148 0.14 -5.53 -31.19
C GLU A 148 -0.07 -6.97 -31.66
N ALA A 149 0.03 -7.90 -30.72
CA ALA A 149 -0.22 -9.32 -30.98
C ALA A 149 -1.01 -9.95 -29.85
N LYS A 150 -1.99 -10.78 -30.19
CA LYS A 150 -2.83 -11.45 -29.20
C LYS A 150 -2.46 -12.92 -29.08
N VAL A 151 -2.13 -13.34 -27.86
CA VAL A 151 -1.68 -14.71 -27.62
C VAL A 151 -2.56 -15.40 -26.58
N GLN A 152 -2.97 -16.63 -26.88
CA GLN A 152 -3.78 -17.42 -25.97
C GLN A 152 -3.18 -18.81 -25.76
N TRP A 153 -3.29 -19.33 -24.54
CA TRP A 153 -2.76 -20.64 -24.22
C TRP A 153 -3.88 -21.66 -24.02
N LYS A 154 -3.89 -22.70 -24.84
CA LYS A 154 -4.90 -23.75 -24.76
C LYS A 154 -4.30 -25.06 -24.24
N VAL A 155 -4.86 -25.58 -23.16
CA VAL A 155 -4.48 -26.88 -22.63
C VAL A 155 -5.68 -27.82 -22.69
N ASP A 156 -5.57 -28.87 -23.50
CA ASP A 156 -6.70 -29.72 -23.87
C ASP A 156 -7.83 -28.85 -24.44
N ASN A 157 -7.44 -27.87 -25.25
CA ASN A 157 -8.34 -26.94 -25.91
C ASN A 157 -9.21 -26.14 -24.94
N ALA A 158 -8.76 -26.07 -23.68
CA ALA A 158 -9.35 -25.17 -22.69
C ALA A 158 -8.35 -24.06 -22.43
N LEU A 159 -8.73 -22.82 -22.74
CA LEU A 159 -7.78 -21.71 -22.72
C LEU A 159 -7.37 -21.31 -21.31
N GLN A 160 -6.08 -21.05 -21.13
CA GLN A 160 -5.53 -20.71 -19.83
C GLN A 160 -5.61 -19.21 -19.55
N SER A 161 -5.96 -18.86 -18.31
CA SER A 161 -6.03 -17.46 -17.91
C SER A 161 -5.47 -17.24 -16.51
N GLY A 162 -4.47 -16.36 -16.40
CA GLY A 162 -3.93 -15.98 -15.12
C GLY A 162 -2.69 -16.75 -14.69
N ASN A 163 -2.16 -17.56 -15.59
CA ASN A 163 -0.95 -18.34 -15.29
C ASN A 163 0.08 -18.26 -16.41
N SER A 164 0.05 -17.15 -17.15
CA SER A 164 1.06 -16.87 -18.17
C SER A 164 1.46 -15.41 -18.12
N GLN A 165 2.66 -15.11 -18.60
CA GLN A 165 3.15 -13.74 -18.68
C GLN A 165 4.21 -13.60 -19.76
N GLU A 166 4.10 -12.54 -20.56
CA GLU A 166 4.92 -12.36 -21.75
C GLU A 166 5.70 -11.05 -21.70
N SER A 167 6.65 -10.92 -22.64
CA SER A 167 7.40 -9.68 -22.78
C SER A 167 7.82 -9.52 -24.24
N VAL A 168 8.00 -8.28 -24.66
CA VAL A 168 8.42 -8.01 -26.04
C VAL A 168 9.79 -7.33 -26.07
N THR A 169 10.57 -7.62 -27.09
CA THR A 169 11.83 -6.94 -27.31
C THR A 169 11.55 -5.51 -27.76
N GLU A 170 12.53 -4.64 -27.63
CA GLU A 170 12.43 -3.31 -28.22
C GLU A 170 12.48 -3.46 -29.73
N GLN A 171 11.96 -2.46 -30.44
CA GLN A 171 11.95 -2.51 -31.90
C GLN A 171 13.38 -2.58 -32.44
N ASP A 172 13.66 -3.61 -33.23
CA ASP A 172 14.98 -3.76 -33.82
C ASP A 172 15.24 -2.61 -34.80
N SER A 173 16.42 -2.02 -34.72
CA SER A 173 16.73 -0.86 -35.54
C SER A 173 16.92 -1.23 -37.01
N LYS A 174 17.23 -2.51 -37.24
CA LYS A 174 17.55 -2.98 -38.58
C LYS A 174 16.33 -3.22 -39.46
N ASP A 175 15.36 -3.96 -38.94
CA ASP A 175 14.18 -4.32 -39.73
C ASP A 175 12.88 -3.77 -39.15
N SER A 176 12.99 -3.03 -38.05
CA SER A 176 11.85 -2.39 -37.39
C SER A 176 10.74 -3.38 -37.02
N THR A 177 11.15 -4.52 -36.46
CA THR A 177 10.19 -5.54 -36.05
C THR A 177 10.34 -5.89 -34.56
N TYR A 178 9.35 -6.61 -34.04
CA TYR A 178 9.35 -7.01 -32.64
C TYR A 178 9.44 -8.52 -32.48
N SER A 179 9.75 -8.95 -31.26
CA SER A 179 9.69 -10.36 -30.94
C SER A 179 9.02 -10.55 -29.59
N LEU A 180 8.16 -11.55 -29.49
CA LEU A 180 7.41 -11.76 -28.27
C LEU A 180 7.72 -13.12 -27.68
N SER A 181 7.93 -13.16 -26.37
CA SER A 181 8.19 -14.40 -25.65
C SER A 181 7.19 -14.61 -24.52
N SER A 182 6.23 -15.52 -24.75
CA SER A 182 5.24 -15.85 -23.74
C SER A 182 5.60 -17.15 -23.02
N THR A 183 5.39 -17.17 -21.70
CA THR A 183 5.79 -18.31 -20.90
C THR A 183 4.65 -18.82 -20.02
N LEU A 184 4.15 -19.99 -20.36
CA LEU A 184 3.09 -20.65 -19.59
C LEU A 184 3.70 -21.59 -18.56
N THR A 185 3.47 -21.30 -17.27
CA THR A 185 4.05 -22.10 -16.21
C THR A 185 3.02 -23.03 -15.57
N LEU A 186 3.34 -24.32 -15.53
CA LEU A 186 2.45 -25.31 -14.92
C LEU A 186 3.19 -26.17 -13.91
N SER A 187 2.45 -26.73 -12.96
CA SER A 187 3.03 -27.70 -12.03
C SER A 187 3.30 -28.98 -12.80
N LYS A 188 4.24 -29.79 -12.32
CA LYS A 188 4.56 -31.05 -12.97
C LYS A 188 3.33 -31.96 -12.99
N ALA A 189 2.57 -31.94 -11.90
CA ALA A 189 1.35 -32.73 -11.81
C ALA A 189 0.33 -32.33 -12.88
N ASP A 190 0.01 -31.04 -12.93
CA ASP A 190 -0.96 -30.53 -13.90
C ASP A 190 -0.49 -30.73 -15.33
N TYR A 191 0.81 -30.72 -15.55
CA TYR A 191 1.37 -30.85 -16.89
C TYR A 191 1.13 -32.22 -17.49
N GLU A 192 1.29 -33.26 -16.67
CA GLU A 192 1.19 -34.64 -17.15
C GLU A 192 -0.25 -35.17 -17.08
N LYS A 193 -1.15 -34.36 -16.52
CA LYS A 193 -2.56 -34.70 -16.50
C LYS A 193 -3.26 -34.20 -17.76
N HIS A 194 -2.48 -33.62 -18.66
CA HIS A 194 -3.02 -33.07 -19.90
C HIS A 194 -2.18 -33.48 -21.11
N LYS A 195 -2.81 -33.50 -22.28
CA LYS A 195 -2.19 -34.10 -23.46
C LYS A 195 -1.66 -33.07 -24.46
N VAL A 196 -2.53 -32.20 -24.95
CA VAL A 196 -2.15 -31.27 -26.00
C VAL A 196 -1.87 -29.87 -25.44
N TYR A 197 -0.81 -29.24 -25.95
CA TYR A 197 -0.46 -27.87 -25.58
C TYR A 197 -0.28 -27.03 -26.83
N ALA A 198 -0.94 -25.88 -26.87
CA ALA A 198 -0.97 -25.07 -28.09
C ALA A 198 -0.72 -23.59 -27.80
N CYS A 199 -0.11 -22.91 -28.77
CA CYS A 199 0.03 -21.47 -28.70
C CYS A 199 -0.77 -20.83 -29.84
N GLU A 200 -1.98 -20.38 -29.51
CA GLU A 200 -2.86 -19.71 -30.47
C GLU A 200 -2.49 -18.24 -30.61
N VAL A 201 -1.99 -17.87 -31.78
CA VAL A 201 -1.52 -16.52 -32.01
C VAL A 201 -2.32 -15.80 -33.11
N THR A 202 -2.74 -14.57 -32.82
CA THR A 202 -3.41 -13.73 -33.80
C THR A 202 -2.59 -12.47 -34.05
N HIS A 203 -2.48 -12.07 -35.31
CA HIS A 203 -1.69 -10.91 -35.69
C HIS A 203 -2.15 -10.39 -37.05
N GLN A 204 -1.91 -9.11 -37.32
CA GLN A 204 -2.30 -8.50 -38.59
C GLN A 204 -1.68 -9.25 -39.77
N GLY A 205 -0.38 -9.54 -39.67
CA GLY A 205 0.35 -10.18 -40.74
C GLY A 205 -0.16 -11.56 -41.13
N LEU A 206 -0.71 -12.28 -40.16
CA LEU A 206 -1.22 -13.62 -40.40
C LEU A 206 -2.44 -13.59 -41.32
N SER A 207 -2.48 -14.52 -42.27
CA SER A 207 -3.63 -14.64 -43.16
C SER A 207 -4.82 -15.18 -42.36
N SER A 208 -4.50 -16.03 -41.39
CA SER A 208 -5.50 -16.64 -40.51
C SER A 208 -4.83 -16.94 -39.18
N PRO A 209 -5.60 -16.88 -38.07
CA PRO A 209 -5.08 -17.21 -36.73
C PRO A 209 -4.25 -18.49 -36.70
N VAL A 210 -3.04 -18.40 -36.16
CA VAL A 210 -2.10 -19.52 -36.19
C VAL A 210 -2.02 -20.24 -34.85
N THR A 211 -2.19 -21.55 -34.88
CA THR A 211 -2.05 -22.38 -33.68
C THR A 211 -0.86 -23.32 -33.79
N LYS A 212 0.21 -23.00 -33.08
CA LYS A 212 1.36 -23.88 -32.97
C LYS A 212 1.18 -24.78 -31.75
N SER A 213 1.10 -26.09 -32.00
CA SER A 213 0.77 -27.02 -30.94
C SER A 213 1.73 -28.20 -30.91
N PHE A 214 1.95 -28.75 -29.73
CA PHE A 214 2.74 -29.97 -29.62
C PHE A 214 2.01 -31.00 -28.76
N ASN A 215 2.36 -32.27 -28.97
CA ASN A 215 1.80 -33.36 -28.18
C ASN A 215 2.75 -33.76 -27.05
N ARG A 216 2.25 -33.70 -25.80
CA ARG A 216 3.06 -34.10 -24.63
C ARG A 216 3.48 -35.54 -24.78
N GLY A 217 4.75 -35.81 -24.50
CA GLY A 217 5.31 -37.13 -24.65
C GLY A 217 6.38 -37.17 -25.72
N GLN B 3 24.95 15.22 -18.75
CA GLN B 3 26.16 14.70 -18.09
C GLN B 3 26.01 14.84 -16.57
N LEU B 4 25.36 13.85 -15.94
CA LEU B 4 25.27 13.78 -14.49
C LEU B 4 25.50 12.32 -14.07
N VAL B 5 26.31 12.12 -13.03
CA VAL B 5 26.62 10.76 -12.58
C VAL B 5 25.88 10.42 -11.30
N GLN B 6 25.22 9.27 -11.28
CA GLN B 6 24.49 8.82 -10.11
C GLN B 6 25.04 7.49 -9.60
N SER B 7 24.67 7.13 -8.38
CA SER B 7 25.14 5.89 -7.76
C SER B 7 24.55 4.67 -8.44
N GLY B 8 25.18 3.52 -8.22
CA GLY B 8 24.75 2.26 -8.80
C GLY B 8 23.39 1.83 -8.30
N PRO B 9 22.84 0.75 -8.92
CA PRO B 9 21.50 0.25 -8.59
C PRO B 9 21.41 -0.23 -7.14
N GLU B 10 20.21 -0.25 -6.59
CA GLU B 10 20.03 -0.58 -5.18
C GLU B 10 18.92 -1.58 -4.95
N VAL B 11 19.13 -2.48 -4.00
CA VAL B 11 18.13 -3.46 -3.61
C VAL B 11 17.84 -3.35 -2.12
N ARG B 12 16.56 -3.20 -1.78
CA ARG B 12 16.17 -3.00 -0.39
C ARG B 12 15.05 -3.95 0.03
N LYS B 13 15.15 -4.47 1.26
CA LYS B 13 14.04 -5.19 1.88
C LYS B 13 12.99 -4.15 2.27
N PRO B 14 11.71 -4.54 2.29
CA PRO B 14 10.65 -3.56 2.60
C PRO B 14 10.77 -2.99 4.01
N GLY B 15 10.44 -1.71 4.16
CA GLY B 15 10.48 -1.05 5.45
C GLY B 15 11.77 -0.33 5.72
N THR B 16 12.78 -0.55 4.88
CA THR B 16 14.09 0.07 5.07
C THR B 16 14.19 1.40 4.32
N SER B 17 15.41 1.94 4.25
CA SER B 17 15.64 3.20 3.56
C SER B 17 16.78 3.10 2.56
N VAL B 18 16.69 3.89 1.49
CA VAL B 18 17.75 3.94 0.48
C VAL B 18 18.19 5.38 0.24
N LYS B 19 19.50 5.59 0.16
CA LYS B 19 20.07 6.90 -0.08
C LYS B 19 20.71 6.97 -1.46
N VAL B 20 20.18 7.83 -2.32
CA VAL B 20 20.66 7.93 -3.69
C VAL B 20 21.42 9.24 -3.94
N SER B 21 22.60 9.14 -4.55
CA SER B 21 23.42 10.32 -4.79
C SER B 21 23.45 10.66 -6.28
N CYS B 22 23.75 11.91 -6.60
CA CYS B 22 23.89 12.34 -8.00
C CYS B 22 24.56 13.68 -8.13
N LYS B 23 25.45 13.81 -9.13
CA LYS B 23 26.02 15.11 -9.48
C LYS B 23 26.85 15.18 -10.75
N ALA B 24 26.89 16.39 -11.30
CA ALA B 24 27.76 16.79 -12.39
C ALA B 24 29.23 16.80 -11.95
N PRO B 25 30.18 16.88 -12.91
CA PRO B 25 31.59 16.94 -12.53
C PRO B 25 32.01 18.26 -11.86
N GLY B 26 32.58 18.16 -10.66
CA GLY B 26 33.15 19.31 -9.99
C GLY B 26 32.16 20.38 -9.58
N ASN B 27 32.45 21.63 -9.92
CA ASN B 27 31.54 22.74 -9.66
C ASN B 27 30.86 23.22 -10.93
N THR B 28 30.24 22.29 -11.67
CA THR B 28 29.75 22.58 -13.01
C THR B 28 28.46 23.43 -13.02
N LEU B 29 27.37 22.87 -12.52
CA LEU B 29 26.05 23.50 -12.69
C LEU B 29 25.43 24.05 -11.40
N LYS B 30 26.21 24.81 -10.64
CA LYS B 30 25.75 25.43 -9.38
C LYS B 30 24.57 26.38 -9.57
N THR B 31 24.48 27.01 -10.73
CA THR B 31 23.41 27.97 -11.00
C THR B 31 22.17 27.29 -11.57
N TYR B 32 22.22 25.97 -11.68
CA TYR B 32 21.10 25.19 -12.20
C TYR B 32 20.36 24.47 -11.08
N ASP B 33 19.03 24.50 -11.15
CA ASP B 33 18.18 23.97 -10.11
C ASP B 33 18.18 22.45 -10.06
N LEU B 34 18.00 21.91 -8.86
CA LEU B 34 18.01 20.46 -8.66
C LEU B 34 16.61 19.89 -8.79
N HIS B 35 16.47 18.79 -9.52
CA HIS B 35 15.16 18.15 -9.70
C HIS B 35 15.26 16.63 -9.57
N TRP B 36 14.15 15.99 -9.18
CA TRP B 36 14.11 14.53 -9.11
C TRP B 36 12.87 13.99 -9.83
N VAL B 37 13.10 13.15 -10.84
CA VAL B 37 12.04 12.59 -11.64
C VAL B 37 11.98 11.08 -11.47
N ARG B 38 10.77 10.53 -11.31
CA ARG B 38 10.61 9.10 -11.12
C ARG B 38 10.11 8.42 -12.39
N SER B 39 10.78 7.34 -12.77
CA SER B 39 10.39 6.57 -13.93
C SER B 39 10.01 5.16 -13.54
N VAL B 40 8.71 4.91 -13.41
CA VAL B 40 8.22 3.54 -13.30
C VAL B 40 8.12 2.93 -14.69
N PRO B 41 8.84 1.81 -14.93
CA PRO B 41 8.76 1.12 -16.22
C PRO B 41 7.32 0.81 -16.62
N GLY B 42 6.82 1.53 -17.63
CA GLY B 42 5.49 1.27 -18.15
C GLY B 42 4.38 2.00 -17.41
N GLN B 43 4.73 3.02 -16.62
CA GLN B 43 3.70 3.77 -15.93
C GLN B 43 3.82 5.28 -16.20
N GLY B 44 4.96 5.72 -16.70
CA GLY B 44 5.10 7.12 -17.11
C GLY B 44 6.22 7.87 -16.41
N LEU B 45 6.20 9.19 -16.53
CA LEU B 45 7.20 10.05 -15.88
C LEU B 45 6.59 10.84 -14.73
N GLN B 46 7.37 11.00 -13.67
CA GLN B 46 6.87 11.54 -12.42
C GLN B 46 7.83 12.54 -11.78
N TRP B 47 7.40 13.80 -11.68
CA TRP B 47 8.21 14.82 -11.03
C TRP B 47 7.99 14.81 -9.52
N MET B 48 9.06 14.60 -8.77
CA MET B 48 8.95 14.43 -7.33
C MET B 48 9.12 15.74 -6.55
N GLY B 49 10.20 16.45 -6.80
CA GLY B 49 10.47 17.69 -6.10
C GLY B 49 11.69 18.44 -6.63
N TRP B 50 11.95 19.62 -6.08
CA TRP B 50 13.05 20.44 -6.57
C TRP B 50 13.69 21.31 -5.49
N ILE B 51 14.94 21.71 -5.75
CA ILE B 51 15.67 22.64 -4.89
C ILE B 51 16.22 23.79 -5.73
N SER B 52 15.91 25.01 -5.31
CA SER B 52 16.44 26.20 -5.99
C SER B 52 17.96 26.24 -5.85
N HIS B 53 18.63 26.65 -6.92
CA HIS B 53 20.07 26.78 -6.91
C HIS B 53 20.49 27.90 -5.95
N GLU B 54 19.57 28.82 -5.70
CA GLU B 54 19.79 29.86 -4.70
C GLU B 54 19.72 29.25 -3.30
N GLY B 55 18.82 28.28 -3.12
CA GLY B 55 18.75 27.52 -1.88
C GLY B 55 17.64 27.92 -0.93
N ASP B 56 16.74 28.79 -1.40
CA ASP B 56 15.64 29.25 -0.56
C ASP B 56 14.38 28.44 -0.76
N LYS B 57 14.47 27.40 -1.59
CA LYS B 57 13.31 26.54 -1.85
C LYS B 57 13.64 25.06 -1.81
N LYS B 58 12.74 24.29 -1.20
CA LYS B 58 12.82 22.83 -1.22
C LYS B 58 11.41 22.27 -1.13
N VAL B 59 10.85 21.95 -2.30
CA VAL B 59 9.45 21.55 -2.41
C VAL B 59 9.31 20.07 -2.76
N ILE B 60 8.38 19.39 -2.12
CA ILE B 60 8.12 17.98 -2.42
C ILE B 60 6.63 17.74 -2.65
N VAL B 61 6.31 16.99 -3.70
CA VAL B 61 4.94 16.64 -4.06
C VAL B 61 4.27 15.78 -2.99
N GLU B 62 2.99 16.03 -2.77
CA GLU B 62 2.16 15.35 -1.76
C GLU B 62 2.32 13.83 -1.71
N ARG B 63 2.46 13.20 -2.88
CA ARG B 63 2.61 11.74 -2.97
C ARG B 63 3.82 11.26 -2.18
N PHE B 64 4.92 11.97 -2.35
CA PHE B 64 6.21 11.55 -1.82
C PHE B 64 6.57 12.31 -0.55
N LYS B 65 5.70 13.23 -0.14
CA LYS B 65 5.95 14.13 0.97
C LYS B 65 6.31 13.42 2.28
N ALA B 66 5.68 12.27 2.51
CA ALA B 66 5.82 11.55 3.78
C ALA B 66 7.17 10.86 3.94
N LYS B 67 7.69 10.31 2.85
CA LYS B 67 8.83 9.39 2.94
C LYS B 67 10.03 9.77 2.06
N VAL B 68 10.01 10.98 1.51
CA VAL B 68 11.08 11.41 0.62
C VAL B 68 11.80 12.66 1.13
N THR B 69 13.12 12.66 1.04
CA THR B 69 13.93 13.81 1.42
C THR B 69 14.92 14.16 0.31
N ILE B 70 14.97 15.44 -0.05
CA ILE B 70 15.91 15.92 -1.05
C ILE B 70 16.96 16.80 -0.38
N ASP B 71 18.22 16.74 -0.82
CA ASP B 71 19.24 17.67 -0.31
C ASP B 71 20.46 17.82 -1.21
N TRP B 72 21.41 18.63 -0.75
CA TRP B 72 22.48 19.15 -1.58
C TRP B 72 23.41 19.97 -0.70
N ASP B 73 24.54 19.37 -0.30
CA ASP B 73 25.53 20.13 0.45
C ASP B 73 26.51 20.72 -0.55
N ARG B 74 26.63 22.06 -0.51
CA ARG B 74 27.25 22.82 -1.58
C ARG B 74 28.77 22.74 -1.54
N SER B 75 29.30 22.18 -0.46
CA SER B 75 30.75 22.07 -0.31
C SER B 75 31.33 20.97 -1.19
N THR B 76 30.60 19.85 -1.32
CA THR B 76 31.02 18.79 -2.22
C THR B 76 30.26 18.88 -3.52
N ASN B 77 29.35 19.87 -3.59
CA ASN B 77 28.48 20.09 -4.74
C ASN B 77 27.48 18.95 -4.94
N THR B 78 27.58 17.90 -4.13
CA THR B 78 26.85 16.65 -4.37
C THR B 78 25.40 16.67 -3.84
N ALA B 79 24.48 16.13 -4.63
CA ALA B 79 23.06 16.09 -4.29
C ALA B 79 22.62 14.71 -3.80
N TYR B 80 21.56 14.69 -3.00
CA TYR B 80 21.07 13.43 -2.42
C TYR B 80 19.55 13.31 -2.44
N LEU B 81 19.07 12.09 -2.63
CA LEU B 81 17.65 11.77 -2.53
C LEU B 81 17.46 10.62 -1.55
N GLN B 82 16.52 10.76 -0.63
CA GLN B 82 16.32 9.72 0.37
C GLN B 82 14.90 9.15 0.37
N LEU B 83 14.80 7.85 0.14
CA LEU B 83 13.54 7.13 0.27
C LEU B 83 13.54 6.37 1.60
N SER B 84 12.46 6.49 2.37
CA SER B 84 12.34 5.82 3.65
C SER B 84 11.01 5.08 3.77
N GLY B 85 10.94 4.12 4.68
CA GLY B 85 9.75 3.30 4.85
C GLY B 85 9.33 2.68 3.53
N LEU B 86 10.29 2.08 2.84
CA LEU B 86 10.10 1.61 1.47
C LEU B 86 9.01 0.56 1.32
N THR B 87 8.18 0.72 0.30
CA THR B 87 7.18 -0.27 -0.08
C THR B 87 7.50 -0.84 -1.45
N SER B 88 6.76 -1.87 -1.85
CA SER B 88 6.95 -2.50 -3.15
C SER B 88 6.64 -1.52 -4.29
N GLY B 89 5.74 -0.58 -4.02
CA GLY B 89 5.36 0.43 -5.00
C GLY B 89 6.44 1.48 -5.21
N ASP B 90 7.52 1.40 -4.43
CA ASP B 90 8.63 2.33 -4.56
C ASP B 90 9.70 1.78 -5.50
N THR B 91 9.48 0.56 -5.98
CA THR B 91 10.37 -0.03 -6.97
C THR B 91 10.25 0.71 -8.30
N ALA B 92 11.18 1.63 -8.54
CA ALA B 92 11.15 2.45 -9.75
C ALA B 92 12.53 3.02 -10.06
N VAL B 93 12.66 3.62 -11.24
CA VAL B 93 13.89 4.28 -11.63
C VAL B 93 13.85 5.75 -11.25
N TYR B 94 14.86 6.21 -10.52
CA TYR B 94 14.90 7.59 -10.05
C TYR B 94 15.91 8.42 -10.82
N TYR B 95 15.43 9.50 -11.42
CA TYR B 95 16.27 10.40 -12.20
C TYR B 95 16.50 11.73 -11.50
N CYS B 96 17.73 12.23 -11.58
CA CYS B 96 18.05 13.57 -11.12
C CYS B 96 18.19 14.46 -12.35
N ALA B 97 17.96 15.76 -12.19
CA ALA B 97 18.06 16.68 -13.32
C ALA B 97 18.44 18.09 -12.88
N LYS B 98 19.25 18.75 -13.70
CA LYS B 98 19.56 20.15 -13.52
C LYS B 98 18.77 20.99 -14.50
N GLY B 99 18.21 22.10 -14.02
CA GLY B 99 17.33 22.90 -14.86
C GLY B 99 17.43 24.40 -14.69
N SER B 100 16.88 25.12 -15.67
CA SER B 100 16.80 26.56 -15.64
C SER B 100 15.38 26.99 -15.31
N LYS B 101 15.20 28.21 -14.83
CA LYS B 101 13.86 28.69 -14.48
C LYS B 101 13.70 30.20 -14.58
N HIS B 102 12.47 30.66 -14.37
CA HIS B 102 12.16 32.08 -14.35
C HIS B 102 11.66 32.51 -12.98
N ARG B 103 12.24 33.60 -12.47
CA ARG B 103 11.83 34.11 -11.16
C ARG B 103 11.31 35.54 -11.29
N LEU B 104 9.99 35.68 -11.20
CA LEU B 104 9.35 36.97 -11.38
C LEU B 104 8.48 37.32 -10.17
N ARG B 105 8.64 38.54 -9.66
CA ARG B 105 7.89 38.98 -8.49
C ARG B 105 6.40 39.08 -8.81
N ASP B 106 5.60 38.38 -8.01
CA ASP B 106 4.15 38.32 -8.22
C ASP B 106 3.42 39.28 -7.28
N TYR B 107 4.04 39.60 -6.16
CA TYR B 107 3.39 40.47 -5.18
C TYR B 107 4.40 41.31 -4.40
N ALA B 108 3.95 42.47 -3.94
CA ALA B 108 4.81 43.36 -3.16
C ALA B 108 3.97 44.23 -2.22
N LEU B 109 4.51 44.48 -1.03
CA LEU B 109 3.87 45.35 -0.05
C LEU B 109 4.89 46.36 0.45
N TYS B 110 4.50 47.64 0.49
CA TYS B 110 5.45 48.70 0.77
CB TYS B 110 5.43 49.71 -0.38
CG TYS B 110 6.14 49.09 -1.54
CD1 TYS B 110 5.44 48.29 -2.44
CD2 TYS B 110 7.51 49.29 -1.72
CE1 TYS B 110 6.10 47.71 -3.52
CE2 TYS B 110 8.17 48.70 -2.79
CZ TYS B 110 7.46 47.91 -3.69
OH TYS B 110 8.11 47.33 -4.76
S TYS B 110 7.90 47.81 -6.20
O1 TYS B 110 8.64 46.96 -7.10
O2 TYS B 110 6.51 47.75 -6.55
O3 TYS B 110 8.44 49.35 -6.33
C TYS B 110 5.20 49.39 2.07
O TYS B 110 4.06 49.41 2.58
N ASP B 111 6.26 49.97 2.63
CA ASP B 111 6.15 50.84 3.79
C ASP B 111 5.24 52.02 3.48
N ASP B 112 4.82 52.73 4.51
CA ASP B 112 4.06 53.96 4.31
C ASP B 112 4.98 55.09 3.82
N ASP B 113 6.29 54.86 3.89
CA ASP B 113 7.25 55.83 3.39
C ASP B 113 8.07 55.29 2.22
N GLY B 114 7.59 54.20 1.60
CA GLY B 114 8.17 53.73 0.36
C GLY B 114 8.99 52.45 0.39
N ALA B 115 9.49 52.06 1.56
CA ALA B 115 10.32 50.87 1.67
C ALA B 115 9.53 49.60 1.43
N LEU B 116 10.19 48.56 0.91
CA LEU B 116 9.54 47.28 0.65
C LEU B 116 9.38 46.46 1.92
N ASN B 117 8.13 46.32 2.37
CA ASN B 117 7.85 45.52 3.57
C ASN B 117 7.89 44.03 3.28
N TRP B 118 7.13 43.61 2.27
CA TRP B 118 7.00 42.20 1.96
C TRP B 118 6.83 41.97 0.46
N ALA B 119 7.46 40.91 -0.04
CA ALA B 119 7.38 40.57 -1.46
C ALA B 119 7.42 39.07 -1.64
N VAL B 120 6.68 38.56 -2.63
CA VAL B 120 6.70 37.12 -2.90
C VAL B 120 7.15 36.87 -4.33
N ASP B 121 8.00 35.86 -4.50
CA ASP B 121 8.49 35.47 -5.81
C ASP B 121 7.79 34.20 -6.26
N VAL B 122 7.69 34.01 -7.57
CA VAL B 122 7.14 32.77 -8.10
C VAL B 122 8.09 32.18 -9.13
N ASP B 123 8.37 30.89 -8.99
CA ASP B 123 9.28 30.21 -9.90
C ASP B 123 8.52 29.47 -10.99
N TYR B 124 8.93 29.69 -12.24
CA TYR B 124 8.34 29.01 -13.38
C TYR B 124 9.37 28.14 -14.07
N LEU B 125 9.12 26.83 -14.11
CA LEU B 125 10.06 25.89 -14.70
C LEU B 125 10.25 26.18 -16.17
N SER B 126 11.50 26.35 -16.59
CA SER B 126 11.82 26.58 -17.99
C SER B 126 12.11 25.26 -18.69
N ASN B 127 13.07 24.51 -18.14
CA ASN B 127 13.41 23.19 -18.66
C ASN B 127 14.28 22.36 -17.71
N LEU B 128 14.43 21.09 -18.04
CA LEU B 128 15.41 20.22 -17.40
C LEU B 128 16.42 19.79 -18.45
N GLU B 129 17.60 20.40 -18.44
CA GLU B 129 18.53 20.24 -19.54
C GLU B 129 19.53 19.11 -19.35
N PHE B 130 20.01 18.93 -18.12
CA PHE B 130 21.02 17.92 -17.84
C PHE B 130 20.46 16.80 -16.97
N TRP B 131 20.53 15.57 -17.47
CA TRP B 131 19.98 14.42 -16.77
C TRP B 131 21.06 13.44 -16.33
N GLY B 132 20.74 12.65 -15.31
CA GLY B 132 21.64 11.61 -14.85
C GLY B 132 21.32 10.28 -15.49
N GLN B 133 22.27 9.35 -15.43
CA GLN B 133 22.11 8.02 -16.03
C GLN B 133 20.88 7.28 -15.48
N GLY B 134 20.51 7.58 -14.25
CA GLY B 134 19.38 6.94 -13.61
C GLY B 134 19.80 5.91 -12.58
N THR B 135 19.02 5.79 -11.51
CA THR B 135 19.32 4.83 -10.46
C THR B 135 18.10 3.94 -10.20
N ALA B 136 18.29 2.64 -10.35
CA ALA B 136 17.21 1.68 -10.16
C ALA B 136 17.15 1.19 -8.71
N VAL B 137 15.99 1.36 -8.09
CA VAL B 137 15.77 0.88 -6.73
C VAL B 137 14.76 -0.26 -6.73
N THR B 138 15.13 -1.39 -6.16
CA THR B 138 14.27 -2.57 -6.13
C THR B 138 13.85 -2.90 -4.70
N VAL B 139 12.55 -3.00 -4.47
CA VAL B 139 12.03 -3.33 -3.14
C VAL B 139 11.28 -4.66 -3.15
N SER B 140 11.82 -5.63 -2.42
CA SER B 140 11.21 -6.96 -2.33
C SER B 140 11.64 -7.67 -1.05
N SER B 141 10.81 -8.60 -0.60
CA SER B 141 11.12 -9.40 0.58
C SER B 141 12.02 -10.57 0.21
N ALA B 142 12.21 -10.78 -1.08
CA ALA B 142 12.97 -11.92 -1.58
C ALA B 142 14.45 -11.82 -1.20
N SER B 143 15.14 -12.96 -1.25
CA SER B 143 16.58 -12.99 -1.01
C SER B 143 17.33 -13.36 -2.29
N THR B 144 18.64 -13.19 -2.28
CA THR B 144 19.47 -13.48 -3.45
C THR B 144 19.40 -14.97 -3.81
N LYS B 145 18.94 -15.25 -5.02
CA LYS B 145 18.83 -16.63 -5.49
C LYS B 145 19.41 -16.77 -6.90
N GLY B 146 20.29 -17.74 -7.07
CA GLY B 146 20.90 -18.01 -8.37
C GLY B 146 19.86 -18.51 -9.36
N PRO B 147 20.04 -18.15 -10.64
CA PRO B 147 19.09 -18.50 -11.71
C PRO B 147 19.24 -19.94 -12.20
N SER B 148 18.11 -20.63 -12.33
CA SER B 148 18.08 -21.95 -12.94
C SER B 148 17.98 -21.79 -14.45
N VAL B 149 18.89 -22.43 -15.18
CA VAL B 149 18.91 -22.28 -16.63
C VAL B 149 18.47 -23.56 -17.33
N PHE B 150 17.40 -23.49 -18.10
CA PHE B 150 16.89 -24.64 -18.83
C PHE B 150 16.92 -24.39 -20.34
N PRO B 151 17.16 -25.44 -21.14
CA PRO B 151 17.31 -25.30 -22.59
C PRO B 151 15.97 -25.32 -23.34
N LEU B 152 15.82 -24.39 -24.29
CA LEU B 152 14.70 -24.43 -25.22
C LEU B 152 15.13 -25.19 -26.46
N ALA B 153 14.88 -26.49 -26.47
CA ALA B 153 15.38 -27.37 -27.52
C ALA B 153 14.74 -27.10 -28.87
N PRO B 154 15.55 -27.10 -29.94
CA PRO B 154 15.03 -27.02 -31.31
C PRO B 154 14.50 -28.39 -31.74
N SER B 155 13.37 -28.39 -32.44
CA SER B 155 12.75 -29.64 -32.85
C SER B 155 12.06 -29.51 -34.19
N SER B 156 11.13 -30.41 -34.45
CA SER B 156 10.30 -30.35 -35.63
C SER B 156 9.29 -29.22 -35.49
N LYS B 157 8.83 -29.01 -34.27
CA LYS B 157 7.80 -28.02 -33.97
C LYS B 157 8.34 -26.59 -33.93
N SER B 158 9.64 -26.45 -33.64
CA SER B 158 10.26 -25.13 -33.59
C SER B 158 11.08 -24.86 -34.85
N THR B 159 10.56 -25.29 -35.99
CA THR B 159 11.25 -25.08 -37.26
C THR B 159 10.29 -24.60 -38.34
N SER B 160 10.65 -23.50 -38.99
CA SER B 160 9.86 -22.98 -40.10
C SER B 160 10.73 -22.79 -41.33
N GLY B 161 10.37 -23.47 -42.42
CA GLY B 161 11.15 -23.42 -43.64
C GLY B 161 12.51 -24.06 -43.47
N GLY B 162 13.57 -23.27 -43.62
CA GLY B 162 14.92 -23.75 -43.44
C GLY B 162 15.59 -23.15 -42.21
N THR B 163 14.79 -22.54 -41.34
CA THR B 163 15.31 -21.88 -40.15
C THR B 163 14.66 -22.44 -38.88
N ALA B 164 15.48 -22.72 -37.86
CA ALA B 164 14.99 -23.19 -36.58
C ALA B 164 15.36 -22.21 -35.47
N ALA B 165 14.77 -22.40 -34.30
CA ALA B 165 15.02 -21.49 -33.18
C ALA B 165 15.23 -22.26 -31.88
N LEU B 166 16.24 -21.83 -31.11
CA LEU B 166 16.49 -22.41 -29.80
C LEU B 166 16.74 -21.30 -28.79
N GLY B 167 17.13 -21.67 -27.57
CA GLY B 167 17.44 -20.68 -26.56
C GLY B 167 17.55 -21.20 -25.15
N CYS B 168 17.98 -20.32 -24.25
CA CYS B 168 18.04 -20.65 -22.83
C CYS B 168 16.84 -20.04 -22.13
N LEU B 169 16.35 -20.72 -21.09
CA LEU B 169 15.31 -20.17 -20.24
C LEU B 169 15.86 -19.96 -18.83
N VAL B 170 16.07 -18.70 -18.48
CA VAL B 170 16.58 -18.34 -17.16
C VAL B 170 15.42 -18.15 -16.20
N LYS B 171 15.35 -18.98 -15.16
CA LYS B 171 14.17 -19.01 -14.31
C LYS B 171 14.45 -18.86 -12.83
N ASP B 172 13.61 -18.07 -12.15
CA ASP B 172 13.57 -18.01 -10.69
C ASP B 172 14.87 -17.49 -10.05
N TYR B 173 15.21 -16.23 -10.32
CA TYR B 173 16.38 -15.62 -9.70
C TYR B 173 16.09 -14.30 -9.01
N PHE B 174 17.05 -13.81 -8.23
CA PHE B 174 16.93 -12.53 -7.56
C PHE B 174 18.30 -11.98 -7.19
N PRO B 175 18.53 -10.68 -7.48
CA PRO B 175 17.61 -9.84 -8.25
C PRO B 175 18.10 -9.63 -9.68
N GLU B 176 17.58 -8.60 -10.34
CA GLU B 176 18.11 -8.17 -11.62
C GLU B 176 19.46 -7.50 -11.37
N PRO B 177 20.34 -7.44 -12.39
CA PRO B 177 20.19 -7.91 -13.77
C PRO B 177 20.86 -9.25 -14.08
N VAL B 178 20.39 -9.90 -15.13
CA VAL B 178 21.05 -11.07 -15.68
C VAL B 178 21.47 -10.80 -17.12
N THR B 179 22.73 -11.05 -17.43
CA THR B 179 23.23 -10.84 -18.79
C THR B 179 23.46 -12.19 -19.48
N VAL B 180 22.86 -12.35 -20.65
CA VAL B 180 22.96 -13.60 -21.40
C VAL B 180 23.76 -13.40 -22.68
N SER B 181 24.66 -14.34 -22.96
CA SER B 181 25.47 -14.33 -24.18
C SER B 181 25.37 -15.66 -24.90
N TRP B 182 25.74 -15.67 -26.18
CA TRP B 182 25.74 -16.89 -26.98
C TRP B 182 27.11 -17.15 -27.60
N ASN B 183 27.67 -18.33 -27.30
CA ASN B 183 28.99 -18.72 -27.78
C ASN B 183 30.07 -17.69 -27.44
N SER B 184 29.97 -17.13 -26.23
CA SER B 184 30.92 -16.12 -25.74
C SER B 184 31.04 -14.90 -26.65
N GLY B 185 29.91 -14.47 -27.20
CA GLY B 185 29.87 -13.27 -28.01
C GLY B 185 30.13 -13.51 -29.49
N ALA B 186 30.49 -14.73 -29.84
CA ALA B 186 30.74 -15.08 -31.24
C ALA B 186 29.45 -15.11 -32.03
N LEU B 187 28.37 -15.56 -31.39
CA LEU B 187 27.05 -15.62 -32.02
C LEU B 187 26.25 -14.36 -31.70
N THR B 188 26.13 -13.48 -32.69
CA THR B 188 25.47 -12.19 -32.50
C THR B 188 24.20 -12.05 -33.33
N SER B 189 24.24 -12.52 -34.57
CA SER B 189 23.12 -12.37 -35.49
C SER B 189 21.93 -13.25 -35.14
N GLY B 190 20.75 -12.63 -35.06
CA GLY B 190 19.52 -13.35 -34.82
C GLY B 190 19.17 -13.57 -33.37
N VAL B 191 20.00 -13.04 -32.47
CA VAL B 191 19.81 -13.23 -31.04
C VAL B 191 18.76 -12.28 -30.47
N HIS B 192 17.83 -12.83 -29.68
CA HIS B 192 16.79 -12.04 -29.05
C HIS B 192 16.69 -12.32 -27.56
N THR B 193 17.17 -11.37 -26.75
CA THR B 193 17.05 -11.48 -25.30
C THR B 193 15.93 -10.57 -24.80
N PHE B 194 14.90 -11.19 -24.24
CA PHE B 194 13.72 -10.47 -23.77
C PHE B 194 13.96 -9.93 -22.36
N PRO B 195 13.15 -8.94 -21.93
CA PRO B 195 13.30 -8.48 -20.54
C PRO B 195 12.75 -9.50 -19.56
N ALA B 196 13.27 -9.51 -18.34
CA ALA B 196 12.82 -10.44 -17.32
C ALA B 196 11.40 -10.09 -16.87
N VAL B 197 10.59 -11.11 -16.60
CA VAL B 197 9.25 -10.90 -16.08
C VAL B 197 9.21 -11.23 -14.59
N LEU B 198 8.52 -10.39 -13.82
CA LEU B 198 8.41 -10.62 -12.38
C LEU B 198 7.30 -11.62 -12.09
N GLN B 199 7.69 -12.81 -11.62
CA GLN B 199 6.72 -13.87 -11.37
C GLN B 199 5.95 -13.67 -10.09
N SER B 200 5.03 -14.59 -9.82
CA SER B 200 4.21 -14.56 -8.60
C SER B 200 5.05 -14.77 -7.36
N SER B 201 6.14 -15.52 -7.49
CA SER B 201 7.00 -15.86 -6.36
C SER B 201 7.81 -14.67 -5.85
N GLY B 202 8.15 -13.76 -6.76
CA GLY B 202 9.01 -12.64 -6.43
C GLY B 202 10.37 -12.82 -7.07
N LEU B 203 10.51 -13.92 -7.80
CA LEU B 203 11.72 -14.20 -8.55
C LEU B 203 11.52 -13.90 -10.02
N TYR B 204 12.59 -13.49 -10.71
CA TYR B 204 12.49 -13.15 -12.11
C TYR B 204 12.71 -14.35 -13.02
N SER B 205 12.13 -14.28 -14.22
CA SER B 205 12.34 -15.30 -15.24
C SER B 205 12.64 -14.65 -16.57
N LEU B 206 13.58 -15.23 -17.32
CA LEU B 206 14.06 -14.61 -18.54
C LEU B 206 14.28 -15.63 -19.66
N SER B 207 13.98 -15.23 -20.89
CA SER B 207 14.16 -16.09 -22.05
C SER B 207 15.03 -15.43 -23.11
N SER B 208 16.09 -16.11 -23.50
CA SER B 208 16.97 -15.63 -24.57
C SER B 208 16.94 -16.61 -25.74
N VAL B 209 16.55 -16.14 -26.92
CA VAL B 209 16.44 -17.00 -28.08
C VAL B 209 17.25 -16.48 -29.28
N VAL B 210 17.57 -17.39 -30.20
CA VAL B 210 18.26 -17.03 -31.43
C VAL B 210 17.83 -17.99 -32.55
N THR B 211 17.50 -17.42 -33.71
CA THR B 211 17.04 -18.23 -34.83
C THR B 211 18.21 -18.63 -35.73
N VAL B 212 18.31 -19.93 -35.99
CA VAL B 212 19.41 -20.46 -36.79
C VAL B 212 18.91 -21.44 -37.85
N PRO B 213 19.61 -21.50 -38.99
CA PRO B 213 19.26 -22.46 -40.05
C PRO B 213 19.40 -23.90 -39.56
N SER B 214 18.50 -24.78 -39.97
CA SER B 214 18.51 -26.18 -39.54
C SER B 214 19.71 -26.92 -40.11
N SER B 215 20.40 -26.30 -41.06
CA SER B 215 21.59 -26.87 -41.66
C SER B 215 22.74 -26.91 -40.65
N SER B 216 22.59 -26.12 -39.58
CA SER B 216 23.66 -25.94 -38.62
C SER B 216 23.48 -26.77 -37.35
N LEU B 217 22.28 -27.31 -37.15
CA LEU B 217 21.94 -28.01 -35.91
C LEU B 217 22.90 -29.16 -35.60
N GLY B 218 23.33 -29.88 -36.63
CA GLY B 218 24.33 -30.91 -36.47
C GLY B 218 25.72 -30.33 -36.62
N THR B 219 25.84 -29.34 -37.50
CA THR B 219 27.11 -28.69 -37.77
C THR B 219 27.65 -27.88 -36.58
N GLN B 220 26.83 -26.99 -36.04
CA GLN B 220 27.31 -26.02 -35.05
C GLN B 220 26.84 -26.30 -33.62
N THR B 221 27.62 -25.76 -32.67
CA THR B 221 27.34 -25.89 -31.25
C THR B 221 26.81 -24.57 -30.69
N TYR B 222 25.69 -24.64 -29.97
CA TYR B 222 25.07 -23.42 -29.44
C TYR B 222 25.04 -23.43 -27.91
N ILE B 223 25.96 -22.67 -27.31
CA ILE B 223 26.06 -22.57 -25.86
C ILE B 223 25.72 -21.17 -25.37
N CYS B 224 24.78 -21.10 -24.43
CA CYS B 224 24.39 -19.84 -23.83
C CYS B 224 25.20 -19.57 -22.56
N ASN B 225 25.70 -18.35 -22.39
CA ASN B 225 26.35 -18.01 -21.14
C ASN B 225 25.43 -17.12 -20.30
N VAL B 226 25.07 -17.58 -19.12
CA VAL B 226 24.20 -16.81 -18.24
C VAL B 226 24.96 -16.33 -17.01
N ASN B 227 25.18 -15.03 -16.92
CA ASN B 227 25.90 -14.46 -15.78
C ASN B 227 24.94 -13.74 -14.84
N HIS B 228 25.09 -14.02 -13.56
CA HIS B 228 24.31 -13.40 -12.50
C HIS B 228 25.21 -12.96 -11.35
N LYS B 229 25.67 -11.71 -11.40
CA LYS B 229 26.57 -11.15 -10.39
C LYS B 229 26.12 -11.34 -8.93
N PRO B 230 24.86 -10.99 -8.58
CA PRO B 230 24.47 -11.05 -7.17
C PRO B 230 24.67 -12.40 -6.50
N SER B 231 24.50 -13.49 -7.25
CA SER B 231 24.73 -14.82 -6.68
C SER B 231 26.12 -15.33 -7.02
N ASN B 232 26.93 -14.48 -7.65
CA ASN B 232 28.30 -14.82 -8.03
C ASN B 232 28.34 -16.06 -8.94
N THR B 233 27.38 -16.15 -9.84
CA THR B 233 27.24 -17.32 -10.70
C THR B 233 27.30 -16.99 -12.19
N LYS B 234 28.21 -17.64 -12.90
CA LYS B 234 28.19 -17.64 -14.36
C LYS B 234 27.90 -19.05 -14.85
N VAL B 235 26.91 -19.18 -15.72
CA VAL B 235 26.45 -20.50 -16.14
C VAL B 235 26.61 -20.72 -17.64
N ASP B 236 27.21 -21.83 -18.01
CA ASP B 236 27.32 -22.22 -19.41
C ASP B 236 26.45 -23.46 -19.69
N LYS B 237 25.51 -23.30 -20.62
CA LYS B 237 24.56 -24.36 -20.94
C LYS B 237 24.51 -24.61 -22.44
N LYS B 238 24.69 -25.87 -22.84
CA LYS B 238 24.62 -26.20 -24.25
C LYS B 238 23.23 -26.65 -24.68
N VAL B 239 22.70 -25.96 -25.69
CA VAL B 239 21.38 -26.30 -26.22
C VAL B 239 21.51 -27.25 -27.40
N GLU B 240 21.01 -28.47 -27.23
CA GLU B 240 21.03 -29.47 -28.31
C GLU B 240 19.62 -29.76 -28.81
N PRO B 241 19.51 -30.21 -30.07
CA PRO B 241 18.21 -30.69 -30.57
C PRO B 241 17.96 -32.12 -30.13
N LYS B 242 17.06 -32.30 -29.16
CA LYS B 242 16.70 -33.63 -28.69
C LYS B 242 15.28 -33.97 -29.11
N SER B 243 15.15 -35.00 -29.95
CA SER B 243 13.86 -35.35 -30.56
C SER B 243 13.42 -36.75 -30.15
N VAL C 3 -31.46 52.26 -1.60
CA VAL C 3 -30.45 51.21 -1.59
C VAL C 3 -30.13 50.82 -3.04
N LEU C 4 -29.20 49.90 -3.26
CA LEU C 4 -28.86 49.45 -4.61
C LEU C 4 -29.61 48.18 -4.96
N THR C 5 -29.93 47.99 -6.23
CA THR C 5 -30.48 46.73 -6.70
C THR C 5 -29.51 46.08 -7.67
N GLN C 6 -29.02 44.90 -7.33
CA GLN C 6 -28.05 44.23 -8.18
C GLN C 6 -28.67 43.05 -8.93
N SER C 7 -28.49 43.03 -10.24
CA SER C 7 -29.07 41.99 -11.07
C SER C 7 -28.13 41.65 -12.24
N PRO C 8 -28.17 40.40 -12.72
CA PRO C 8 -29.02 39.29 -12.26
C PRO C 8 -28.55 38.69 -10.94
N HIS C 9 -29.44 37.97 -10.26
CA HIS C 9 -29.07 37.28 -9.03
C HIS C 9 -28.13 36.12 -9.31
N SER C 10 -28.33 35.49 -10.47
CA SER C 10 -27.48 34.37 -10.88
C SER C 10 -27.12 34.50 -12.35
N LEU C 11 -25.94 33.97 -12.72
CA LEU C 11 -25.45 34.08 -14.09
C LEU C 11 -24.54 32.90 -14.42
N SER C 12 -24.73 32.34 -15.62
CA SER C 12 -23.87 31.27 -16.12
C SER C 12 -23.23 31.69 -17.44
N VAL C 13 -21.91 31.61 -17.52
CA VAL C 13 -21.18 32.07 -18.69
C VAL C 13 -20.33 30.97 -19.34
N THR C 14 -20.45 30.86 -20.65
CA THR C 14 -19.62 29.96 -21.44
C THR C 14 -18.21 30.52 -21.51
N PRO C 15 -17.17 29.67 -21.35
CA PRO C 15 -15.78 30.13 -21.42
C PRO C 15 -15.46 30.94 -22.67
N GLY C 16 -14.86 32.11 -22.49
CA GLY C 16 -14.54 32.98 -23.62
C GLY C 16 -15.61 34.04 -23.84
N GLU C 17 -16.82 33.78 -23.35
CA GLU C 17 -17.92 34.72 -23.53
C GLU C 17 -17.84 35.85 -22.52
N SER C 18 -18.87 36.70 -22.51
CA SER C 18 -18.90 37.84 -21.61
C SER C 18 -20.07 37.76 -20.62
N ALA C 19 -19.85 38.32 -19.43
CA ALA C 19 -20.90 38.42 -18.44
C ALA C 19 -21.07 39.88 -18.05
N SER C 20 -22.32 40.34 -17.94
CA SER C 20 -22.58 41.73 -17.57
C SER C 20 -23.48 41.80 -16.35
N ILE C 21 -23.01 42.47 -15.30
CA ILE C 21 -23.77 42.64 -14.08
C ILE C 21 -24.14 44.10 -13.90
N SER C 22 -25.31 44.36 -13.33
CA SER C 22 -25.80 45.73 -13.21
C SER C 22 -26.06 46.13 -11.76
N CYS C 23 -25.74 47.36 -11.43
CA CYS C 23 -26.03 47.92 -10.11
C CYS C 23 -26.80 49.22 -10.28
N LYS C 24 -28.01 49.27 -9.73
CA LYS C 24 -28.88 50.42 -9.90
C LYS C 24 -29.15 51.12 -8.58
N SER C 25 -29.03 52.44 -8.59
CA SER C 25 -29.09 53.24 -7.37
C SER C 25 -30.37 54.04 -7.24
N SER C 26 -30.87 54.14 -6.00
CA SER C 26 -32.02 54.97 -5.70
C SER C 26 -31.70 56.44 -5.92
N HIS C 27 -30.60 56.88 -5.35
CA HIS C 27 -30.12 58.25 -5.55
C HIS C 27 -28.78 58.23 -6.26
N SER C 28 -28.38 59.38 -6.80
CA SER C 28 -27.13 59.48 -7.53
C SER C 28 -25.93 59.13 -6.66
N LEU C 29 -25.00 58.34 -7.21
CA LEU C 29 -23.77 58.00 -6.51
C LEU C 29 -22.67 58.96 -6.91
N ILE C 30 -23.08 60.09 -7.46
CA ILE C 30 -22.16 61.15 -7.86
C ILE C 30 -21.95 62.18 -6.75
N HIS C 31 -20.69 62.58 -6.59
CA HIS C 31 -20.27 63.75 -5.83
C HIS C 31 -19.55 64.66 -6.82
N GLY C 32 -19.35 65.93 -6.47
CA GLY C 32 -18.75 66.94 -7.32
C GLY C 32 -17.82 66.47 -8.43
N ASP C 33 -18.11 66.91 -9.66
CA ASP C 33 -17.31 66.62 -10.85
C ASP C 33 -17.34 65.13 -11.27
N ARG C 34 -18.52 64.53 -11.26
CA ARG C 34 -18.78 63.19 -11.79
C ARG C 34 -17.89 62.08 -11.22
N ASN C 35 -17.55 62.17 -9.94
CA ASN C 35 -16.86 61.08 -9.26
C ASN C 35 -17.86 60.09 -8.67
N ASN C 36 -18.17 59.05 -9.45
CA ASN C 36 -19.13 58.04 -9.03
C ASN C 36 -18.54 57.08 -8.01
N TYR C 37 -19.03 57.13 -6.78
CA TYR C 37 -18.50 56.29 -5.71
C TYR C 37 -19.19 54.93 -5.65
N LEU C 38 -18.98 54.14 -6.70
CA LEU C 38 -19.40 52.75 -6.73
C LEU C 38 -18.22 51.86 -7.09
N ALA C 39 -18.08 50.76 -6.35
CA ALA C 39 -16.99 49.82 -6.60
C ALA C 39 -17.53 48.41 -6.86
N TRP C 40 -16.68 47.55 -7.42
CA TRP C 40 -17.05 46.17 -7.67
C TRP C 40 -16.11 45.21 -6.94
N TYR C 41 -16.69 44.18 -6.31
CA TYR C 41 -15.90 43.21 -5.58
C TYR C 41 -16.29 41.79 -5.97
N VAL C 42 -15.35 40.86 -5.82
CA VAL C 42 -15.62 39.45 -6.11
C VAL C 42 -15.15 38.58 -4.96
N GLN C 43 -15.99 37.63 -4.56
CA GLN C 43 -15.61 36.67 -3.52
C GLN C 43 -15.67 35.25 -4.06
N LYS C 44 -14.51 34.76 -4.48
CA LYS C 44 -14.36 33.40 -4.97
C LYS C 44 -14.58 32.40 -3.84
N PRO C 45 -14.97 31.15 -4.18
CA PRO C 45 -15.28 30.15 -3.15
C PRO C 45 -14.10 29.84 -2.24
N GLY C 46 -14.28 30.07 -0.94
CA GLY C 46 -13.26 29.78 0.05
C GLY C 46 -12.24 30.90 0.21
N ARG C 47 -12.33 31.91 -0.65
CA ARG C 47 -11.40 33.03 -0.61
C ARG C 47 -12.04 34.30 -0.05
N SER C 48 -11.19 35.25 0.33
CA SER C 48 -11.65 36.55 0.80
C SER C 48 -12.24 37.37 -0.35
N PRO C 49 -13.07 38.37 -0.02
CA PRO C 49 -13.53 39.33 -1.03
C PRO C 49 -12.36 40.01 -1.72
N GLN C 50 -12.57 40.50 -2.94
CA GLN C 50 -11.48 40.98 -3.76
C GLN C 50 -11.89 42.18 -4.62
N LEU C 51 -11.15 43.27 -4.49
CA LEU C 51 -11.44 44.49 -5.25
C LEU C 51 -11.10 44.31 -6.73
N LEU C 52 -12.01 44.76 -7.58
CA LEU C 52 -11.80 44.70 -9.03
C LEU C 52 -11.85 46.10 -9.64
N ILE C 53 -12.99 46.75 -9.48
CA ILE C 53 -13.22 48.09 -10.02
C ILE C 53 -13.64 49.05 -8.91
N TYR C 54 -13.10 50.26 -8.93
CA TYR C 54 -13.55 51.30 -8.01
C TYR C 54 -13.83 52.59 -8.78
N LEU C 55 -14.58 53.50 -8.16
CA LEU C 55 -14.96 54.76 -8.80
C LEU C 55 -15.57 54.54 -10.19
N ALA C 56 -16.41 53.51 -10.29
CA ALA C 56 -17.11 53.13 -11.51
C ALA C 56 -16.19 52.64 -12.64
N SER C 57 -15.11 53.36 -12.92
CA SER C 57 -14.31 53.06 -14.11
C SER C 57 -12.84 52.73 -13.83
N SER C 58 -12.43 52.82 -12.56
CA SER C 58 -11.02 52.60 -12.23
C SER C 58 -10.72 51.14 -11.93
N ARG C 59 -9.60 50.65 -12.44
CA ARG C 59 -9.20 49.27 -12.23
C ARG C 59 -8.18 49.15 -11.10
N ALA C 60 -8.44 48.27 -10.15
CA ALA C 60 -7.52 48.04 -9.04
C ALA C 60 -6.21 47.45 -9.55
N SER C 61 -5.17 47.56 -8.73
CA SER C 61 -3.85 47.08 -9.12
C SER C 61 -3.83 45.56 -9.27
N GLY C 62 -3.31 45.09 -10.40
CA GLY C 62 -3.23 43.66 -10.66
C GLY C 62 -4.54 43.06 -11.12
N VAL C 63 -5.38 43.86 -11.76
CA VAL C 63 -6.65 43.39 -12.28
C VAL C 63 -6.67 43.50 -13.80
N PRO C 64 -6.88 42.35 -14.48
CA PRO C 64 -6.85 42.24 -15.94
C PRO C 64 -7.76 43.22 -16.67
N ASP C 65 -7.41 43.56 -17.89
CA ASP C 65 -8.13 44.55 -18.69
C ASP C 65 -9.53 44.07 -19.10
N ARG C 66 -9.74 42.76 -19.10
CA ARG C 66 -11.02 42.19 -19.50
C ARG C 66 -12.12 42.48 -18.49
N PHE C 67 -11.74 42.94 -17.31
CA PHE C 67 -12.70 43.49 -16.36
C PHE C 67 -12.85 44.99 -16.61
N SER C 68 -14.06 45.44 -16.93
CA SER C 68 -14.27 46.86 -17.20
C SER C 68 -15.57 47.36 -16.59
N GLY C 69 -15.48 48.49 -15.88
CA GLY C 69 -16.63 49.11 -15.27
C GLY C 69 -17.09 50.34 -16.04
N SER C 70 -18.41 50.48 -16.17
CA SER C 70 -18.98 51.61 -16.88
C SER C 70 -20.30 52.03 -16.23
N GLY C 71 -20.84 53.15 -16.69
CA GLY C 71 -22.08 53.67 -16.15
C GLY C 71 -21.86 54.93 -15.35
N SER C 72 -22.96 55.60 -15.01
CA SER C 72 -22.93 56.83 -14.24
C SER C 72 -24.25 57.07 -13.55
N ASP C 73 -24.30 58.10 -12.72
CA ASP C 73 -25.51 58.49 -12.00
C ASP C 73 -26.05 57.34 -11.16
N LYS C 74 -27.19 56.81 -11.58
CA LYS C 74 -27.91 55.78 -10.82
C LYS C 74 -27.75 54.40 -11.44
N ASP C 75 -27.11 54.34 -12.60
CA ASP C 75 -26.92 53.08 -13.31
C ASP C 75 -25.44 52.76 -13.54
N PHE C 76 -25.04 51.55 -13.17
CA PHE C 76 -23.67 51.10 -13.37
C PHE C 76 -23.64 49.67 -13.90
N THR C 77 -22.58 49.33 -14.62
CA THR C 77 -22.49 48.01 -15.23
C THR C 77 -21.06 47.44 -15.14
N LEU C 78 -20.97 46.14 -14.93
CA LEU C 78 -19.69 45.44 -14.90
C LEU C 78 -19.61 44.41 -16.01
N LYS C 79 -18.85 44.71 -17.05
CA LYS C 79 -18.70 43.76 -18.16
C LYS C 79 -17.40 42.97 -18.04
N ILE C 80 -17.54 41.70 -17.70
CA ILE C 80 -16.41 40.78 -17.68
C ILE C 80 -16.34 40.03 -19.00
N SER C 81 -15.31 40.31 -19.78
CA SER C 81 -15.14 39.66 -21.08
C SER C 81 -14.13 38.51 -21.01
N ARG C 82 -14.28 37.54 -21.91
CA ARG C 82 -13.42 36.36 -21.98
C ARG C 82 -13.39 35.64 -20.63
N VAL C 83 -14.57 35.26 -20.16
CA VAL C 83 -14.74 34.59 -18.88
C VAL C 83 -14.00 33.26 -18.86
N GLU C 84 -13.29 32.99 -17.76
CA GLU C 84 -12.58 31.73 -17.60
C GLU C 84 -12.97 31.02 -16.30
N THR C 85 -12.42 29.82 -16.12
CA THR C 85 -12.78 28.94 -15.02
C THR C 85 -12.52 29.55 -13.64
N GLU C 86 -11.54 30.44 -13.54
CA GLU C 86 -11.20 31.04 -12.25
C GLU C 86 -12.00 32.30 -11.94
N ASP C 87 -12.93 32.65 -12.82
CA ASP C 87 -13.75 33.84 -12.59
C ASP C 87 -15.00 33.51 -11.78
N VAL C 88 -15.18 32.23 -11.45
CA VAL C 88 -16.36 31.79 -10.73
C VAL C 88 -16.37 32.29 -9.29
N GLY C 89 -17.50 32.86 -8.88
CA GLY C 89 -17.66 33.39 -7.54
C GLY C 89 -18.91 34.24 -7.43
N THR C 90 -18.96 35.08 -6.40
CA THR C 90 -20.07 36.00 -6.23
C THR C 90 -19.59 37.44 -6.33
N TYR C 91 -20.24 38.24 -7.15
CA TYR C 91 -19.79 39.60 -7.41
C TYR C 91 -20.70 40.63 -6.74
N TYR C 92 -20.08 41.58 -6.05
CA TYR C 92 -20.84 42.60 -5.32
C TYR C 92 -20.51 44.02 -5.81
N CYS C 93 -21.55 44.85 -5.89
CA CYS C 93 -21.36 46.28 -6.11
C CYS C 93 -21.50 46.99 -4.78
N MET C 94 -20.67 48.01 -4.55
CA MET C 94 -20.72 48.75 -3.31
C MET C 94 -20.77 50.25 -3.56
N GLN C 95 -21.61 50.94 -2.80
CA GLN C 95 -21.70 52.40 -2.91
C GLN C 95 -21.07 53.07 -1.69
N GLY C 96 -20.41 54.20 -1.93
CA GLY C 96 -19.78 54.93 -0.85
C GLY C 96 -20.29 56.36 -0.78
N ARG C 97 -21.36 56.61 -1.53
CA ARG C 97 -21.93 57.94 -1.64
C ARG C 97 -22.71 58.33 -0.39
N GLU C 98 -23.53 57.40 0.11
CA GLU C 98 -24.40 57.69 1.25
C GLU C 98 -24.20 56.76 2.43
N SER C 99 -24.10 57.35 3.62
CA SER C 99 -24.03 56.59 4.86
C SER C 99 -25.44 56.13 5.24
N PRO C 100 -25.58 54.84 5.62
CA PRO C 100 -24.49 53.86 5.73
C PRO C 100 -24.10 53.26 4.38
N TRP C 101 -22.79 53.15 4.13
CA TRP C 101 -22.28 52.56 2.89
C TRP C 101 -22.76 51.11 2.76
N THR C 102 -23.29 50.77 1.59
CA THR C 102 -23.98 49.49 1.43
C THR C 102 -23.48 48.63 0.28
N PHE C 103 -23.64 47.32 0.42
CA PHE C 103 -23.29 46.37 -0.63
C PHE C 103 -24.51 46.02 -1.48
N GLY C 104 -24.27 45.53 -2.69
CA GLY C 104 -25.34 45.03 -3.53
C GLY C 104 -25.81 43.68 -3.03
N GLN C 105 -26.83 43.13 -3.69
CA GLN C 105 -27.39 41.84 -3.26
C GLN C 105 -26.43 40.70 -3.59
N GLY C 106 -25.68 40.86 -4.68
CA GLY C 106 -24.72 39.86 -5.10
C GLY C 106 -25.15 39.17 -6.39
N THR C 107 -24.19 38.58 -7.08
CA THR C 107 -24.46 37.87 -8.33
C THR C 107 -23.55 36.64 -8.45
N LYS C 108 -24.15 35.47 -8.31
CA LYS C 108 -23.41 34.22 -8.44
C LYS C 108 -23.08 33.96 -9.91
N VAL C 109 -21.79 33.99 -10.23
CA VAL C 109 -21.35 33.76 -11.61
C VAL C 109 -20.91 32.32 -11.80
N ASP C 110 -21.37 31.72 -12.88
CA ASP C 110 -21.18 30.29 -13.10
C ASP C 110 -20.57 30.03 -14.47
N ILE C 111 -19.81 28.94 -14.59
CA ILE C 111 -19.27 28.56 -15.89
C ILE C 111 -20.28 27.71 -16.64
N LYS C 112 -20.73 28.20 -17.79
CA LYS C 112 -21.75 27.50 -18.54
C LYS C 112 -21.19 26.22 -19.16
N ARG C 113 -21.75 25.10 -18.76
CA ARG C 113 -21.32 23.78 -19.23
C ARG C 113 -22.40 23.20 -20.14
N THR C 114 -22.02 22.19 -20.92
CA THR C 114 -23.03 21.40 -21.62
C THR C 114 -23.83 20.67 -20.54
N VAL C 115 -25.13 20.49 -20.78
CA VAL C 115 -26.00 19.89 -19.76
C VAL C 115 -25.54 18.48 -19.39
N ALA C 116 -25.34 18.26 -18.09
CA ALA C 116 -24.86 16.98 -17.60
C ALA C 116 -25.88 16.32 -16.67
N ALA C 117 -26.33 15.13 -17.03
CA ALA C 117 -27.28 14.39 -16.21
C ALA C 117 -26.61 13.86 -14.95
N PRO C 118 -27.33 13.84 -13.83
CA PRO C 118 -26.78 13.36 -12.56
C PRO C 118 -26.83 11.84 -12.41
N SER C 119 -25.71 11.24 -12.02
CA SER C 119 -25.70 9.84 -11.65
C SER C 119 -26.31 9.71 -10.26
N VAL C 120 -27.45 9.02 -10.17
CA VAL C 120 -28.18 8.93 -8.91
C VAL C 120 -27.81 7.69 -8.11
N PHE C 121 -27.41 7.90 -6.85
CA PHE C 121 -27.06 6.79 -5.97
C PHE C 121 -27.83 6.88 -4.66
N ILE C 122 -28.37 5.75 -4.21
CA ILE C 122 -29.10 5.71 -2.95
C ILE C 122 -28.42 4.77 -1.97
N PHE C 123 -28.46 5.13 -0.68
CA PHE C 123 -27.83 4.34 0.36
C PHE C 123 -28.78 4.12 1.53
N PRO C 124 -29.08 2.85 1.83
CA PRO C 124 -29.89 2.50 3.00
C PRO C 124 -29.12 2.78 4.29
N PRO C 125 -29.84 2.95 5.41
CA PRO C 125 -29.17 3.18 6.70
C PRO C 125 -28.26 2.01 7.08
N SER C 126 -27.15 2.30 7.75
CA SER C 126 -26.24 1.26 8.17
C SER C 126 -26.84 0.44 9.31
N ASP C 127 -26.32 -0.76 9.51
CA ASP C 127 -26.75 -1.61 10.62
C ASP C 127 -26.29 -1.00 11.94
N GLU C 128 -25.18 -0.25 11.88
CA GLU C 128 -24.62 0.39 13.06
C GLU C 128 -25.49 1.54 13.57
N GLN C 129 -26.02 2.34 12.65
CA GLN C 129 -26.84 3.48 13.02
C GLN C 129 -28.17 3.04 13.63
N LEU C 130 -28.76 1.98 13.08
CA LEU C 130 -30.04 1.47 13.55
C LEU C 130 -29.97 0.99 15.00
N LYS C 131 -28.75 0.69 15.46
CA LYS C 131 -28.54 0.31 16.85
C LYS C 131 -28.74 1.49 17.80
N SER C 132 -28.78 2.70 17.24
CA SER C 132 -28.97 3.91 18.03
C SER C 132 -30.40 4.45 17.92
N GLY C 133 -31.26 3.69 17.26
CA GLY C 133 -32.67 4.03 17.19
C GLY C 133 -33.04 5.11 16.20
N THR C 134 -32.19 5.32 15.19
CA THR C 134 -32.45 6.31 14.15
C THR C 134 -32.00 5.75 12.81
N ALA C 135 -32.59 6.25 11.72
CA ALA C 135 -32.24 5.80 10.37
C ALA C 135 -32.00 6.97 9.43
N SER C 136 -30.82 7.01 8.82
CA SER C 136 -30.51 8.04 7.83
C SER C 136 -30.37 7.44 6.44
N VAL C 137 -31.24 7.85 5.53
CA VAL C 137 -31.16 7.41 4.14
C VAL C 137 -30.54 8.52 3.30
N VAL C 138 -29.58 8.16 2.45
CA VAL C 138 -28.84 9.14 1.68
C VAL C 138 -29.00 8.94 0.17
N CYS C 139 -29.31 10.02 -0.54
CA CYS C 139 -29.37 9.99 -1.99
C CYS C 139 -28.33 10.94 -2.58
N LEU C 140 -27.59 10.46 -3.58
CA LEU C 140 -26.48 11.21 -4.15
C LEU C 140 -26.64 11.46 -5.65
N LEU C 141 -26.72 12.74 -6.00
CA LEU C 141 -26.60 13.20 -7.39
C LEU C 141 -25.15 13.48 -7.70
N ASN C 142 -24.61 12.84 -8.73
CA ASN C 142 -23.19 12.98 -9.01
C ASN C 142 -22.85 13.62 -10.34
N ASN C 143 -22.06 14.69 -10.29
CA ASN C 143 -21.53 15.38 -11.46
C ASN C 143 -22.61 15.82 -12.45
N PHE C 144 -23.41 16.81 -12.06
CA PHE C 144 -24.48 17.30 -12.92
C PHE C 144 -24.40 18.79 -13.19
N TYR C 145 -24.96 19.20 -14.32
CA TYR C 145 -25.07 20.61 -14.66
C TYR C 145 -26.39 20.87 -15.37
N PRO C 146 -27.07 21.98 -15.03
CA PRO C 146 -26.70 23.02 -14.06
C PRO C 146 -26.97 22.63 -12.62
N ARG C 147 -26.75 23.54 -11.68
CA ARG C 147 -26.93 23.27 -10.27
C ARG C 147 -28.38 22.94 -9.92
N GLU C 148 -29.32 23.61 -10.59
CA GLU C 148 -30.74 23.47 -10.27
C GLU C 148 -31.24 22.05 -10.48
N ALA C 149 -31.56 21.38 -9.37
CA ALA C 149 -32.10 20.02 -9.41
C ALA C 149 -33.19 19.86 -8.35
N LYS C 150 -34.17 19.01 -8.64
CA LYS C 150 -35.28 18.77 -7.74
C LYS C 150 -35.23 17.36 -7.19
N VAL C 151 -35.17 17.23 -5.86
CA VAL C 151 -35.07 15.93 -5.22
C VAL C 151 -36.26 15.67 -4.30
N GLN C 152 -37.14 14.76 -4.72
CA GLN C 152 -38.30 14.41 -3.92
C GLN C 152 -38.07 13.11 -3.16
N TRP C 153 -38.24 13.15 -1.85
CA TRP C 153 -38.16 11.95 -1.03
C TRP C 153 -39.54 11.31 -0.89
N LYS C 154 -39.63 10.03 -1.25
CA LYS C 154 -40.88 9.28 -1.13
C LYS C 154 -40.70 8.02 -0.29
N VAL C 155 -41.61 7.81 0.65
CA VAL C 155 -41.63 6.59 1.45
C VAL C 155 -42.96 5.87 1.24
N ASP C 156 -42.89 4.68 0.64
CA ASP C 156 -44.08 3.95 0.18
C ASP C 156 -44.94 4.83 -0.75
N ASN C 157 -44.27 5.50 -1.68
CA ASN C 157 -44.91 6.40 -2.65
C ASN C 157 -45.68 7.57 -2.03
N ALA C 158 -45.43 7.84 -0.75
CA ALA C 158 -46.02 9.00 -0.09
C ALA C 158 -44.97 10.09 0.10
N LEU C 159 -45.27 11.30 -0.38
CA LEU C 159 -44.33 12.42 -0.36
C LEU C 159 -43.85 12.77 1.04
N GLN C 160 -42.58 13.19 1.14
CA GLN C 160 -41.98 13.56 2.42
C GLN C 160 -41.63 15.04 2.42
N SER C 161 -41.85 15.70 3.55
CA SER C 161 -41.51 17.11 3.69
C SER C 161 -41.12 17.46 5.12
N GLY C 162 -39.97 18.10 5.28
CA GLY C 162 -39.53 18.59 6.57
C GLY C 162 -38.61 17.67 7.35
N ASN C 163 -38.32 16.49 6.80
CA ASN C 163 -37.44 15.54 7.46
C ASN C 163 -36.20 15.22 6.64
N SER C 164 -35.84 16.12 5.74
CA SER C 164 -34.67 15.93 4.90
C SER C 164 -33.84 17.21 4.80
N GLN C 165 -32.54 17.05 4.60
CA GLN C 165 -31.63 18.17 4.37
C GLN C 165 -30.67 17.81 3.25
N GLU C 166 -30.12 18.83 2.59
CA GLU C 166 -29.24 18.59 1.46
C GLU C 166 -28.14 19.65 1.35
N SER C 167 -27.05 19.28 0.70
CA SER C 167 -25.95 20.20 0.46
C SER C 167 -25.36 19.91 -0.92
N VAL C 168 -24.96 20.95 -1.62
CA VAL C 168 -24.31 20.78 -2.91
C VAL C 168 -22.88 21.31 -2.85
N THR C 169 -22.01 20.72 -3.64
CA THR C 169 -20.61 21.14 -3.67
C THR C 169 -20.45 22.44 -4.43
N GLU C 170 -19.31 23.09 -4.25
CA GLU C 170 -18.93 24.19 -5.11
C GLU C 170 -18.71 23.63 -6.51
N GLN C 171 -18.84 24.47 -7.53
CA GLN C 171 -18.63 24.01 -8.90
C GLN C 171 -17.20 23.51 -9.05
N ASP C 172 -17.05 22.27 -9.51
CA ASP C 172 -15.74 21.65 -9.67
C ASP C 172 -14.88 22.44 -10.64
N SER C 173 -13.65 22.73 -10.25
CA SER C 173 -12.76 23.52 -11.08
C SER C 173 -12.32 22.74 -12.31
N LYS C 174 -12.34 21.42 -12.20
CA LYS C 174 -11.85 20.55 -13.26
C LYS C 174 -12.91 20.24 -14.32
N ASP C 175 -14.07 19.74 -13.90
CA ASP C 175 -15.08 19.38 -14.88
C ASP C 175 -16.33 20.26 -14.83
N SER C 176 -16.29 21.31 -14.02
CA SER C 176 -17.36 22.31 -13.95
C SER C 176 -18.74 21.72 -13.67
N THR C 177 -18.81 20.72 -12.80
CA THR C 177 -20.08 20.09 -12.46
C THR C 177 -20.44 20.29 -11.00
N TYR C 178 -21.67 19.91 -10.64
CA TYR C 178 -22.15 19.97 -9.27
C TYR C 178 -22.51 18.59 -8.75
N SER C 179 -22.48 18.44 -7.43
CA SER C 179 -22.91 17.20 -6.80
C SER C 179 -23.82 17.51 -5.61
N LEU C 180 -24.91 16.78 -5.48
CA LEU C 180 -25.87 17.03 -4.40
C LEU C 180 -26.05 15.78 -3.53
N SER C 181 -26.05 16.00 -2.21
CA SER C 181 -26.22 14.90 -1.26
C SER C 181 -27.36 15.20 -0.29
N SER C 182 -28.44 14.44 -0.41
CA SER C 182 -29.61 14.63 0.44
C SER C 182 -29.69 13.54 1.51
N THR C 183 -30.05 13.94 2.72
CA THR C 183 -30.16 12.99 3.82
C THR C 183 -31.57 12.96 4.41
N LEU C 184 -32.26 11.84 4.20
CA LEU C 184 -33.58 11.65 4.79
C LEU C 184 -33.46 10.98 6.15
N THR C 185 -34.06 11.57 7.17
CA THR C 185 -33.94 11.06 8.52
C THR C 185 -35.28 10.64 9.12
N LEU C 186 -35.33 9.42 9.63
CA LEU C 186 -36.49 8.92 10.35
C LEU C 186 -36.05 8.19 11.61
N SER C 187 -36.98 8.01 12.54
CA SER C 187 -36.72 7.17 13.72
C SER C 187 -36.68 5.71 13.29
N LYS C 188 -36.16 4.85 14.17
CA LYS C 188 -36.09 3.43 13.86
C LYS C 188 -37.51 2.87 13.72
N ALA C 189 -38.43 3.39 14.53
CA ALA C 189 -39.83 2.98 14.46
C ALA C 189 -40.44 3.33 13.10
N ASP C 190 -40.34 4.59 12.71
CA ASP C 190 -40.89 5.06 11.44
C ASP C 190 -40.24 4.37 10.24
N TYR C 191 -38.94 4.13 10.34
CA TYR C 191 -38.20 3.53 9.23
C TYR C 191 -38.56 2.07 9.00
N GLU C 192 -38.84 1.34 10.08
CA GLU C 192 -39.08 -0.09 9.97
C GLU C 192 -40.57 -0.40 9.78
N LYS C 193 -41.42 0.62 9.86
CA LYS C 193 -42.85 0.43 9.60
C LYS C 193 -43.16 0.58 8.11
N HIS C 194 -42.16 0.97 7.34
CA HIS C 194 -42.32 1.13 5.89
C HIS C 194 -41.33 0.26 5.13
N LYS C 195 -41.51 0.17 3.81
CA LYS C 195 -40.72 -0.74 2.99
C LYS C 195 -39.93 -0.05 1.89
N VAL C 196 -40.61 0.76 1.09
CA VAL C 196 -40.00 1.33 -0.11
C VAL C 196 -39.53 2.78 0.10
N TYR C 197 -38.23 3.00 -0.07
CA TYR C 197 -37.64 4.33 0.06
C TYR C 197 -37.04 4.77 -1.26
N ALA C 198 -37.58 5.85 -1.82
CA ALA C 198 -37.22 6.28 -3.17
C ALA C 198 -36.60 7.67 -3.21
N CYS C 199 -35.69 7.86 -4.15
CA CYS C 199 -35.14 9.18 -4.44
C CYS C 199 -35.55 9.58 -5.86
N GLU C 200 -36.50 10.51 -5.96
CA GLU C 200 -36.99 10.94 -7.25
C GLU C 200 -36.30 12.22 -7.70
N VAL C 201 -35.68 12.18 -8.88
CA VAL C 201 -34.84 13.28 -9.33
C VAL C 201 -35.25 13.82 -10.69
N THR C 202 -35.56 15.11 -10.72
CA THR C 202 -35.86 15.80 -11.97
C THR C 202 -34.74 16.77 -12.31
N HIS C 203 -34.00 16.48 -13.38
CA HIS C 203 -32.89 17.33 -13.80
C HIS C 203 -33.02 17.67 -15.29
N GLN C 204 -32.29 18.71 -15.71
CA GLN C 204 -32.31 19.16 -17.09
C GLN C 204 -31.73 18.10 -18.04
N GLY C 205 -30.77 17.33 -17.54
CA GLY C 205 -30.05 16.37 -18.37
C GLY C 205 -30.69 15.00 -18.50
N LEU C 206 -31.78 14.78 -17.76
CA LEU C 206 -32.46 13.48 -17.79
C LEU C 206 -33.62 13.49 -18.79
N SER C 207 -33.70 12.42 -19.60
CA SER C 207 -34.78 12.28 -20.56
C SER C 207 -36.13 12.21 -19.84
N SER C 208 -36.10 11.74 -18.60
CA SER C 208 -37.28 11.64 -17.74
C SER C 208 -36.78 11.55 -16.30
N PRO C 209 -37.58 12.03 -15.34
CA PRO C 209 -37.17 11.95 -13.93
C PRO C 209 -36.80 10.53 -13.49
N VAL C 210 -35.56 10.36 -13.06
CA VAL C 210 -35.05 9.06 -12.64
C VAL C 210 -35.39 8.77 -11.18
N THR C 211 -35.95 7.59 -10.91
CA THR C 211 -36.26 7.19 -9.56
C THR C 211 -35.38 6.04 -9.11
N LYS C 212 -34.56 6.28 -8.08
CA LYS C 212 -33.74 5.23 -7.48
C LYS C 212 -34.31 4.87 -6.10
N SER C 213 -34.61 3.59 -5.92
CA SER C 213 -35.21 3.14 -4.67
C SER C 213 -34.71 1.76 -4.25
N PHE C 214 -35.01 1.41 -3.00
CA PHE C 214 -34.68 0.09 -2.48
C PHE C 214 -35.77 -0.41 -1.56
N ASN C 215 -35.90 -1.72 -1.43
CA ASN C 215 -36.74 -2.30 -0.40
C ASN C 215 -35.89 -2.58 0.84
N ARG C 216 -36.51 -2.54 2.01
CA ARG C 216 -35.79 -2.61 3.27
C ARG C 216 -34.95 -3.88 3.39
N GLY C 217 -33.64 -3.71 3.56
CA GLY C 217 -32.72 -4.82 3.66
C GLY C 217 -31.33 -4.47 3.17
N GLN D 3 -3.03 41.01 1.87
CA GLN D 3 -3.79 40.23 2.83
C GLN D 3 -3.39 40.56 4.26
N LEU D 4 -4.37 40.97 5.07
CA LEU D 4 -4.13 41.19 6.49
C LEU D 4 -4.34 39.87 7.23
N VAL D 5 -3.86 39.80 8.47
CA VAL D 5 -4.01 38.56 9.23
C VAL D 5 -4.98 38.72 10.39
N GLN D 6 -5.87 37.74 10.55
CA GLN D 6 -6.89 37.81 11.60
C GLN D 6 -6.75 36.65 12.58
N SER D 7 -7.51 36.73 13.68
CA SER D 7 -7.49 35.68 14.70
C SER D 7 -8.16 34.40 14.19
N GLY D 8 -7.89 33.30 14.85
CA GLY D 8 -8.48 32.02 14.47
C GLY D 8 -9.97 31.97 14.77
N PRO D 9 -10.64 30.95 14.22
CA PRO D 9 -12.10 30.76 14.42
C PRO D 9 -12.47 30.66 15.88
N GLU D 10 -13.64 31.18 16.24
CA GLU D 10 -14.08 31.20 17.63
C GLU D 10 -15.46 30.55 17.79
N VAL D 11 -15.66 29.84 18.88
CA VAL D 11 -16.98 29.30 19.22
C VAL D 11 -17.43 29.84 20.57
N ARG D 12 -18.62 30.42 20.60
CA ARG D 12 -19.11 31.13 21.77
C ARG D 12 -20.53 30.68 22.12
N LYS D 13 -20.84 30.61 23.41
CA LYS D 13 -22.19 30.31 23.86
C LYS D 13 -23.03 31.59 23.80
N PRO D 14 -24.36 31.44 23.69
CA PRO D 14 -25.22 32.63 23.61
C PRO D 14 -25.16 33.50 24.87
N GLY D 15 -24.96 34.80 24.69
CA GLY D 15 -24.95 35.73 25.82
C GLY D 15 -23.55 36.19 26.21
N THR D 16 -22.56 35.60 25.55
CA THR D 16 -21.15 35.87 25.83
C THR D 16 -20.59 36.98 24.94
N SER D 17 -19.26 37.06 24.87
CA SER D 17 -18.61 38.08 24.04
C SER D 17 -17.36 37.55 23.35
N VAL D 18 -16.99 38.17 22.23
CA VAL D 18 -15.82 37.74 21.47
C VAL D 18 -15.06 38.94 20.88
N LYS D 19 -13.73 38.93 21.05
CA LYS D 19 -12.88 39.97 20.49
C LYS D 19 -12.06 39.41 19.33
N VAL D 20 -12.27 39.96 18.14
CA VAL D 20 -11.57 39.49 16.94
C VAL D 20 -10.54 40.52 16.48
N SER D 21 -9.33 40.06 16.17
CA SER D 21 -8.24 40.96 15.80
C SER D 21 -7.98 40.99 14.31
N CYS D 22 -7.42 42.10 13.84
CA CYS D 22 -6.91 42.22 12.48
C CYS D 22 -5.61 42.98 12.50
N LYS D 23 -4.61 42.48 11.77
CA LYS D 23 -3.26 43.04 11.85
C LYS D 23 -2.56 43.14 10.49
N ALA D 24 -2.28 44.38 10.08
CA ALA D 24 -1.43 44.63 8.93
C ALA D 24 0.03 44.42 9.34
N PRO D 25 0.86 43.91 8.43
CA PRO D 25 2.24 43.53 8.78
C PRO D 25 3.12 44.73 9.17
N GLY D 26 3.29 44.96 10.47
CA GLY D 26 4.09 46.07 10.94
C GLY D 26 3.33 47.38 10.89
N ASN D 27 4.05 48.49 10.75
CA ASN D 27 3.43 49.79 10.52
C ASN D 27 3.29 50.04 9.02
N THR D 28 2.39 49.29 8.40
CA THR D 28 2.33 49.22 6.94
C THR D 28 1.23 50.07 6.29
N LEU D 29 0.00 49.95 6.80
CA LEU D 29 -1.14 50.62 6.17
C LEU D 29 -1.82 51.61 7.11
N LYS D 30 -1.09 52.64 7.51
CA LYS D 30 -1.60 53.63 8.46
C LYS D 30 -2.37 54.75 7.75
N THR D 31 -2.30 54.78 6.42
CA THR D 31 -2.99 55.79 5.63
C THR D 31 -4.39 55.28 5.23
N TYR D 32 -4.61 53.98 5.40
CA TYR D 32 -5.86 53.36 5.00
C TYR D 32 -6.82 53.17 6.17
N ASP D 33 -8.10 53.42 5.91
CA ASP D 33 -9.14 53.35 6.94
C ASP D 33 -9.43 51.89 7.30
N LEU D 34 -10.09 51.69 8.43
CA LEU D 34 -10.40 50.34 8.90
C LEU D 34 -11.88 50.02 8.74
N HIS D 35 -12.19 48.93 8.05
CA HIS D 35 -13.57 48.53 7.85
C HIS D 35 -13.85 47.12 8.38
N TRP D 36 -15.12 46.82 8.65
CA TRP D 36 -15.52 45.48 9.08
C TRP D 36 -16.74 45.00 8.30
N VAL D 37 -16.60 43.86 7.63
CA VAL D 37 -17.68 43.31 6.83
C VAL D 37 -18.17 42.00 7.42
N ARG D 38 -19.48 41.77 7.32
CA ARG D 38 -20.11 40.59 7.87
C ARG D 38 -20.62 39.69 6.76
N SER D 39 -20.26 38.41 6.82
CA SER D 39 -20.66 37.47 5.79
C SER D 39 -21.36 36.24 6.35
N VAL D 40 -22.67 36.35 6.51
CA VAL D 40 -23.49 35.17 6.77
C VAL D 40 -23.68 34.47 5.44
N PRO D 41 -23.24 33.20 5.35
CA PRO D 41 -23.23 32.60 4.01
C PRO D 41 -24.59 32.43 3.34
N GLY D 42 -24.65 32.84 2.08
CA GLY D 42 -25.88 32.97 1.31
C GLY D 42 -26.78 34.14 1.70
N GLN D 43 -26.19 35.18 2.32
CA GLN D 43 -26.94 36.37 2.71
C GLN D 43 -26.17 37.62 2.27
N GLY D 44 -25.15 37.41 1.44
CA GLY D 44 -24.38 38.51 0.89
C GLY D 44 -23.44 39.17 1.87
N LEU D 45 -22.95 40.35 1.52
CA LEU D 45 -22.01 41.08 2.39
C LEU D 45 -22.70 42.21 3.14
N GLN D 46 -22.17 42.55 4.31
CA GLN D 46 -22.78 43.58 5.15
C GLN D 46 -21.75 44.47 5.81
N TRP D 47 -21.83 45.76 5.54
CA TRP D 47 -20.91 46.72 6.13
C TRP D 47 -21.33 47.07 7.57
N MET D 48 -20.45 46.76 8.51
CA MET D 48 -20.76 46.91 9.93
C MET D 48 -20.40 48.29 10.49
N GLY D 49 -19.25 48.81 10.08
CA GLY D 49 -18.79 50.11 10.56
C GLY D 49 -17.34 50.36 10.19
N TRP D 50 -16.78 51.48 10.63
CA TRP D 50 -15.42 51.82 10.25
C TRP D 50 -14.70 52.81 11.16
N ILE D 51 -13.39 52.89 10.99
CA ILE D 51 -12.55 53.88 11.65
C ILE D 51 -11.64 54.53 10.60
N SER D 52 -11.47 55.85 10.68
CA SER D 52 -10.64 56.58 9.73
C SER D 52 -9.18 56.63 10.17
N HIS D 53 -8.28 56.88 9.21
CA HIS D 53 -6.85 56.88 9.49
C HIS D 53 -6.41 58.17 10.18
N GLU D 54 -7.23 59.21 10.09
CA GLU D 54 -6.97 60.45 10.84
C GLU D 54 -7.34 60.27 12.31
N GLY D 55 -8.17 59.27 12.58
CA GLY D 55 -8.57 58.95 13.94
C GLY D 55 -9.70 59.83 14.45
N ASP D 56 -10.45 60.43 13.52
CA ASP D 56 -11.50 61.37 13.88
C ASP D 56 -12.88 60.72 13.88
N LYS D 57 -13.09 59.73 13.02
CA LYS D 57 -14.40 59.10 12.90
C LYS D 57 -14.40 57.63 13.35
N LYS D 58 -15.40 57.29 14.17
CA LYS D 58 -15.64 55.90 14.57
C LYS D 58 -17.13 55.63 14.55
N VAL D 59 -17.60 54.99 13.50
CA VAL D 59 -19.03 54.75 13.33
C VAL D 59 -19.36 53.26 13.31
N ILE D 60 -20.55 52.92 13.81
CA ILE D 60 -21.08 51.58 13.72
C ILE D 60 -22.53 51.67 13.26
N VAL D 61 -22.90 50.86 12.28
CA VAL D 61 -24.27 50.85 11.78
C VAL D 61 -25.26 50.58 12.90
N GLU D 62 -26.35 51.35 12.93
CA GLU D 62 -27.36 51.28 13.99
C GLU D 62 -27.87 49.87 14.25
N ARG D 63 -27.92 49.05 13.21
CA ARG D 63 -28.25 47.65 13.38
C ARG D 63 -27.30 46.98 14.38
N PHE D 64 -26.02 47.30 14.28
CA PHE D 64 -25.01 46.67 15.11
C PHE D 64 -24.55 47.56 16.28
N LYS D 65 -25.09 48.78 16.38
CA LYS D 65 -24.67 49.75 17.40
C LYS D 65 -25.19 49.42 18.80
N ALA D 66 -25.17 48.14 19.15
CA ALA D 66 -25.66 47.71 20.46
C ALA D 66 -24.96 46.47 20.96
N LYS D 67 -24.32 45.75 20.05
CA LYS D 67 -23.56 44.57 20.41
C LYS D 67 -22.12 44.62 19.89
N VAL D 68 -21.82 45.63 19.08
CA VAL D 68 -20.56 45.70 18.36
C VAL D 68 -19.70 46.89 18.80
N THR D 69 -18.39 46.68 18.87
CA THR D 69 -17.44 47.73 19.22
C THR D 69 -16.19 47.62 18.34
N ILE D 70 -15.71 48.76 17.85
CA ILE D 70 -14.48 48.80 17.05
C ILE D 70 -13.40 49.61 17.76
N ASP D 71 -12.15 49.28 17.48
CA ASP D 71 -11.04 50.09 17.98
C ASP D 71 -9.75 49.81 17.20
N TRP D 72 -8.89 50.82 17.14
CA TRP D 72 -7.63 50.73 16.41
C TRP D 72 -6.47 51.07 17.35
N ASP D 73 -5.58 50.12 17.59
CA ASP D 73 -4.43 50.33 18.44
C ASP D 73 -3.26 50.86 17.63
N ARG D 74 -3.06 52.18 17.66
CA ARG D 74 -2.02 52.85 16.89
C ARG D 74 -0.62 52.41 17.31
N SER D 75 -0.46 52.08 18.58
CA SER D 75 0.85 51.72 19.13
C SER D 75 1.39 50.43 18.54
N THR D 76 0.51 49.49 18.22
CA THR D 76 0.92 48.19 17.73
C THR D 76 0.32 47.87 16.36
N ASN D 77 -0.35 48.85 15.78
CA ASN D 77 -0.99 48.71 14.46
C ASN D 77 -1.94 47.52 14.39
N THR D 78 -2.57 47.18 15.51
CA THR D 78 -3.50 46.07 15.56
C THR D 78 -4.92 46.57 15.80
N ALA D 79 -5.89 46.04 15.06
CA ALA D 79 -7.26 46.47 15.18
C ALA D 79 -8.15 45.37 15.75
N TYR D 80 -9.30 45.75 16.30
CA TYR D 80 -10.17 44.79 16.98
C TYR D 80 -11.64 44.99 16.66
N LEU D 81 -12.40 43.90 16.75
CA LEU D 81 -13.85 43.94 16.63
C LEU D 81 -14.47 43.12 17.75
N GLN D 82 -15.21 43.79 18.64
CA GLN D 82 -15.80 43.11 19.78
C GLN D 82 -17.31 42.94 19.64
N LEU D 83 -17.77 41.69 19.70
CA LEU D 83 -19.18 41.38 19.72
C LEU D 83 -19.59 40.99 21.14
N SER D 84 -20.76 41.47 21.57
CA SER D 84 -21.22 41.23 22.95
C SER D 84 -22.68 40.77 22.98
N GLY D 85 -23.00 39.89 23.92
CA GLY D 85 -24.35 39.36 24.04
C GLY D 85 -24.80 38.67 22.77
N LEU D 86 -23.99 37.72 22.31
CA LEU D 86 -24.21 37.06 21.03
C LEU D 86 -25.47 36.19 21.01
N THR D 87 -26.26 36.35 19.95
CA THR D 87 -27.31 35.38 19.64
C THR D 87 -26.72 34.40 18.62
N SER D 88 -27.48 33.35 18.31
CA SER D 88 -27.03 32.39 17.32
C SER D 88 -27.02 33.04 15.92
N GLY D 89 -27.83 34.07 15.75
CA GLY D 89 -27.91 34.79 14.50
C GLY D 89 -26.65 35.56 14.15
N ASP D 90 -25.80 35.80 15.13
CA ASP D 90 -24.53 36.48 14.89
C ASP D 90 -23.47 35.53 14.37
N THR D 91 -23.83 34.26 14.19
CA THR D 91 -22.94 33.28 13.58
C THR D 91 -22.63 33.69 12.15
N ALA D 92 -21.39 34.10 11.90
CA ALA D 92 -21.01 34.58 10.58
C ALA D 92 -19.50 34.58 10.38
N VAL D 93 -19.07 35.02 9.20
CA VAL D 93 -17.66 35.23 8.92
C VAL D 93 -17.39 36.73 8.92
N TYR D 94 -16.43 37.16 9.73
CA TYR D 94 -16.14 38.58 9.87
C TYR D 94 -14.87 38.99 9.14
N TYR D 95 -14.99 39.95 8.23
CA TYR D 95 -13.87 40.44 7.46
C TYR D 95 -13.49 41.86 7.84
N CYS D 96 -12.22 42.05 8.18
CA CYS D 96 -11.67 43.40 8.35
C CYS D 96 -11.05 43.82 7.02
N ALA D 97 -10.99 45.12 6.78
CA ALA D 97 -10.46 45.62 5.52
C ALA D 97 -9.89 47.04 5.62
N LYS D 98 -8.84 47.30 4.86
CA LYS D 98 -8.24 48.63 4.79
C LYS D 98 -8.46 49.25 3.40
N GLY D 99 -9.02 50.46 3.35
CA GLY D 99 -9.37 51.08 2.08
C GLY D 99 -9.18 52.58 2.01
N SER D 100 -9.40 53.13 0.82
CA SER D 100 -9.14 54.55 0.57
C SER D 100 -10.42 55.34 0.57
N LYS D 101 -10.31 56.66 0.79
CA LYS D 101 -11.49 57.53 0.86
C LYS D 101 -11.25 58.88 0.19
N HIS D 102 -12.32 59.66 0.04
CA HIS D 102 -12.23 61.04 -0.41
C HIS D 102 -12.83 61.94 0.66
N ARG D 103 -12.24 63.12 0.85
CA ARG D 103 -12.67 63.99 1.96
C ARG D 103 -12.55 65.48 1.63
N LEU D 104 -13.48 66.27 2.17
CA LEU D 104 -13.43 67.74 2.12
C LEU D 104 -14.24 68.33 3.28
N ARG D 105 -13.79 69.48 3.80
CA ARG D 105 -14.48 70.15 4.89
C ARG D 105 -15.78 70.81 4.44
N ASP D 106 -16.83 70.68 5.24
CA ASP D 106 -18.10 71.34 4.95
C ASP D 106 -18.33 72.53 5.88
N TYR D 107 -17.78 72.45 7.08
CA TYR D 107 -18.05 73.43 8.11
C TYR D 107 -16.79 73.82 8.89
N ALA D 108 -16.69 75.09 9.25
CA ALA D 108 -15.54 75.59 9.98
C ALA D 108 -15.91 76.76 10.90
N LEU D 109 -15.32 76.78 12.09
CA LEU D 109 -15.54 77.85 13.04
C LEU D 109 -14.17 78.42 13.45
N TYS D 110 -14.06 79.75 13.45
CA TYS D 110 -12.77 80.37 13.72
CB TYS D 110 -12.24 81.01 12.44
CG TYS D 110 -11.98 79.96 11.38
CD1 TYS D 110 -12.67 80.02 10.17
CD2 TYS D 110 -11.04 78.96 11.60
CE1 TYS D 110 -12.43 79.07 9.19
CE2 TYS D 110 -10.81 78.00 10.61
CZ TYS D 110 -11.50 78.06 9.40
OH TYS D 110 -11.27 77.12 8.44
S TYS D 110 -9.86 76.90 7.87
O1 TYS D 110 -9.96 76.52 6.48
O2 TYS D 110 -9.11 78.12 7.97
O3 TYS D 110 -9.10 75.72 8.71
C TYS D 110 -12.82 81.46 14.75
O TYS D 110 -13.89 82.06 14.98
N ASP D 111 -11.68 81.72 15.38
CA ASP D 111 -11.47 82.95 16.12
C ASP D 111 -11.43 84.11 15.13
N ASP D 112 -11.40 85.34 15.62
CA ASP D 112 -11.31 86.50 14.73
C ASP D 112 -9.93 86.61 14.09
N ASP D 113 -8.95 85.90 14.64
CA ASP D 113 -7.60 85.88 14.09
C ASP D 113 -7.07 84.45 13.94
N GLY D 114 -7.56 83.79 12.90
CA GLY D 114 -7.02 82.52 12.44
C GLY D 114 -6.74 81.44 13.46
N ALA D 115 -7.79 80.98 14.12
CA ALA D 115 -7.71 79.84 15.04
C ALA D 115 -8.93 78.96 14.83
N LEU D 116 -8.76 77.65 14.90
CA LEU D 116 -9.84 76.72 14.58
C LEU D 116 -10.61 76.25 15.80
N ASN D 117 -11.94 76.24 15.69
CA ASN D 117 -12.82 75.81 16.75
C ASN D 117 -13.45 74.45 16.47
N TRP D 118 -14.07 74.33 15.30
CA TRP D 118 -14.83 73.15 14.94
C TRP D 118 -14.52 72.70 13.51
N ALA D 119 -14.59 71.40 13.26
CA ALA D 119 -14.32 70.86 11.94
C ALA D 119 -15.29 69.75 11.55
N VAL D 120 -15.85 69.84 10.34
CA VAL D 120 -16.76 68.83 9.83
C VAL D 120 -16.31 68.33 8.46
N ASP D 121 -15.68 67.15 8.44
CA ASP D 121 -15.21 66.54 7.21
C ASP D 121 -16.14 65.42 6.78
N VAL D 122 -16.53 65.42 5.51
CA VAL D 122 -17.40 64.37 5.00
C VAL D 122 -16.60 63.44 4.10
N ASP D 123 -16.76 62.14 4.28
CA ASP D 123 -15.93 61.18 3.57
C ASP D 123 -16.72 60.39 2.54
N TYR D 124 -16.04 59.95 1.49
CA TYR D 124 -16.67 59.12 0.47
C TYR D 124 -15.86 57.88 0.19
N LEU D 125 -16.51 56.73 0.28
CA LEU D 125 -15.80 55.47 0.12
C LEU D 125 -15.31 55.31 -1.30
N SER D 126 -13.99 55.35 -1.51
CA SER D 126 -13.46 55.04 -2.85
C SER D 126 -13.41 53.53 -3.18
N ASN D 127 -12.76 52.77 -2.31
CA ASN D 127 -12.69 51.33 -2.43
C ASN D 127 -12.25 50.66 -1.13
N LEU D 128 -12.34 49.34 -1.10
CA LEU D 128 -11.65 48.56 -0.07
C LEU D 128 -10.61 47.69 -0.77
N GLU D 129 -9.34 47.93 -0.47
CA GLU D 129 -8.27 47.32 -1.25
C GLU D 129 -7.64 46.09 -0.58
N PHE D 130 -7.40 46.17 0.71
CA PHE D 130 -6.75 45.08 1.43
C PHE D 130 -7.73 44.36 2.35
N TRP D 131 -7.77 43.03 2.26
CA TRP D 131 -8.73 42.23 3.00
C TRP D 131 -8.07 41.22 3.94
N GLY D 132 -8.79 40.85 4.99
CA GLY D 132 -8.31 39.84 5.91
C GLY D 132 -8.72 38.45 5.46
N GLN D 133 -8.16 37.43 6.11
CA GLN D 133 -8.46 36.04 5.76
C GLN D 133 -9.89 35.67 6.13
N GLY D 134 -10.47 36.40 7.08
CA GLY D 134 -11.82 36.15 7.53
C GLY D 134 -11.85 35.36 8.82
N THR D 135 -12.72 35.76 9.74
CA THR D 135 -12.83 35.09 11.02
C THR D 135 -14.24 34.52 11.21
N ALA D 136 -14.32 33.22 11.45
CA ALA D 136 -15.60 32.54 11.61
C ALA D 136 -16.00 32.43 13.08
N VAL D 137 -17.12 33.05 13.43
CA VAL D 137 -17.65 32.96 14.79
C VAL D 137 -18.91 32.10 14.81
N THR D 138 -18.90 31.07 15.65
CA THR D 138 -20.04 30.17 15.76
C THR D 138 -20.69 30.29 17.13
N VAL D 139 -21.98 30.63 17.15
CA VAL D 139 -22.71 30.78 18.40
C VAL D 139 -23.77 29.70 18.55
N SER D 140 -23.64 28.91 19.62
CA SER D 140 -24.59 27.85 19.91
C SER D 140 -24.48 27.40 21.36
N SER D 141 -25.61 27.02 21.95
CA SER D 141 -25.64 26.51 23.31
C SER D 141 -25.15 25.07 23.38
N ALA D 142 -24.96 24.47 22.20
CA ALA D 142 -24.49 23.09 22.08
C ALA D 142 -23.09 22.92 22.66
N SER D 143 -22.82 21.76 23.24
CA SER D 143 -21.50 21.45 23.76
C SER D 143 -20.69 20.66 22.73
N THR D 144 -19.39 20.51 23.00
CA THR D 144 -18.50 19.79 22.09
C THR D 144 -18.83 18.31 22.04
N LYS D 145 -19.15 17.81 20.85
CA LYS D 145 -19.44 16.39 20.68
C LYS D 145 -18.76 15.81 19.45
N GLY D 146 -18.33 14.55 19.56
CA GLY D 146 -17.67 13.87 18.46
C GLY D 146 -18.65 13.18 17.55
N PRO D 147 -18.26 13.00 16.28
CA PRO D 147 -19.15 12.44 15.25
C PRO D 147 -19.21 10.92 15.27
N SER D 148 -20.42 10.37 15.30
CA SER D 148 -20.61 8.95 15.06
C SER D 148 -20.54 8.72 13.56
N VAL D 149 -19.63 7.86 13.13
CA VAL D 149 -19.40 7.66 11.70
C VAL D 149 -19.99 6.34 11.21
N PHE D 150 -20.83 6.42 10.18
CA PHE D 150 -21.48 5.24 9.63
C PHE D 150 -21.16 5.06 8.15
N PRO D 151 -21.09 3.81 7.69
CA PRO D 151 -20.72 3.52 6.29
C PRO D 151 -21.89 3.67 5.31
N LEU D 152 -21.63 4.34 4.18
CA LEU D 152 -22.57 4.34 3.07
C LEU D 152 -22.20 3.19 2.14
N ALA D 153 -22.77 2.03 2.42
CA ALA D 153 -22.41 0.79 1.74
C ALA D 153 -22.76 0.78 0.27
N PRO D 154 -21.79 0.37 -0.57
CA PRO D 154 -22.05 0.15 -1.99
C PRO D 154 -22.95 -1.06 -2.21
N SER D 155 -23.95 -0.89 -3.07
CA SER D 155 -24.89 -1.97 -3.36
C SER D 155 -25.23 -1.96 -4.84
N SER D 156 -26.01 -2.95 -5.28
CA SER D 156 -26.45 -2.99 -6.67
C SER D 156 -27.22 -1.72 -7.05
N LYS D 157 -27.80 -1.05 -6.05
CA LYS D 157 -28.46 0.23 -6.26
C LYS D 157 -27.43 1.35 -6.34
N SER D 158 -26.26 1.12 -5.76
CA SER D 158 -25.20 2.10 -5.77
C SER D 158 -24.32 1.95 -7.01
N THR D 159 -24.40 0.82 -7.70
CA THR D 159 -23.68 0.68 -8.95
C THR D 159 -24.59 0.91 -10.14
N SER D 160 -24.20 1.83 -11.01
CA SER D 160 -24.87 2.00 -12.30
C SER D 160 -23.87 1.80 -13.41
N GLY D 161 -23.99 0.67 -14.09
CA GLY D 161 -23.00 0.27 -15.09
C GLY D 161 -21.79 -0.35 -14.42
N GLY D 162 -20.61 0.12 -14.80
CA GLY D 162 -19.37 -0.37 -14.22
C GLY D 162 -18.84 0.52 -13.11
N THR D 163 -19.61 1.55 -12.77
CA THR D 163 -19.20 2.50 -11.74
C THR D 163 -20.07 2.39 -10.49
N ALA D 164 -19.45 2.28 -9.33
CA ALA D 164 -20.16 2.18 -8.06
C ALA D 164 -19.84 3.37 -7.18
N ALA D 165 -20.72 3.65 -6.23
CA ALA D 165 -20.51 4.75 -5.29
C ALA D 165 -20.58 4.25 -3.85
N LEU D 166 -19.64 4.72 -3.03
CA LEU D 166 -19.64 4.41 -1.61
C LEU D 166 -19.21 5.66 -0.84
N GLY D 167 -19.42 5.65 0.48
CA GLY D 167 -19.07 6.82 1.27
C GLY D 167 -19.19 6.67 2.77
N CYS D 168 -18.94 7.77 3.47
CA CYS D 168 -19.06 7.80 4.92
C CYS D 168 -20.01 8.91 5.38
N LEU D 169 -20.93 8.55 6.25
CA LEU D 169 -21.83 9.52 6.85
C LEU D 169 -21.30 10.00 8.20
N VAL D 170 -20.93 11.27 8.27
CA VAL D 170 -20.43 11.87 9.50
C VAL D 170 -21.59 12.56 10.22
N LYS D 171 -22.02 11.96 11.34
CA LYS D 171 -23.30 12.31 11.95
C LYS D 171 -23.20 12.84 13.38
N ASP D 172 -23.86 13.97 13.63
CA ASP D 172 -24.09 14.49 14.99
C ASP D 172 -22.82 14.86 15.76
N TYR D 173 -22.14 15.91 15.31
CA TYR D 173 -20.96 16.41 16.03
C TYR D 173 -21.03 17.91 16.30
N PHE D 174 -20.02 18.44 17.00
CA PHE D 174 -19.94 19.87 17.29
C PHE D 174 -18.57 20.22 17.87
N PRO D 175 -17.96 21.33 17.40
CA PRO D 175 -18.42 22.15 16.29
C PRO D 175 -17.60 21.92 15.03
N GLU D 176 -17.82 22.76 14.01
CA GLU D 176 -16.98 22.74 12.82
C GLU D 176 -15.53 23.01 13.20
N PRO D 177 -14.58 22.46 12.41
CA PRO D 177 -14.77 21.63 11.22
C PRO D 177 -14.50 20.14 11.45
N VAL D 178 -14.81 19.34 10.44
CA VAL D 178 -14.46 17.93 10.41
C VAL D 178 -13.74 17.62 9.09
N THR D 179 -12.61 16.93 9.17
CA THR D 179 -11.82 16.63 7.98
C THR D 179 -11.93 15.14 7.64
N VAL D 180 -12.27 14.85 6.39
CA VAL D 180 -12.38 13.48 5.93
C VAL D 180 -11.45 13.19 4.76
N SER D 181 -10.69 12.10 4.85
CA SER D 181 -9.86 11.63 3.75
C SER D 181 -10.17 10.16 3.48
N TRP D 182 -9.71 9.67 2.33
CA TRP D 182 -9.96 8.27 1.96
C TRP D 182 -8.64 7.50 1.76
N ASN D 183 -8.48 6.45 2.55
CA ASN D 183 -7.27 5.63 2.54
C ASN D 183 -6.01 6.45 2.81
N SER D 184 -6.07 7.30 3.84
CA SER D 184 -4.94 8.14 4.27
C SER D 184 -4.43 9.04 3.14
N GLY D 185 -5.35 9.55 2.33
CA GLY D 185 -5.00 10.47 1.27
C GLY D 185 -4.54 9.80 -0.01
N ALA D 186 -4.48 8.47 0.00
CA ALA D 186 -4.08 7.73 -1.19
C ALA D 186 -5.12 7.85 -2.29
N LEU D 187 -6.39 7.90 -1.90
CA LEU D 187 -7.48 8.07 -2.85
C LEU D 187 -8.00 9.50 -2.83
N THR D 188 -7.79 10.20 -3.95
CA THR D 188 -8.23 11.59 -4.09
C THR D 188 -9.22 11.73 -5.24
N SER D 189 -9.07 10.88 -6.25
CA SER D 189 -9.91 10.95 -7.46
C SER D 189 -11.35 10.49 -7.20
N GLY D 190 -12.30 11.24 -7.74
CA GLY D 190 -13.71 10.89 -7.63
C GLY D 190 -14.31 11.13 -6.25
N VAL D 191 -13.55 11.72 -5.36
CA VAL D 191 -14.01 11.96 -3.99
C VAL D 191 -14.76 13.27 -3.85
N HIS D 192 -15.95 13.21 -3.27
CA HIS D 192 -16.73 14.41 -2.98
C HIS D 192 -17.07 14.51 -1.50
N THR D 193 -16.53 15.53 -0.83
CA THR D 193 -16.90 15.82 0.55
C THR D 193 -17.83 17.02 0.58
N PHE D 194 -19.02 16.83 1.14
CA PHE D 194 -20.06 17.85 1.12
C PHE D 194 -20.02 18.75 2.36
N PRO D 195 -20.39 20.03 2.19
CA PRO D 195 -20.50 20.95 3.32
C PRO D 195 -21.58 20.48 4.31
N ALA D 196 -21.27 20.55 5.60
CA ALA D 196 -22.15 20.01 6.63
C ALA D 196 -23.50 20.71 6.68
N VAL D 197 -24.48 20.04 7.28
CA VAL D 197 -25.79 20.63 7.49
C VAL D 197 -26.05 20.77 8.99
N LEU D 198 -26.70 21.86 9.40
CA LEU D 198 -27.02 22.09 10.80
C LEU D 198 -28.42 21.60 11.12
N GLN D 199 -28.50 20.48 11.83
CA GLN D 199 -29.77 19.87 12.16
C GLN D 199 -30.48 20.60 13.30
N SER D 200 -31.66 20.11 13.66
CA SER D 200 -32.46 20.71 14.73
C SER D 200 -31.77 20.58 16.08
N SER D 201 -31.01 19.49 16.24
CA SER D 201 -30.31 19.22 17.48
C SER D 201 -29.16 20.19 17.76
N GLY D 202 -28.84 21.01 16.76
CA GLY D 202 -27.74 21.95 16.86
C GLY D 202 -26.42 21.27 16.54
N LEU D 203 -26.50 19.99 16.17
CA LEU D 203 -25.33 19.22 15.79
C LEU D 203 -25.17 19.19 14.27
N TYR D 204 -23.97 18.93 13.82
CA TYR D 204 -23.68 18.91 12.38
C TYR D 204 -23.65 17.50 11.81
N SER D 205 -24.02 17.38 10.53
CA SER D 205 -23.92 16.13 9.80
C SER D 205 -23.29 16.34 8.43
N LEU D 206 -22.40 15.41 8.06
CA LEU D 206 -21.65 15.52 6.81
C LEU D 206 -21.60 14.17 6.10
N SER D 207 -21.48 14.20 4.77
CA SER D 207 -21.36 12.98 3.98
C SER D 207 -20.25 13.11 2.95
N SER D 208 -19.25 12.23 3.04
CA SER D 208 -18.20 12.14 2.03
C SER D 208 -18.44 10.91 1.17
N VAL D 209 -18.39 11.09 -0.15
CA VAL D 209 -18.66 9.97 -1.07
C VAL D 209 -17.58 9.83 -2.14
N VAL D 210 -17.40 8.61 -2.62
CA VAL D 210 -16.42 8.32 -3.67
C VAL D 210 -17.04 7.46 -4.77
N THR D 211 -16.68 7.76 -6.02
CA THR D 211 -17.08 6.93 -7.15
C THR D 211 -15.89 6.09 -7.63
N VAL D 212 -16.06 4.78 -7.65
CA VAL D 212 -15.02 3.85 -8.05
C VAL D 212 -15.61 2.75 -8.95
N PRO D 213 -14.76 2.05 -9.70
CA PRO D 213 -15.33 0.95 -10.51
C PRO D 213 -15.85 -0.19 -9.63
N SER D 214 -16.90 -0.85 -10.09
CA SER D 214 -17.44 -2.02 -9.39
C SER D 214 -16.43 -3.16 -9.40
N SER D 215 -15.50 -3.10 -10.35
CA SER D 215 -14.49 -4.13 -10.52
C SER D 215 -13.55 -4.25 -9.32
N SER D 216 -13.46 -3.17 -8.53
CA SER D 216 -12.51 -3.12 -7.43
C SER D 216 -13.14 -3.40 -6.07
N LEU D 217 -14.46 -3.52 -6.04
CA LEU D 217 -15.17 -3.78 -4.78
C LEU D 217 -14.77 -5.11 -4.16
N GLY D 218 -14.43 -6.08 -5.00
CA GLY D 218 -13.98 -7.38 -4.52
C GLY D 218 -12.51 -7.37 -4.15
N THR D 219 -11.77 -6.43 -4.70
CA THR D 219 -10.33 -6.36 -4.48
C THR D 219 -9.95 -5.27 -3.47
N GLN D 220 -9.89 -4.03 -3.94
CA GLN D 220 -9.52 -2.91 -3.08
C GLN D 220 -10.55 -2.68 -1.97
N THR D 221 -10.05 -2.49 -0.74
CA THR D 221 -10.93 -2.18 0.37
C THR D 221 -10.83 -0.68 0.66
N TYR D 222 -11.95 -0.09 1.05
CA TYR D 222 -12.01 1.36 1.21
C TYR D 222 -12.25 1.77 2.67
N ILE D 223 -11.31 2.53 3.22
CA ILE D 223 -11.45 3.07 4.57
C ILE D 223 -11.38 4.59 4.54
N CYS D 224 -12.40 5.25 5.08
CA CYS D 224 -12.38 6.70 5.19
C CYS D 224 -11.85 7.11 6.56
N ASN D 225 -11.05 8.17 6.58
CA ASN D 225 -10.47 8.66 7.83
C ASN D 225 -11.11 9.98 8.25
N VAL D 226 -11.77 9.96 9.40
CA VAL D 226 -12.48 11.14 9.89
C VAL D 226 -11.76 11.75 11.10
N ASN D 227 -11.65 13.07 11.12
CA ASN D 227 -10.96 13.75 12.20
C ASN D 227 -11.78 14.90 12.77
N HIS D 228 -12.02 14.86 14.07
CA HIS D 228 -12.72 15.93 14.77
C HIS D 228 -11.87 16.42 15.93
N LYS D 229 -11.00 17.38 15.65
CA LYS D 229 -10.02 17.87 16.61
C LYS D 229 -10.59 18.57 17.85
N PRO D 230 -11.67 19.37 17.70
CA PRO D 230 -12.25 19.95 18.91
C PRO D 230 -12.78 18.93 19.92
N SER D 231 -13.17 17.74 19.45
CA SER D 231 -13.75 16.72 20.31
C SER D 231 -12.88 15.47 20.46
N ASN D 232 -11.56 15.67 20.44
CA ASN D 232 -10.57 14.59 20.58
C ASN D 232 -10.61 13.55 19.47
N THR D 233 -11.82 13.07 19.17
CA THR D 233 -12.07 11.92 18.31
C THR D 233 -11.31 11.87 16.97
N LYS D 234 -10.73 10.71 16.69
CA LYS D 234 -10.21 10.37 15.36
C LYS D 234 -10.68 8.97 14.99
N VAL D 235 -11.46 8.85 13.92
CA VAL D 235 -12.05 7.56 13.55
C VAL D 235 -11.79 7.14 12.11
N ASP D 236 -11.31 5.91 11.94
CA ASP D 236 -11.18 5.27 10.64
C ASP D 236 -12.22 4.16 10.50
N LYS D 237 -13.02 4.22 9.44
CA LYS D 237 -14.10 3.25 9.25
C LYS D 237 -14.00 2.52 7.91
N LYS D 238 -13.95 1.19 7.97
CA LYS D 238 -13.92 0.35 6.78
C LYS D 238 -15.32 0.22 6.18
N VAL D 239 -15.43 0.54 4.89
CA VAL D 239 -16.72 0.49 4.20
C VAL D 239 -16.75 -0.64 3.18
N GLU D 240 -17.39 -1.75 3.55
CA GLU D 240 -17.43 -2.93 2.71
C GLU D 240 -18.78 -3.07 2.01
N PRO D 241 -18.78 -3.63 0.79
CA PRO D 241 -20.01 -3.92 0.04
C PRO D 241 -20.94 -4.86 0.79
N LYS D 242 -21.95 -4.31 1.46
CA LYS D 242 -22.92 -5.12 2.20
C LYS D 242 -24.02 -5.65 1.28
N VAL E 3 -13.50 -44.42 16.24
CA VAL E 3 -12.15 -44.01 16.61
C VAL E 3 -11.49 -43.29 15.42
N LEU E 4 -10.68 -42.28 15.72
CA LEU E 4 -10.09 -41.44 14.68
C LEU E 4 -8.83 -42.04 14.06
N THR E 5 -8.80 -42.05 12.72
CA THR E 5 -7.60 -42.39 11.98
C THR E 5 -7.21 -41.23 11.09
N GLN E 6 -5.95 -40.81 11.14
CA GLN E 6 -5.48 -39.72 10.30
C GLN E 6 -4.43 -40.20 9.31
N SER E 7 -4.70 -39.99 8.02
CA SER E 7 -3.82 -40.44 6.95
C SER E 7 -3.54 -39.31 5.96
N PRO E 8 -2.32 -39.25 5.41
CA PRO E 8 -1.22 -40.18 5.65
C PRO E 8 -0.46 -39.90 6.94
N HIS E 9 0.57 -40.69 7.22
CA HIS E 9 1.40 -40.47 8.40
C HIS E 9 2.44 -39.41 8.09
N SER E 10 2.81 -39.33 6.82
CA SER E 10 3.78 -38.33 6.35
C SER E 10 3.42 -37.88 4.93
N LEU E 11 3.75 -36.63 4.61
CA LEU E 11 3.40 -36.07 3.32
C LEU E 11 4.51 -35.19 2.75
N SER E 12 4.98 -35.52 1.55
CA SER E 12 5.95 -34.67 0.85
C SER E 12 5.26 -33.91 -0.28
N VAL E 13 5.40 -32.59 -0.28
CA VAL E 13 4.69 -31.73 -1.22
C VAL E 13 5.60 -30.77 -1.99
N THR E 14 5.63 -30.92 -3.31
CA THR E 14 6.29 -29.96 -4.18
C THR E 14 5.57 -28.62 -4.05
N PRO E 15 6.32 -27.53 -3.83
CA PRO E 15 5.71 -26.20 -3.62
C PRO E 15 4.82 -25.79 -4.79
N GLY E 16 3.65 -25.24 -4.49
CA GLY E 16 2.70 -24.84 -5.51
C GLY E 16 1.69 -25.93 -5.83
N GLU E 17 1.93 -27.13 -5.33
CA GLU E 17 0.99 -28.24 -5.55
C GLU E 17 0.01 -28.39 -4.40
N SER E 18 -0.90 -29.35 -4.53
CA SER E 18 -1.98 -29.53 -3.56
C SER E 18 -1.69 -30.65 -2.57
N ALA E 19 -1.72 -30.31 -1.29
CA ALA E 19 -1.54 -31.29 -0.21
C ALA E 19 -2.90 -31.72 0.34
N SER E 20 -3.21 -33.00 0.27
CA SER E 20 -4.49 -33.51 0.72
C SER E 20 -4.34 -34.46 1.91
N ILE E 21 -4.91 -34.08 3.06
CA ILE E 21 -4.89 -34.91 4.25
C ILE E 21 -6.32 -35.23 4.69
N SER E 22 -6.52 -36.36 5.34
CA SER E 22 -7.86 -36.76 5.73
C SER E 22 -7.93 -37.30 7.15
N CYS E 23 -9.11 -37.20 7.74
CA CYS E 23 -9.35 -37.70 9.09
C CYS E 23 -10.70 -38.42 9.15
N LYS E 24 -10.70 -39.64 9.65
CA LYS E 24 -11.91 -40.46 9.66
C LYS E 24 -12.18 -41.13 11.01
N SER E 25 -13.46 -41.27 11.35
CA SER E 25 -13.88 -41.89 12.60
C SER E 25 -14.87 -43.02 12.36
N SER E 26 -15.06 -43.88 13.35
CA SER E 26 -16.06 -44.94 13.23
C SER E 26 -17.46 -44.36 13.47
N HIS E 27 -17.57 -43.55 14.51
CA HIS E 27 -18.84 -42.91 14.85
C HIS E 27 -19.06 -41.63 14.05
N SER E 28 -20.32 -41.27 13.85
CA SER E 28 -20.67 -40.04 13.14
C SER E 28 -20.29 -38.81 13.97
N LEU E 29 -19.85 -37.75 13.30
CA LEU E 29 -19.34 -36.58 14.01
C LEU E 29 -20.22 -35.35 13.85
N ILE E 30 -21.51 -35.56 13.61
CA ILE E 30 -22.41 -34.43 13.42
C ILE E 30 -23.61 -34.49 14.36
N HIS E 31 -24.27 -33.34 14.49
CA HIS E 31 -25.51 -33.27 15.26
C HIS E 31 -26.63 -32.77 14.37
N GLY E 32 -27.71 -33.56 14.32
CA GLY E 32 -28.75 -33.35 13.33
C GLY E 32 -28.10 -33.46 11.97
N ASP E 33 -28.13 -32.37 11.22
CA ASP E 33 -27.28 -32.24 10.04
C ASP E 33 -26.80 -30.79 10.01
N ARG E 34 -26.91 -30.15 11.18
CA ARG E 34 -26.56 -28.75 11.33
C ARG E 34 -25.06 -28.51 11.27
N ASN E 35 -24.30 -29.21 12.11
CA ASN E 35 -22.86 -28.97 12.21
C ASN E 35 -21.99 -30.21 12.36
N ASN E 36 -20.91 -30.23 11.60
CA ASN E 36 -19.84 -31.22 11.73
C ASN E 36 -18.82 -30.73 12.74
N TYR E 37 -18.65 -31.42 13.86
CA TYR E 37 -17.70 -30.94 14.86
C TYR E 37 -16.31 -31.53 14.69
N LEU E 38 -15.58 -31.03 13.70
CA LEU E 38 -14.19 -31.42 13.47
C LEU E 38 -13.35 -30.20 13.13
N ALA E 39 -12.12 -30.16 13.64
CA ALA E 39 -11.24 -29.01 13.40
C ALA E 39 -9.88 -29.45 12.88
N TRP E 40 -9.13 -28.51 12.33
CA TRP E 40 -7.79 -28.80 11.81
C TRP E 40 -6.74 -27.92 12.46
N TYR E 41 -5.65 -28.53 12.91
CA TYR E 41 -4.57 -27.80 13.57
C TYR E 41 -3.21 -28.15 12.97
N VAL E 42 -2.29 -27.19 12.99
CA VAL E 42 -0.93 -27.43 12.53
C VAL E 42 0.09 -26.94 13.55
N GLN E 43 1.07 -27.78 13.86
CA GLN E 43 2.15 -27.38 14.73
C GLN E 43 3.45 -27.28 13.95
N LYS E 44 3.69 -26.11 13.37
CA LYS E 44 4.96 -25.80 12.73
C LYS E 44 6.07 -25.97 13.76
N PRO E 45 7.23 -26.48 13.33
CA PRO E 45 8.30 -26.89 14.25
C PRO E 45 8.77 -25.77 15.19
N GLY E 46 8.82 -26.07 16.48
CA GLY E 46 9.22 -25.10 17.48
C GLY E 46 8.22 -23.97 17.62
N ARG E 47 6.94 -24.31 17.53
CA ARG E 47 5.88 -23.31 17.55
C ARG E 47 4.60 -23.91 18.14
N SER E 48 3.73 -23.04 18.67
CA SER E 48 2.44 -23.50 19.20
C SER E 48 1.53 -23.95 18.07
N PRO E 49 0.57 -24.85 18.38
CA PRO E 49 -0.42 -25.27 17.39
C PRO E 49 -1.24 -24.10 16.84
N GLN E 50 -1.75 -24.26 15.62
CA GLN E 50 -2.52 -23.21 14.96
C GLN E 50 -3.93 -23.68 14.66
N LEU E 51 -4.90 -22.76 14.76
CA LEU E 51 -6.26 -23.09 14.36
C LEU E 51 -6.46 -22.76 12.89
N LEU E 52 -6.64 -23.79 12.08
CA LEU E 52 -6.84 -23.61 10.65
C LEU E 52 -8.32 -23.65 10.29
N ILE E 53 -8.93 -24.81 10.47
CA ILE E 53 -10.33 -25.01 10.13
C ILE E 53 -11.13 -25.39 11.37
N TYR E 54 -12.36 -24.90 11.47
CA TYR E 54 -13.30 -25.37 12.48
C TYR E 54 -14.62 -25.74 11.81
N LEU E 55 -15.31 -26.73 12.38
CA LEU E 55 -16.56 -27.24 11.82
C LEU E 55 -16.38 -27.77 10.40
N ALA E 56 -15.22 -28.36 10.15
CA ALA E 56 -14.89 -29.08 8.92
C ALA E 56 -14.81 -28.24 7.64
N SER E 57 -15.30 -27.00 7.67
CA SER E 57 -15.22 -26.13 6.50
C SER E 57 -14.78 -24.72 6.84
N SER E 58 -15.52 -24.09 7.74
CA SER E 58 -15.29 -22.71 8.14
C SER E 58 -13.85 -22.52 8.62
N ARG E 59 -13.14 -21.57 8.02
CA ARG E 59 -11.75 -21.30 8.35
C ARG E 59 -11.63 -20.21 9.40
N ALA E 60 -10.66 -20.35 10.29
CA ALA E 60 -10.48 -19.42 11.41
C ALA E 60 -10.10 -18.02 10.96
N SER E 61 -10.11 -17.09 11.91
CA SER E 61 -9.72 -15.71 11.65
C SER E 61 -8.27 -15.60 11.21
N GLY E 62 -8.02 -14.73 10.23
CA GLY E 62 -6.66 -14.50 9.75
C GLY E 62 -6.04 -15.71 9.09
N VAL E 63 -6.87 -16.63 8.63
CA VAL E 63 -6.37 -17.83 7.96
C VAL E 63 -6.59 -17.73 6.45
N PRO E 64 -5.48 -17.72 5.70
CA PRO E 64 -5.43 -17.54 4.23
C PRO E 64 -6.43 -18.42 3.47
N ASP E 65 -6.81 -17.98 2.27
CA ASP E 65 -7.80 -18.66 1.45
C ASP E 65 -7.28 -20.02 0.96
N ARG E 66 -5.98 -20.22 1.08
CA ARG E 66 -5.32 -21.48 0.70
C ARG E 66 -5.97 -22.70 1.33
N PHE E 67 -6.33 -22.58 2.61
CA PHE E 67 -6.82 -23.71 3.38
C PHE E 67 -8.31 -23.93 3.21
N SER E 68 -8.67 -25.07 2.64
CA SER E 68 -10.07 -25.43 2.44
C SER E 68 -10.36 -26.80 3.04
N GLY E 69 -11.39 -26.87 3.87
CA GLY E 69 -11.81 -28.13 4.46
C GLY E 69 -13.15 -28.56 3.90
N SER E 70 -13.41 -29.86 3.92
CA SER E 70 -14.68 -30.39 3.44
C SER E 70 -14.97 -31.76 4.04
N GLY E 71 -16.24 -32.12 4.08
CA GLY E 71 -16.61 -33.43 4.55
C GLY E 71 -17.87 -33.49 5.40
N SER E 72 -18.48 -34.66 5.41
CA SER E 72 -19.60 -34.96 6.30
C SER E 72 -19.43 -36.40 6.78
N ASP E 73 -20.42 -36.88 7.52
CA ASP E 73 -20.39 -38.23 8.07
C ASP E 73 -19.10 -38.47 8.84
N LYS E 74 -18.26 -39.39 8.34
CA LYS E 74 -17.01 -39.71 8.99
C LYS E 74 -15.80 -39.38 8.12
N ASP E 75 -16.07 -38.94 6.89
CA ASP E 75 -15.01 -38.61 5.95
C ASP E 75 -14.78 -37.10 5.89
N PHE E 76 -13.55 -36.70 6.23
CA PHE E 76 -13.15 -35.29 6.21
C PHE E 76 -11.82 -35.13 5.50
N THR E 77 -11.68 -34.08 4.71
CA THR E 77 -10.44 -33.86 3.98
C THR E 77 -10.03 -32.38 3.94
N LEU E 78 -8.89 -32.08 4.55
CA LEU E 78 -8.31 -30.75 4.44
C LEU E 78 -7.29 -30.73 3.30
N LYS E 79 -7.49 -29.84 2.34
CA LYS E 79 -6.58 -29.76 1.20
C LYS E 79 -5.81 -28.45 1.19
N ILE E 80 -4.49 -28.55 1.25
CA ILE E 80 -3.63 -27.38 1.14
C ILE E 80 -3.10 -27.27 -0.28
N SER E 81 -3.66 -26.35 -1.06
CA SER E 81 -3.13 -26.07 -2.38
C SER E 81 -2.22 -24.86 -2.32
N ARG E 82 -1.45 -24.64 -3.38
CA ARG E 82 -0.48 -23.55 -3.43
C ARG E 82 0.48 -23.60 -2.24
N VAL E 83 0.95 -24.80 -1.93
CA VAL E 83 1.81 -25.05 -0.77
C VAL E 83 3.16 -24.35 -0.91
N GLU E 84 3.63 -23.77 0.19
CA GLU E 84 4.98 -23.23 0.26
C GLU E 84 5.67 -23.72 1.52
N THR E 85 6.93 -23.32 1.72
CA THR E 85 7.71 -23.75 2.88
C THR E 85 7.18 -23.13 4.17
N GLU E 86 6.24 -22.19 4.03
CA GLU E 86 5.55 -21.58 5.16
C GLU E 86 4.86 -22.60 6.04
N ASP E 87 4.33 -23.65 5.42
CA ASP E 87 3.37 -24.53 6.08
C ASP E 87 3.95 -25.89 6.47
N VAL E 88 5.27 -26.01 6.49
CA VAL E 88 5.91 -27.24 6.92
C VAL E 88 5.65 -27.51 8.39
N GLY E 89 5.18 -28.72 8.70
CA GLY E 89 4.90 -29.09 10.08
C GLY E 89 3.98 -30.28 10.19
N THR E 90 3.44 -30.49 11.39
CA THR E 90 2.55 -31.61 11.65
C THR E 90 1.10 -31.13 11.73
N TYR E 91 0.22 -31.76 10.96
CA TYR E 91 -1.17 -31.33 10.90
C TYR E 91 -2.09 -32.26 11.71
N TYR E 92 -2.93 -31.65 12.53
CA TYR E 92 -3.79 -32.40 13.44
C TYR E 92 -5.27 -32.13 13.21
N CYS E 93 -6.06 -33.19 13.18
CA CYS E 93 -7.51 -33.07 13.19
C CYS E 93 -8.00 -33.24 14.61
N MET E 94 -9.09 -32.57 14.95
CA MET E 94 -9.65 -32.67 16.30
C MET E 94 -11.17 -32.82 16.26
N GLN E 95 -11.67 -33.87 16.87
CA GLN E 95 -13.12 -34.10 16.92
C GLN E 95 -13.71 -33.56 18.21
N GLY E 96 -14.90 -32.99 18.11
CA GLY E 96 -15.56 -32.40 19.26
C GLY E 96 -16.93 -33.00 19.49
N ARG E 97 -17.24 -34.08 18.77
CA ARG E 97 -18.53 -34.73 18.86
C ARG E 97 -18.70 -35.54 20.14
N GLU E 98 -17.74 -36.42 20.43
CA GLU E 98 -17.87 -37.32 21.56
C GLU E 98 -16.79 -37.14 22.61
N SER E 99 -17.19 -37.04 23.87
CA SER E 99 -16.26 -37.02 24.98
C SER E 99 -15.78 -38.44 25.26
N PRO E 100 -14.47 -38.62 25.46
CA PRO E 100 -13.44 -37.57 25.50
C PRO E 100 -13.02 -37.07 24.13
N TRP E 101 -12.85 -35.75 24.00
CA TRP E 101 -12.35 -35.14 22.78
C TRP E 101 -10.92 -35.63 22.52
N THR E 102 -10.57 -35.84 21.26
CA THR E 102 -9.32 -36.50 20.91
C THR E 102 -8.65 -35.79 19.72
N PHE E 103 -7.33 -35.96 19.57
CA PHE E 103 -6.62 -35.47 18.39
C PHE E 103 -6.34 -36.61 17.43
N GLY E 104 -6.18 -36.29 16.15
CA GLY E 104 -5.72 -37.27 15.19
C GLY E 104 -4.28 -37.63 15.47
N GLN E 105 -3.79 -38.73 14.88
CA GLN E 105 -2.42 -39.17 15.10
C GLN E 105 -1.41 -38.17 14.52
N GLY E 106 -1.87 -37.29 13.63
CA GLY E 106 -1.03 -36.25 13.09
C GLY E 106 -0.41 -36.60 11.75
N THR E 107 -0.14 -35.58 10.94
CA THR E 107 0.46 -35.76 9.63
C THR E 107 1.61 -34.78 9.39
N LYS E 108 2.82 -35.30 9.36
CA LYS E 108 4.00 -34.48 9.12
C LYS E 108 4.12 -34.11 7.64
N VAL E 109 3.91 -32.83 7.33
CA VAL E 109 4.04 -32.35 5.96
C VAL E 109 5.46 -31.88 5.67
N ASP E 110 6.04 -32.43 4.61
CA ASP E 110 7.42 -32.15 4.25
C ASP E 110 7.50 -31.52 2.87
N ILE E 111 8.41 -30.57 2.69
CA ILE E 111 8.65 -29.98 1.37
C ILE E 111 9.33 -30.99 0.46
N LYS E 112 8.72 -31.22 -0.70
CA LYS E 112 9.27 -32.18 -1.65
C LYS E 112 10.24 -31.53 -2.62
N ARG E 113 11.40 -32.16 -2.76
CA ARG E 113 12.40 -31.75 -3.72
C ARG E 113 13.02 -33.00 -4.35
N THR E 114 13.88 -32.81 -5.34
CA THR E 114 14.54 -33.94 -6.00
C THR E 114 15.40 -34.71 -4.99
N VAL E 115 15.46 -36.03 -5.17
CA VAL E 115 16.24 -36.88 -4.27
C VAL E 115 17.72 -36.51 -4.30
N ALA E 116 18.23 -36.03 -3.16
CA ALA E 116 19.63 -35.65 -3.05
C ALA E 116 20.36 -36.55 -2.06
N ALA E 117 21.48 -37.12 -2.51
CA ALA E 117 22.28 -38.01 -1.67
C ALA E 117 22.92 -37.26 -0.50
N PRO E 118 23.16 -37.96 0.61
CA PRO E 118 23.82 -37.37 1.77
C PRO E 118 25.35 -37.39 1.67
N SER E 119 25.97 -36.23 1.84
CA SER E 119 27.40 -36.18 2.05
C SER E 119 27.71 -36.81 3.41
N VAL E 120 28.45 -37.90 3.41
CA VAL E 120 28.71 -38.63 4.65
C VAL E 120 30.15 -38.48 5.12
N PHE E 121 30.32 -38.17 6.40
CA PHE E 121 31.65 -38.01 6.99
C PHE E 121 31.82 -38.84 8.24
N ILE E 122 33.03 -38.84 8.79
CA ILE E 122 33.29 -39.54 10.05
C ILE E 122 34.34 -38.78 10.85
N PHE E 123 34.26 -38.90 12.18
CA PHE E 123 35.21 -38.25 13.06
C PHE E 123 35.65 -39.19 14.16
N PRO E 124 36.96 -39.42 14.28
CA PRO E 124 37.48 -40.20 15.41
C PRO E 124 37.33 -39.43 16.72
N PRO E 125 37.15 -40.15 17.83
CA PRO E 125 37.15 -39.49 19.15
C PRO E 125 38.45 -38.72 19.36
N SER E 126 38.33 -37.42 19.63
CA SER E 126 39.50 -36.56 19.79
C SER E 126 40.28 -36.90 21.06
N ASP E 127 41.57 -36.54 21.07
CA ASP E 127 42.49 -36.95 22.13
C ASP E 127 42.15 -36.39 23.52
N GLU E 128 41.69 -35.15 23.56
CA GLU E 128 41.34 -34.49 24.83
C GLU E 128 40.24 -35.25 25.55
N GLN E 129 39.31 -35.80 24.78
CA GLN E 129 38.20 -36.57 25.33
C GLN E 129 38.70 -37.89 25.90
N LEU E 130 39.71 -38.47 25.26
CA LEU E 130 40.24 -39.78 25.64
C LEU E 130 40.81 -39.80 27.06
N LYS E 131 41.40 -38.68 27.49
CA LYS E 131 41.95 -38.57 28.83
C LYS E 131 40.85 -38.66 29.89
N SER E 132 39.66 -38.17 29.56
CA SER E 132 38.53 -38.21 30.48
C SER E 132 38.07 -39.65 30.73
N GLY E 133 38.29 -40.53 29.75
CA GLY E 133 38.03 -41.93 29.91
C GLY E 133 36.85 -42.49 29.12
N THR E 134 36.56 -41.87 27.97
CA THR E 134 35.49 -42.33 27.10
C THR E 134 35.76 -41.91 25.64
N ALA E 135 35.33 -42.73 24.70
CA ALA E 135 35.51 -42.44 23.28
C ALA E 135 34.18 -42.38 22.55
N SER E 136 33.98 -41.34 21.75
CA SER E 136 32.71 -41.13 21.05
C SER E 136 32.91 -40.88 19.56
N VAL E 137 32.23 -41.67 18.73
CA VAL E 137 32.36 -41.54 17.28
C VAL E 137 31.12 -40.90 16.67
N VAL E 138 31.32 -39.87 15.85
CA VAL E 138 30.19 -39.17 15.25
C VAL E 138 30.18 -39.30 13.73
N CYS E 139 29.03 -39.66 13.18
CA CYS E 139 28.85 -39.83 11.75
C CYS E 139 27.80 -38.87 11.21
N LEU E 140 28.23 -37.94 10.36
CA LEU E 140 27.33 -36.92 9.84
C LEU E 140 26.84 -37.23 8.42
N LEU E 141 25.52 -37.27 8.26
CA LEU E 141 24.88 -37.40 6.96
C LEU E 141 24.34 -36.04 6.54
N ASN E 142 25.11 -35.31 5.73
CA ASN E 142 24.81 -33.92 5.48
C ASN E 142 23.97 -33.64 4.24
N ASN E 143 22.93 -32.83 4.43
CA ASN E 143 22.13 -32.28 3.33
C ASN E 143 21.58 -33.33 2.36
N PHE E 144 20.56 -34.06 2.79
CA PHE E 144 19.95 -35.10 1.96
C PHE E 144 18.42 -35.04 1.94
N TYR E 145 17.85 -35.77 0.98
CA TYR E 145 16.40 -35.90 0.87
C TYR E 145 16.04 -37.28 0.33
N PRO E 146 15.00 -37.92 0.88
CA PRO E 146 14.18 -37.43 2.00
C PRO E 146 14.79 -37.66 3.38
N ARG E 147 14.02 -37.37 4.42
CA ARG E 147 14.45 -37.53 5.79
C ARG E 147 14.82 -38.98 6.13
N GLU E 148 13.99 -39.90 5.65
CA GLU E 148 14.11 -41.31 6.00
C GLU E 148 15.38 -41.95 5.44
N ALA E 149 16.44 -41.91 6.24
CA ALA E 149 17.68 -42.61 5.92
C ALA E 149 18.12 -43.38 7.16
N LYS E 150 18.84 -44.48 6.97
CA LYS E 150 19.21 -45.33 8.09
C LYS E 150 20.73 -45.47 8.24
N VAL E 151 21.19 -45.49 9.48
CA VAL E 151 22.61 -45.61 9.78
C VAL E 151 22.87 -46.79 10.70
N GLN E 152 23.79 -47.67 10.29
CA GLN E 152 24.18 -48.78 11.13
C GLN E 152 25.68 -48.75 11.39
N TRP E 153 26.06 -48.86 12.67
CA TRP E 153 27.45 -48.79 13.08
C TRP E 153 28.15 -50.14 13.05
N LYS E 154 29.36 -50.15 12.51
CA LYS E 154 30.14 -51.38 12.42
C LYS E 154 31.54 -51.18 12.99
N VAL E 155 31.80 -51.81 14.15
CA VAL E 155 33.09 -51.79 14.78
C VAL E 155 33.75 -53.17 14.67
N ASP E 156 34.89 -53.22 13.98
CA ASP E 156 35.55 -54.48 13.63
C ASP E 156 34.60 -55.40 12.87
N ASN E 157 33.92 -54.83 11.88
CA ASN E 157 32.96 -55.56 11.05
C ASN E 157 31.89 -56.27 11.86
N ALA E 158 31.44 -55.63 12.94
CA ALA E 158 30.37 -56.17 13.76
C ALA E 158 29.29 -55.12 13.97
N LEU E 159 28.05 -55.49 13.67
CA LEU E 159 26.92 -54.56 13.74
C LEU E 159 26.59 -54.21 15.19
N GLN E 160 27.17 -53.13 15.68
CA GLN E 160 26.93 -52.66 17.04
C GLN E 160 25.51 -52.13 17.19
N SER E 161 24.89 -52.40 18.32
CA SER E 161 23.52 -51.96 18.57
C SER E 161 23.30 -51.57 20.03
N GLY E 162 22.61 -50.45 20.23
CA GLY E 162 22.28 -49.98 21.57
C GLY E 162 23.24 -48.95 22.10
N ASN E 163 24.41 -48.84 21.46
CA ASN E 163 25.44 -47.90 21.90
C ASN E 163 25.48 -46.67 21.00
N SER E 164 24.53 -46.59 20.08
CA SER E 164 24.46 -45.48 19.14
C SER E 164 23.19 -44.66 19.35
N GLN E 165 23.32 -43.35 19.24
CA GLN E 165 22.19 -42.45 19.38
C GLN E 165 22.25 -41.39 18.29
N GLU E 166 21.11 -41.08 17.69
CA GLU E 166 21.09 -40.17 16.56
C GLU E 166 19.98 -39.12 16.64
N SER E 167 20.21 -38.00 15.96
CA SER E 167 19.22 -36.94 15.86
C SER E 167 19.37 -36.19 14.54
N VAL E 168 18.25 -35.80 13.95
CA VAL E 168 18.27 -35.09 12.69
C VAL E 168 17.77 -33.65 12.85
N THR E 169 18.31 -32.75 12.04
CA THR E 169 17.84 -31.36 12.02
C THR E 169 16.44 -31.28 11.44
N GLU E 170 15.81 -30.12 11.60
CA GLU E 170 14.59 -29.86 10.87
C GLU E 170 14.95 -29.56 9.43
N GLN E 171 13.96 -29.64 8.53
CA GLN E 171 14.24 -29.41 7.12
C GLN E 171 14.65 -27.95 6.90
N ASP E 172 15.82 -27.78 6.28
CA ASP E 172 16.36 -26.45 6.01
C ASP E 172 15.43 -25.67 5.08
N SER E 173 15.17 -24.41 5.43
CA SER E 173 14.25 -23.58 4.65
C SER E 173 14.80 -23.28 3.26
N LYS E 174 16.09 -22.99 3.20
CA LYS E 174 16.74 -22.57 1.96
C LYS E 174 16.75 -23.66 0.88
N ASP E 175 17.18 -24.86 1.24
CA ASP E 175 17.41 -25.92 0.27
C ASP E 175 16.55 -27.18 0.47
N SER E 176 15.67 -27.15 1.46
CA SER E 176 14.80 -28.29 1.78
C SER E 176 15.59 -29.55 2.06
N THR E 177 16.68 -29.41 2.82
CA THR E 177 17.58 -30.52 3.08
C THR E 177 17.71 -30.83 4.57
N TYR E 178 17.56 -32.11 4.91
CA TYR E 178 17.77 -32.59 6.27
C TYR E 178 19.25 -32.81 6.52
N SER E 179 19.60 -33.10 7.78
CA SER E 179 20.94 -33.52 8.15
C SER E 179 20.86 -34.48 9.34
N LEU E 180 21.83 -35.40 9.43
CA LEU E 180 21.78 -36.44 10.46
C LEU E 180 23.06 -36.49 11.27
N SER E 181 22.93 -36.63 12.59
CA SER E 181 24.07 -36.81 13.48
C SER E 181 23.90 -38.04 14.34
N SER E 182 24.67 -39.09 14.03
CA SER E 182 24.66 -40.31 14.82
C SER E 182 25.92 -40.39 15.68
N THR E 183 25.77 -40.86 16.92
CA THR E 183 26.90 -40.88 17.83
C THR E 183 27.12 -42.26 18.44
N LEU E 184 28.32 -42.80 18.21
CA LEU E 184 28.73 -44.05 18.85
C LEU E 184 29.59 -43.76 20.07
N THR E 185 28.97 -43.86 21.24
CA THR E 185 29.68 -43.67 22.50
C THR E 185 30.25 -44.98 23.03
N LEU E 186 31.56 -45.00 23.29
CA LEU E 186 32.27 -46.20 23.68
C LEU E 186 33.26 -45.97 24.83
N SER E 187 33.45 -47.00 25.66
CA SER E 187 34.46 -46.98 26.71
C SER E 187 35.84 -46.78 26.09
N LYS E 188 36.68 -45.97 26.74
CA LYS E 188 38.01 -45.68 26.22
C LYS E 188 38.86 -46.95 26.19
N ALA E 189 38.66 -47.81 27.18
CA ALA E 189 39.36 -49.09 27.24
C ALA E 189 38.92 -50.01 26.10
N ASP E 190 37.62 -50.03 25.84
CA ASP E 190 37.06 -50.85 24.77
C ASP E 190 37.38 -50.30 23.39
N TYR E 191 37.82 -49.04 23.32
CA TYR E 191 37.99 -48.36 22.04
C TYR E 191 39.14 -48.92 21.20
N GLU E 192 40.35 -48.96 21.75
CA GLU E 192 41.49 -49.52 21.02
C GLU E 192 41.61 -51.03 21.27
N LYS E 193 40.51 -51.64 21.69
CA LYS E 193 40.42 -53.10 21.70
C LYS E 193 40.19 -53.53 20.26
N HIS E 194 39.46 -52.69 19.53
CA HIS E 194 39.09 -52.95 18.15
C HIS E 194 39.75 -51.94 17.21
N LYS E 195 39.92 -52.33 15.95
CA LYS E 195 40.75 -51.57 15.03
C LYS E 195 39.97 -50.67 14.07
N VAL E 196 39.11 -51.26 13.25
CA VAL E 196 38.39 -50.49 12.25
C VAL E 196 37.02 -50.01 12.75
N TYR E 197 36.66 -48.79 12.38
CA TYR E 197 35.41 -48.18 12.82
C TYR E 197 34.64 -47.61 11.63
N ALA E 198 33.56 -48.28 11.26
CA ALA E 198 32.84 -47.93 10.04
C ALA E 198 31.39 -47.51 10.30
N CYS E 199 31.01 -46.39 9.71
CA CYS E 199 29.65 -45.89 9.76
C CYS E 199 29.04 -45.99 8.37
N GLU E 200 27.92 -46.70 8.25
CA GLU E 200 27.33 -46.98 6.95
C GLU E 200 25.99 -46.25 6.75
N VAL E 201 25.68 -45.93 5.50
CA VAL E 201 24.50 -45.15 5.17
C VAL E 201 23.59 -45.81 4.13
N THR E 202 22.31 -45.88 4.46
CA THR E 202 21.30 -46.36 3.51
C THR E 202 20.35 -45.21 3.13
N HIS E 203 20.27 -44.91 1.84
CA HIS E 203 19.45 -43.82 1.35
C HIS E 203 19.31 -43.92 -0.18
N GLN E 204 18.30 -43.25 -0.74
CA GLN E 204 17.93 -43.45 -2.14
C GLN E 204 18.90 -42.88 -3.17
N GLY E 205 19.50 -41.73 -2.85
CA GLY E 205 20.35 -41.04 -3.81
C GLY E 205 21.70 -41.68 -4.12
N LEU E 206 22.02 -42.77 -3.44
CA LEU E 206 23.36 -43.36 -3.49
C LEU E 206 23.49 -44.44 -4.56
N SER E 207 22.41 -45.22 -4.71
CA SER E 207 22.38 -46.45 -5.51
C SER E 207 23.16 -47.56 -4.81
N SER E 208 24.46 -47.35 -4.62
CA SER E 208 25.28 -48.24 -3.80
C SER E 208 25.32 -47.77 -2.35
N PRO E 209 25.21 -48.69 -1.37
CA PRO E 209 25.35 -48.27 0.02
C PRO E 209 26.76 -47.74 0.28
N VAL E 210 26.87 -46.61 0.96
CA VAL E 210 28.18 -45.99 1.16
C VAL E 210 28.66 -46.15 2.60
N THR E 211 29.84 -46.76 2.75
CA THR E 211 30.48 -46.90 4.05
C THR E 211 31.72 -46.03 4.16
N LYS E 212 31.71 -45.09 5.09
CA LYS E 212 32.88 -44.27 5.37
C LYS E 212 33.50 -44.68 6.70
N SER E 213 34.75 -45.10 6.66
CA SER E 213 35.41 -45.67 7.84
C SER E 213 36.74 -45.01 8.17
N PHE E 214 37.24 -45.31 9.37
CA PHE E 214 38.56 -44.85 9.78
C PHE E 214 39.21 -45.91 10.67
N ASN E 215 40.53 -45.80 10.86
CA ASN E 215 41.25 -46.71 11.74
C ASN E 215 42.26 -45.95 12.60
N GLN F 3 -2.93 -13.61 22.56
CA GLN F 3 -1.73 -14.28 23.08
C GLN F 3 -1.90 -14.64 24.56
N LEU F 4 -1.52 -15.87 24.90
CA LEU F 4 -1.59 -16.33 26.27
C LEU F 4 -0.18 -16.55 26.81
N VAL F 5 0.11 -15.98 27.98
CA VAL F 5 1.44 -16.09 28.57
C VAL F 5 1.49 -17.17 29.65
N GLN F 6 2.16 -18.28 29.33
CA GLN F 6 2.27 -19.39 30.26
C GLN F 6 3.42 -19.19 31.24
N SER F 7 3.57 -20.15 32.16
CA SER F 7 4.66 -20.12 33.13
C SER F 7 5.99 -20.43 32.45
N GLY F 8 7.07 -20.24 33.19
CA GLY F 8 8.40 -20.54 32.68
C GLY F 8 8.69 -22.02 32.65
N PRO F 9 9.80 -22.41 32.00
CA PRO F 9 10.21 -23.82 31.90
C PRO F 9 10.61 -24.37 33.27
N GLU F 10 10.27 -25.63 33.53
CA GLU F 10 10.52 -26.23 34.83
C GLU F 10 11.33 -27.52 34.73
N VAL F 11 12.15 -27.76 35.76
CA VAL F 11 12.92 -28.99 35.87
C VAL F 11 12.68 -29.63 37.23
N ARG F 12 12.27 -30.89 37.24
CA ARG F 12 11.88 -31.55 38.47
C ARG F 12 12.52 -32.92 38.68
N LYS F 13 13.00 -33.16 39.90
CA LYS F 13 13.40 -34.49 40.32
C LYS F 13 12.13 -35.36 40.37
N PRO F 14 12.27 -36.66 40.07
CA PRO F 14 11.10 -37.55 40.05
C PRO F 14 10.47 -37.71 41.43
N GLY F 15 9.15 -37.90 41.47
CA GLY F 15 8.44 -38.02 42.72
C GLY F 15 7.91 -36.70 43.24
N THR F 16 8.40 -35.61 42.67
CA THR F 16 7.98 -34.27 43.10
C THR F 16 6.82 -33.76 42.23
N SER F 17 6.49 -32.49 42.40
CA SER F 17 5.35 -31.90 41.72
C SER F 17 5.68 -30.58 41.04
N VAL F 18 4.94 -30.27 39.98
CA VAL F 18 5.17 -29.02 39.24
C VAL F 18 3.85 -28.26 39.08
N LYS F 19 3.95 -26.94 38.92
CA LYS F 19 2.78 -26.08 38.85
C LYS F 19 2.88 -25.07 37.71
N VAL F 20 2.12 -25.29 36.65
CA VAL F 20 2.15 -24.43 35.47
C VAL F 20 0.96 -23.48 35.47
N SER F 21 1.21 -22.20 35.18
CA SER F 21 0.15 -21.22 35.13
C SER F 21 -0.05 -20.69 33.71
N CYS F 22 -1.30 -20.48 33.32
CA CYS F 22 -1.62 -19.85 32.04
C CYS F 22 -2.47 -18.61 32.30
N LYS F 23 -2.22 -17.55 31.54
CA LYS F 23 -2.83 -16.26 31.82
C LYS F 23 -3.05 -15.42 30.57
N ALA F 24 -4.22 -14.76 30.51
CA ALA F 24 -4.55 -13.85 29.43
C ALA F 24 -4.38 -12.40 29.93
N PRO F 25 -4.04 -11.48 29.01
CA PRO F 25 -3.87 -10.07 29.38
C PRO F 25 -5.12 -9.45 29.98
N GLY F 26 -5.06 -9.06 31.25
CA GLY F 26 -6.20 -8.46 31.93
C GLY F 26 -7.39 -9.39 32.04
N ASN F 27 -8.53 -8.96 31.51
CA ASN F 27 -9.74 -9.78 31.47
C ASN F 27 -10.16 -10.11 30.05
N THR F 28 -9.18 -10.39 29.20
CA THR F 28 -9.40 -10.50 27.75
C THR F 28 -10.35 -11.63 27.34
N LEU F 29 -10.03 -12.86 27.73
CA LEU F 29 -10.75 -14.03 27.23
C LEU F 29 -11.43 -14.84 28.34
N LYS F 30 -12.59 -14.39 28.78
CA LYS F 30 -13.33 -15.07 29.84
C LYS F 30 -14.59 -15.75 29.31
N THR F 31 -14.86 -15.56 28.03
CA THR F 31 -15.99 -16.21 27.36
C THR F 31 -15.45 -17.46 26.62
N TYR F 32 -14.14 -17.66 26.72
CA TYR F 32 -13.49 -18.78 26.05
C TYR F 32 -13.09 -19.86 27.03
N ASP F 33 -13.41 -21.10 26.70
CA ASP F 33 -13.16 -22.23 27.58
C ASP F 33 -11.68 -22.54 27.67
N LEU F 34 -11.26 -23.08 28.81
CA LEU F 34 -9.86 -23.30 29.08
C LEU F 34 -9.46 -24.76 28.92
N HIS F 35 -8.63 -25.03 27.91
CA HIS F 35 -8.18 -26.39 27.64
C HIS F 35 -6.70 -26.57 27.98
N TRP F 36 -6.30 -27.81 28.24
CA TRP F 36 -4.89 -28.14 28.46
C TRP F 36 -4.46 -29.27 27.54
N VAL F 37 -3.45 -28.99 26.72
CA VAL F 37 -2.98 -29.95 25.72
C VAL F 37 -1.55 -30.39 26.00
N ARG F 38 -1.27 -31.68 25.83
CA ARG F 38 0.06 -32.21 26.10
C ARG F 38 0.79 -32.58 24.80
N SER F 39 1.98 -32.03 24.63
CA SER F 39 2.82 -32.32 23.48
C SER F 39 4.11 -33.03 23.89
N VAL F 40 4.20 -34.31 23.56
CA VAL F 40 5.42 -35.06 23.77
C VAL F 40 6.17 -35.15 22.44
N PRO F 41 7.44 -34.70 22.43
CA PRO F 41 8.28 -34.69 21.23
C PRO F 41 8.35 -36.06 20.54
N GLY F 42 7.63 -36.20 19.43
CA GLY F 42 7.60 -37.44 18.69
C GLY F 42 6.56 -38.42 19.21
N GLN F 43 5.41 -37.90 19.63
CA GLN F 43 4.33 -38.72 20.15
C GLN F 43 2.97 -38.11 19.80
N GLY F 44 2.99 -36.83 19.46
CA GLY F 44 1.78 -36.14 19.03
C GLY F 44 1.17 -35.27 20.10
N LEU F 45 -0.06 -34.83 19.87
CA LEU F 45 -0.76 -33.98 20.83
C LEU F 45 -1.76 -34.78 21.66
N GLN F 46 -1.83 -34.45 22.95
CA GLN F 46 -2.75 -35.13 23.86
C GLN F 46 -3.60 -34.13 24.64
N TRP F 47 -4.91 -34.28 24.55
CA TRP F 47 -5.85 -33.41 25.24
C TRP F 47 -6.13 -33.94 26.65
N MET F 48 -5.96 -33.07 27.64
CA MET F 48 -5.97 -33.51 29.03
C MET F 48 -7.26 -33.17 29.78
N GLY F 49 -7.97 -32.14 29.32
CA GLY F 49 -9.20 -31.74 29.97
C GLY F 49 -9.58 -30.29 29.71
N TRP F 50 -10.66 -29.84 30.33
CA TRP F 50 -11.15 -28.48 30.09
C TRP F 50 -12.02 -27.93 31.22
N ILE F 51 -12.11 -26.61 31.26
CA ILE F 51 -13.04 -25.91 32.14
C ILE F 51 -13.91 -24.97 31.33
N SER F 52 -15.21 -25.21 31.35
CA SER F 52 -16.15 -24.32 30.65
C SER F 52 -16.08 -22.93 31.29
N HIS F 53 -16.17 -21.91 30.44
CA HIS F 53 -16.11 -20.53 30.92
C HIS F 53 -17.29 -20.21 31.84
N GLU F 54 -18.39 -20.94 31.65
CA GLU F 54 -19.54 -20.83 32.56
C GLU F 54 -19.14 -21.31 33.95
N GLY F 55 -18.14 -22.18 34.01
CA GLY F 55 -17.62 -22.67 35.27
C GLY F 55 -18.50 -23.69 35.95
N ASP F 56 -19.18 -24.51 35.16
CA ASP F 56 -20.06 -25.53 35.73
C ASP F 56 -19.63 -26.94 35.34
N LYS F 57 -18.63 -27.02 34.46
CA LYS F 57 -18.12 -28.33 34.05
C LYS F 57 -16.59 -28.39 34.07
N LYS F 58 -16.08 -29.39 34.77
CA LYS F 58 -14.65 -29.61 34.91
C LYS F 58 -14.32 -31.07 34.65
N VAL F 59 -13.74 -31.34 33.47
CA VAL F 59 -13.47 -32.71 33.07
C VAL F 59 -11.98 -32.97 32.83
N ILE F 60 -11.47 -34.07 33.38
CA ILE F 60 -10.14 -34.56 33.08
C ILE F 60 -10.23 -36.00 32.59
N VAL F 61 -9.50 -36.34 31.53
CA VAL F 61 -9.46 -37.71 31.06
C VAL F 61 -8.85 -38.59 32.15
N GLU F 62 -9.42 -39.79 32.33
CA GLU F 62 -9.04 -40.69 33.41
C GLU F 62 -7.56 -41.00 33.53
N ARG F 63 -6.85 -41.01 32.40
CA ARG F 63 -5.45 -41.41 32.41
C ARG F 63 -4.54 -40.38 33.06
N PHE F 64 -4.95 -39.12 33.05
CA PHE F 64 -4.23 -38.08 33.76
C PHE F 64 -4.87 -37.79 35.11
N LYS F 65 -6.11 -38.25 35.28
CA LYS F 65 -6.94 -37.89 36.42
C LYS F 65 -6.32 -38.19 37.78
N ALA F 66 -5.40 -39.14 37.83
CA ALA F 66 -4.73 -39.49 39.07
C ALA F 66 -3.63 -38.49 39.43
N LYS F 67 -2.84 -38.10 38.45
CA LYS F 67 -1.66 -37.26 38.69
C LYS F 67 -1.86 -35.80 38.28
N VAL F 68 -3.02 -35.45 37.76
CA VAL F 68 -3.24 -34.11 37.24
C VAL F 68 -4.46 -33.41 37.85
N THR F 69 -4.26 -32.17 38.31
CA THR F 69 -5.32 -31.34 38.84
C THR F 69 -5.32 -29.96 38.16
N ILE F 70 -6.50 -29.51 37.76
CA ILE F 70 -6.65 -28.21 37.10
C ILE F 70 -7.36 -27.21 38.01
N ASP F 71 -7.17 -25.92 37.76
CA ASP F 71 -7.92 -24.90 38.47
C ASP F 71 -7.94 -23.59 37.68
N TRP F 72 -9.05 -22.88 37.78
CA TRP F 72 -9.19 -21.57 37.16
C TRP F 72 -9.42 -20.53 38.26
N ASP F 73 -8.42 -19.69 38.50
CA ASP F 73 -8.53 -18.66 39.52
C ASP F 73 -9.13 -17.38 38.93
N ARG F 74 -10.47 -17.37 38.84
CA ARG F 74 -11.25 -16.20 38.38
C ARG F 74 -10.75 -14.90 38.98
N SER F 75 -10.48 -14.93 40.28
CA SER F 75 -9.98 -13.77 41.02
C SER F 75 -8.67 -13.25 40.45
N THR F 76 -7.77 -14.15 40.10
CA THR F 76 -6.47 -13.78 39.56
C THR F 76 -6.53 -13.76 38.03
N ASN F 77 -7.59 -14.37 37.49
CA ASN F 77 -7.77 -14.59 36.05
C ASN F 77 -6.74 -15.59 35.51
N THR F 78 -5.87 -16.09 36.38
CA THR F 78 -4.89 -17.09 35.98
C THR F 78 -5.53 -18.47 35.85
N ALA F 79 -4.79 -19.38 35.23
CA ALA F 79 -5.22 -20.74 35.00
C ALA F 79 -4.08 -21.68 35.35
N TYR F 80 -4.35 -22.75 36.09
CA TYR F 80 -3.27 -23.58 36.62
C TYR F 80 -3.32 -25.03 36.17
N LEU F 81 -2.14 -25.61 36.00
CA LEU F 81 -1.97 -27.02 35.71
C LEU F 81 -0.97 -27.62 36.68
N GLN F 82 -1.43 -28.55 37.52
CA GLN F 82 -0.55 -29.14 38.53
C GLN F 82 -0.32 -30.63 38.27
N LEU F 83 0.95 -30.99 38.19
CA LEU F 83 1.37 -32.38 38.06
C LEU F 83 1.87 -32.88 39.40
N SER F 84 1.40 -34.04 39.83
CA SER F 84 1.81 -34.62 41.11
C SER F 84 2.41 -36.00 40.93
N GLY F 85 3.40 -36.33 41.77
CA GLY F 85 4.10 -37.61 41.68
C GLY F 85 4.71 -37.80 40.30
N LEU F 86 5.60 -36.89 39.92
CA LEU F 86 6.11 -36.84 38.55
C LEU F 86 6.95 -38.06 38.17
N THR F 87 6.74 -38.52 36.94
CA THR F 87 7.53 -39.61 36.38
C THR F 87 8.28 -39.13 35.14
N SER F 88 9.15 -39.97 34.61
CA SER F 88 9.91 -39.64 33.41
C SER F 88 8.99 -39.52 32.20
N GLY F 89 7.88 -40.27 32.24
CA GLY F 89 6.91 -40.24 31.17
C GLY F 89 6.08 -38.97 31.15
N ASP F 90 6.25 -38.13 32.17
CA ASP F 90 5.54 -36.86 32.24
C ASP F 90 6.38 -35.72 31.71
N THR F 91 7.63 -36.02 31.35
CA THR F 91 8.50 -35.03 30.71
C THR F 91 7.97 -34.68 29.33
N ALA F 92 7.46 -33.46 29.19
CA ALA F 92 6.88 -33.01 27.93
C ALA F 92 6.70 -31.50 27.89
N VAL F 93 5.95 -31.03 26.90
CA VAL F 93 5.61 -29.62 26.78
C VAL F 93 4.10 -29.47 26.95
N TYR F 94 3.70 -28.62 27.89
CA TYR F 94 2.28 -28.47 28.21
C TYR F 94 1.71 -27.14 27.71
N TYR F 95 0.69 -27.24 26.87
CA TYR F 95 0.03 -26.06 26.31
C TYR F 95 -1.32 -25.82 26.96
N CYS F 96 -1.74 -24.55 26.98
CA CYS F 96 -3.09 -24.20 27.41
C CYS F 96 -3.78 -23.43 26.29
N ALA F 97 -5.01 -23.83 25.97
CA ALA F 97 -5.72 -23.24 24.85
C ALA F 97 -7.09 -22.71 25.24
N LYS F 98 -7.49 -21.61 24.60
CA LYS F 98 -8.80 -21.02 24.82
C LYS F 98 -9.65 -21.15 23.57
N GLY F 99 -10.85 -21.71 23.72
CA GLY F 99 -11.72 -21.94 22.59
C GLY F 99 -13.20 -21.74 22.88
N SER F 100 -14.02 -22.09 21.89
CA SER F 100 -15.47 -21.91 22.00
C SER F 100 -16.19 -23.25 21.88
N LYS F 101 -17.46 -23.26 22.26
CA LYS F 101 -18.26 -24.49 22.21
C LYS F 101 -19.72 -24.22 21.90
N HIS F 102 -20.45 -25.30 21.63
CA HIS F 102 -21.90 -25.23 21.48
C HIS F 102 -22.60 -25.97 22.60
N ARG F 103 -23.49 -25.28 23.30
CA ARG F 103 -24.27 -25.92 24.35
C ARG F 103 -25.71 -26.16 23.91
N LEU F 104 -26.16 -27.40 24.07
CA LEU F 104 -27.50 -27.79 23.68
C LEU F 104 -28.30 -28.32 24.87
N ARG F 105 -29.35 -27.58 25.24
CA ARG F 105 -30.28 -28.03 26.26
C ARG F 105 -31.10 -29.21 25.71
N ASP F 106 -30.57 -30.41 25.88
CA ASP F 106 -31.23 -31.63 25.41
C ASP F 106 -32.60 -31.79 26.07
N TYR F 107 -32.60 -31.86 27.40
CA TYR F 107 -33.83 -32.02 28.15
C TYR F 107 -34.03 -30.83 29.09
N ALA F 108 -35.29 -30.46 29.33
CA ALA F 108 -35.62 -29.42 30.29
C ALA F 108 -36.89 -29.75 31.06
N LEU F 109 -36.84 -29.57 32.37
CA LEU F 109 -38.04 -29.71 33.19
C LEU F 109 -38.47 -28.36 33.74
N TYS F 110 -39.46 -27.77 33.09
CA TYS F 110 -40.00 -26.50 33.53
CB TYS F 110 -40.30 -25.65 32.29
CG TYS F 110 -39.04 -24.92 31.87
CD1 TYS F 110 -38.21 -25.44 30.89
CD2 TYS F 110 -38.72 -23.72 32.48
CE1 TYS F 110 -37.06 -24.75 30.52
CE2 TYS F 110 -37.58 -23.02 32.11
CZ TYS F 110 -36.75 -23.54 31.12
OH TYS F 110 -35.61 -22.85 30.79
S TYS F 110 -34.62 -23.32 29.71
O1 TYS F 110 -33.87 -24.44 30.19
O2 TYS F 110 -35.30 -23.64 28.49
O3 TYS F 110 -33.58 -22.09 29.39
C TYS F 110 -41.25 -26.76 34.31
O TYS F 110 -42.12 -27.52 33.84
N ASP F 111 -41.37 -26.15 35.49
CA ASP F 111 -42.52 -26.39 36.36
C ASP F 111 -43.73 -25.57 35.94
N ASP F 112 -44.78 -25.64 36.77
CA ASP F 112 -46.03 -24.93 36.49
C ASP F 112 -45.87 -23.41 36.51
N ASP F 113 -44.93 -22.94 37.33
CA ASP F 113 -44.76 -21.51 37.52
C ASP F 113 -43.69 -20.93 36.60
N GLY F 114 -42.98 -21.80 35.89
CA GLY F 114 -41.96 -21.37 34.95
C GLY F 114 -40.56 -21.59 35.48
N ALA F 115 -40.46 -22.05 36.72
CA ALA F 115 -39.15 -22.35 37.30
C ALA F 115 -38.62 -23.66 36.76
N LEU F 116 -37.31 -23.69 36.51
CA LEU F 116 -36.64 -24.86 35.96
C LEU F 116 -36.19 -25.81 37.05
N ASN F 117 -36.77 -27.00 37.07
CA ASN F 117 -36.41 -28.02 38.06
C ASN F 117 -35.02 -28.60 37.76
N TRP F 118 -34.89 -29.26 36.62
CA TRP F 118 -33.60 -29.79 36.19
C TRP F 118 -33.51 -29.84 34.68
N ALA F 119 -32.28 -29.87 34.15
CA ALA F 119 -32.07 -29.87 32.71
C ALA F 119 -30.72 -30.46 32.33
N VAL F 120 -30.63 -30.95 31.10
CA VAL F 120 -29.41 -31.55 30.61
C VAL F 120 -28.73 -30.68 29.56
N ASP F 121 -27.49 -30.27 29.84
CA ASP F 121 -26.70 -29.51 28.87
C ASP F 121 -25.55 -30.33 28.32
N VAL F 122 -25.43 -30.33 27.00
CA VAL F 122 -24.37 -31.07 26.33
C VAL F 122 -23.46 -30.10 25.57
N ASP F 123 -22.14 -30.32 25.69
CA ASP F 123 -21.16 -29.45 25.05
C ASP F 123 -20.55 -30.10 23.81
N TYR F 124 -20.28 -29.26 22.81
CA TYR F 124 -19.68 -29.71 21.56
C TYR F 124 -18.56 -28.77 21.16
N LEU F 125 -17.32 -29.21 21.32
CA LEU F 125 -16.16 -28.38 21.09
C LEU F 125 -16.08 -27.90 19.64
N SER F 126 -15.90 -26.60 19.47
CA SER F 126 -15.85 -25.99 18.13
C SER F 126 -14.41 -25.78 17.67
N ASN F 127 -13.61 -25.14 18.52
CA ASN F 127 -12.22 -24.84 18.16
C ASN F 127 -11.35 -24.50 19.37
N LEU F 128 -10.04 -24.55 19.19
CA LEU F 128 -9.09 -24.05 20.18
C LEU F 128 -8.32 -22.89 19.56
N GLU F 129 -8.93 -21.70 19.60
CA GLU F 129 -8.45 -20.56 18.83
C GLU F 129 -7.13 -19.96 19.33
N PHE F 130 -7.02 -19.80 20.65
CA PHE F 130 -5.86 -19.14 21.24
C PHE F 130 -4.97 -20.12 22.00
N TRP F 131 -3.68 -20.06 21.75
CA TRP F 131 -2.73 -20.96 22.42
C TRP F 131 -1.61 -20.18 23.11
N GLY F 132 -1.06 -20.76 24.16
CA GLY F 132 0.07 -20.16 24.85
C GLY F 132 1.39 -20.51 24.16
N GLN F 133 2.49 -20.01 24.69
CA GLN F 133 3.81 -20.28 24.12
C GLN F 133 4.29 -21.67 24.50
N GLY F 134 3.66 -22.25 25.53
CA GLY F 134 4.00 -23.59 25.97
C GLY F 134 4.93 -23.60 27.17
N THR F 135 4.88 -24.69 27.94
CA THR F 135 5.73 -24.85 29.12
C THR F 135 6.46 -26.19 29.08
N ALA F 136 7.78 -26.14 29.11
CA ALA F 136 8.60 -27.35 29.02
C ALA F 136 8.89 -27.91 30.42
N VAL F 137 8.38 -29.12 30.69
CA VAL F 137 8.65 -29.78 31.95
C VAL F 137 9.61 -30.95 31.74
N THR F 138 10.78 -30.88 32.38
CA THR F 138 11.77 -31.94 32.26
C THR F 138 11.95 -32.67 33.58
N VAL F 139 11.45 -33.90 33.64
CA VAL F 139 11.56 -34.71 34.85
C VAL F 139 12.74 -35.68 34.77
N SER F 140 13.73 -35.45 35.63
CA SER F 140 14.92 -36.29 35.67
C SER F 140 15.55 -36.27 37.05
N SER F 141 16.24 -37.37 37.39
CA SER F 141 16.92 -37.49 38.67
C SER F 141 18.29 -36.83 38.64
N ALA F 142 18.70 -36.39 37.46
CA ALA F 142 19.99 -35.74 37.29
C ALA F 142 20.00 -34.34 37.91
N SER F 143 21.21 -33.87 38.22
CA SER F 143 21.39 -32.53 38.77
C SER F 143 22.15 -31.64 37.78
N THR F 144 22.24 -30.35 38.08
CA THR F 144 22.87 -29.38 37.20
C THR F 144 24.34 -29.73 36.92
N LYS F 145 24.68 -29.83 35.64
CA LYS F 145 26.00 -30.29 35.20
C LYS F 145 26.47 -29.53 33.96
N GLY F 146 27.73 -29.11 33.97
CA GLY F 146 28.30 -28.39 32.85
C GLY F 146 28.76 -29.31 31.74
N PRO F 147 28.60 -28.86 30.48
CA PRO F 147 28.95 -29.65 29.29
C PRO F 147 30.46 -29.80 29.08
N SER F 148 30.88 -30.96 28.60
CA SER F 148 32.27 -31.17 28.22
C SER F 148 32.37 -31.10 26.69
N VAL F 149 33.16 -30.17 26.19
CA VAL F 149 33.21 -29.90 24.76
C VAL F 149 34.46 -30.49 24.11
N PHE F 150 34.23 -31.38 23.14
CA PHE F 150 35.32 -32.00 22.39
C PHE F 150 35.15 -31.76 20.90
N PRO F 151 36.22 -31.32 20.22
CA PRO F 151 36.16 -30.97 18.81
C PRO F 151 36.01 -32.18 17.90
N LEU F 152 35.28 -32.00 16.79
CA LEU F 152 35.20 -33.01 15.75
C LEU F 152 36.19 -32.61 14.65
N ALA F 153 37.44 -33.00 14.83
CA ALA F 153 38.55 -32.53 14.01
C ALA F 153 38.35 -32.73 12.51
N PRO F 154 38.57 -31.66 11.74
CA PRO F 154 38.49 -31.69 10.27
C PRO F 154 39.65 -32.48 9.68
N SER F 155 39.40 -33.21 8.61
CA SER F 155 40.41 -34.08 8.02
C SER F 155 40.06 -34.48 6.60
N SER F 156 40.93 -35.27 5.98
CA SER F 156 40.62 -35.85 4.69
C SER F 156 39.52 -36.89 4.87
N LYS F 157 39.38 -37.36 6.10
CA LYS F 157 38.29 -38.24 6.49
C LYS F 157 36.96 -37.52 6.40
N SER F 158 36.99 -36.19 6.48
CA SER F 158 35.78 -35.40 6.46
C SER F 158 35.84 -34.22 5.48
N THR F 159 36.43 -34.44 4.31
CA THR F 159 36.34 -33.45 3.24
C THR F 159 35.87 -34.11 1.95
N SER F 160 34.81 -33.56 1.37
CA SER F 160 34.25 -34.11 0.15
C SER F 160 34.31 -33.08 -0.97
N GLY F 161 35.08 -33.40 -2.01
CA GLY F 161 35.32 -32.47 -3.10
C GLY F 161 36.04 -31.24 -2.59
N GLY F 162 35.39 -30.09 -2.71
CA GLY F 162 35.95 -28.84 -2.21
C GLY F 162 35.54 -28.57 -0.77
N THR F 163 34.45 -29.20 -0.33
CA THR F 163 33.88 -28.92 0.99
C THR F 163 34.39 -29.88 2.07
N ALA F 164 34.52 -29.35 3.28
CA ALA F 164 34.90 -30.15 4.44
C ALA F 164 33.97 -29.84 5.62
N ALA F 165 33.80 -30.80 6.51
CA ALA F 165 32.93 -30.61 7.66
C ALA F 165 33.67 -30.78 8.98
N LEU F 166 33.51 -29.80 9.86
CA LEU F 166 34.05 -29.86 11.21
C LEU F 166 32.99 -29.45 12.21
N GLY F 167 33.24 -29.71 13.49
CA GLY F 167 32.28 -29.35 14.52
C GLY F 167 32.71 -29.64 15.93
N CYS F 168 31.79 -29.46 16.88
CA CYS F 168 32.09 -29.64 18.29
C CYS F 168 31.07 -30.54 18.97
N LEU F 169 31.55 -31.63 19.57
CA LEU F 169 30.67 -32.53 20.32
C LEU F 169 30.47 -32.02 21.74
N VAL F 170 29.25 -31.61 22.04
CA VAL F 170 28.91 -31.13 23.38
C VAL F 170 28.37 -32.29 24.21
N LYS F 171 29.10 -32.65 25.26
CA LYS F 171 28.77 -33.88 25.99
C LYS F 171 28.55 -33.68 27.49
N ASP F 172 27.59 -34.43 28.04
CA ASP F 172 27.35 -34.49 29.48
C ASP F 172 26.99 -33.15 30.09
N TYR F 173 25.78 -32.66 29.80
CA TYR F 173 25.28 -31.46 30.46
C TYR F 173 23.86 -31.65 30.95
N PHE F 174 23.47 -30.86 31.94
CA PHE F 174 22.10 -30.89 32.46
C PHE F 174 21.79 -29.59 33.21
N PRO F 175 20.59 -29.04 32.97
CA PRO F 175 19.63 -29.51 31.96
C PRO F 175 19.72 -28.71 30.67
N GLU F 176 18.74 -28.90 29.79
CA GLU F 176 18.61 -28.08 28.60
C GLU F 176 18.33 -26.63 29.01
N PRO F 177 18.65 -25.66 28.14
CA PRO F 177 19.27 -25.77 26.82
C PRO F 177 20.72 -25.32 26.77
N VAL F 178 21.36 -25.56 25.61
CA VAL F 178 22.71 -25.08 25.35
C VAL F 178 22.70 -24.34 24.01
N THR F 179 23.40 -23.21 23.95
CA THR F 179 23.46 -22.42 22.73
C THR F 179 24.86 -22.44 22.12
N VAL F 180 24.93 -22.81 20.85
CA VAL F 180 26.21 -22.87 20.14
C VAL F 180 26.21 -21.93 18.94
N SER F 181 27.19 -21.04 18.87
CA SER F 181 27.38 -20.22 17.68
C SER F 181 28.79 -20.45 17.11
N TRP F 182 29.03 -19.91 15.92
CA TRP F 182 30.34 -20.07 15.27
C TRP F 182 30.94 -18.71 14.93
N ASN F 183 32.15 -18.48 15.44
CA ASN F 183 32.83 -17.20 15.30
C ASN F 183 31.99 -16.05 15.85
N SER F 184 31.24 -16.34 16.90
CA SER F 184 30.37 -15.36 17.57
C SER F 184 29.35 -14.74 16.63
N GLY F 185 28.83 -15.56 15.71
CA GLY F 185 27.80 -15.10 14.80
C GLY F 185 28.30 -14.73 13.42
N ALA F 186 29.62 -14.80 13.22
CA ALA F 186 30.19 -14.47 11.91
C ALA F 186 29.93 -15.60 10.91
N LEU F 187 29.79 -16.82 11.41
CA LEU F 187 29.50 -17.96 10.55
C LEU F 187 28.07 -18.45 10.77
N THR F 188 27.18 -18.06 9.85
CA THR F 188 25.76 -18.37 9.97
C THR F 188 25.29 -19.39 8.94
N SER F 189 26.14 -19.65 7.95
CA SER F 189 25.77 -20.51 6.84
C SER F 189 26.57 -21.82 6.82
N GLY F 190 25.96 -22.87 6.29
CA GLY F 190 26.58 -24.18 6.24
C GLY F 190 26.69 -24.79 7.62
N VAL F 191 26.02 -24.18 8.59
CA VAL F 191 26.11 -24.59 9.99
C VAL F 191 24.89 -25.40 10.41
N HIS F 192 25.14 -26.54 11.06
CA HIS F 192 24.06 -27.40 11.51
C HIS F 192 24.17 -27.76 12.99
N THR F 193 23.18 -27.33 13.77
CA THR F 193 23.05 -27.74 15.16
C THR F 193 21.90 -28.74 15.25
N PHE F 194 22.18 -29.89 15.88
CA PHE F 194 21.20 -30.96 15.98
C PHE F 194 20.49 -30.92 17.33
N PRO F 195 19.21 -31.32 17.35
CA PRO F 195 18.49 -31.45 18.62
C PRO F 195 19.18 -32.46 19.53
N ALA F 196 19.43 -32.09 20.77
CA ALA F 196 20.21 -32.92 21.68
C ALA F 196 19.56 -34.27 21.95
N VAL F 197 20.35 -35.34 21.80
CA VAL F 197 19.88 -36.67 22.19
C VAL F 197 20.02 -36.82 23.69
N LEU F 198 19.16 -37.62 24.30
CA LEU F 198 19.25 -37.89 25.73
C LEU F 198 19.95 -39.22 25.97
N GLN F 199 21.01 -39.20 26.77
CA GLN F 199 21.85 -40.39 26.96
C GLN F 199 21.34 -41.30 28.07
N SER F 200 21.98 -42.45 28.19
CA SER F 200 21.59 -43.46 29.18
C SER F 200 21.74 -42.96 30.61
N SER F 201 22.82 -42.24 30.87
CA SER F 201 23.11 -41.75 32.22
C SER F 201 22.06 -40.75 32.70
N GLY F 202 21.45 -40.03 31.75
CA GLY F 202 20.46 -39.02 32.08
C GLY F 202 20.93 -37.64 31.69
N LEU F 203 22.21 -37.54 31.33
CA LEU F 203 22.77 -36.27 30.88
C LEU F 203 22.51 -36.06 29.40
N TYR F 204 22.59 -34.82 28.95
CA TYR F 204 22.37 -34.50 27.54
C TYR F 204 23.69 -34.41 26.79
N SER F 205 23.61 -34.59 25.48
CA SER F 205 24.76 -34.44 24.60
C SER F 205 24.28 -34.17 23.17
N LEU F 206 24.89 -33.18 22.53
CA LEU F 206 24.54 -32.85 21.16
C LEU F 206 25.78 -32.70 20.28
N SER F 207 25.54 -32.54 18.98
CA SER F 207 26.62 -32.31 18.04
C SER F 207 26.29 -31.12 17.14
N SER F 208 27.26 -30.23 16.98
CA SER F 208 27.08 -29.06 16.13
C SER F 208 28.16 -29.06 15.05
N VAL F 209 27.75 -29.08 13.79
CA VAL F 209 28.69 -29.17 12.68
C VAL F 209 28.57 -28.00 11.70
N VAL F 210 29.56 -27.86 10.83
CA VAL F 210 29.56 -26.80 9.82
C VAL F 210 30.44 -27.16 8.63
N THR F 211 29.92 -26.93 7.43
CA THR F 211 30.65 -27.27 6.21
C THR F 211 31.16 -26.03 5.47
N VAL F 212 32.45 -26.02 5.16
CA VAL F 212 33.09 -24.92 4.45
C VAL F 212 34.04 -25.50 3.39
N PRO F 213 34.41 -24.70 2.38
CA PRO F 213 35.37 -25.20 1.38
C PRO F 213 36.73 -25.55 1.99
N SER F 214 37.40 -26.56 1.44
CA SER F 214 38.71 -26.99 1.94
C SER F 214 39.76 -25.90 1.75
N SER F 215 39.48 -24.97 0.85
CA SER F 215 40.39 -23.88 0.53
C SER F 215 40.58 -22.97 1.74
N SER F 216 39.53 -22.88 2.56
CA SER F 216 39.51 -21.94 3.68
C SER F 216 40.15 -22.47 4.95
N LEU F 217 40.36 -23.78 5.01
CA LEU F 217 40.80 -24.46 6.24
C LEU F 217 42.02 -23.83 6.90
N GLY F 218 43.09 -23.66 6.14
CA GLY F 218 44.32 -23.10 6.67
C GLY F 218 44.26 -21.59 6.86
N THR F 219 43.47 -20.93 6.01
CA THR F 219 43.39 -19.47 6.04
C THR F 219 42.66 -18.95 7.27
N GLN F 220 41.54 -19.60 7.61
CA GLN F 220 40.69 -19.11 8.68
C GLN F 220 40.64 -20.04 9.89
N THR F 221 40.95 -19.49 11.07
CA THR F 221 40.74 -20.20 12.32
C THR F 221 39.25 -20.24 12.63
N TYR F 222 38.73 -21.43 12.89
CA TYR F 222 37.32 -21.62 13.16
C TYR F 222 37.05 -21.80 14.64
N ILE F 223 36.29 -20.88 15.23
CA ILE F 223 35.96 -20.93 16.64
C ILE F 223 34.48 -21.27 16.86
N CYS F 224 34.23 -22.28 17.70
CA CYS F 224 32.87 -22.59 18.14
C CYS F 224 32.75 -22.20 19.61
N ASN F 225 31.61 -21.63 19.97
CA ASN F 225 31.42 -21.17 21.33
C ASN F 225 30.15 -21.75 21.93
N VAL F 226 30.28 -22.28 23.15
CA VAL F 226 29.22 -23.06 23.77
C VAL F 226 28.76 -22.43 25.09
N ASN F 227 27.49 -22.03 25.13
CA ASN F 227 26.93 -21.42 26.32
C ASN F 227 25.90 -22.31 27.01
N HIS F 228 26.11 -22.55 28.30
CA HIS F 228 25.19 -23.36 29.10
C HIS F 228 24.62 -22.52 30.24
N LYS F 229 23.34 -22.16 30.11
CA LYS F 229 22.69 -21.23 31.03
C LYS F 229 22.67 -21.62 32.52
N PRO F 230 22.28 -22.86 32.86
CA PRO F 230 22.05 -23.10 34.28
C PRO F 230 23.31 -23.48 35.09
N SER F 231 24.43 -23.78 34.44
CA SER F 231 25.63 -24.16 35.19
C SER F 231 26.74 -23.13 35.04
N ASN F 232 26.37 -21.93 34.57
CA ASN F 232 27.28 -20.80 34.46
C ASN F 232 28.53 -21.14 33.63
N THR F 233 28.35 -21.99 32.63
CA THR F 233 29.47 -22.47 31.83
C THR F 233 29.44 -21.97 30.39
N LYS F 234 30.46 -21.20 30.03
CA LYS F 234 30.65 -20.71 28.68
C LYS F 234 32.07 -21.00 28.22
N VAL F 235 32.21 -21.69 27.10
CA VAL F 235 33.54 -22.03 26.61
C VAL F 235 33.74 -21.59 25.16
N ASP F 236 34.91 -21.00 24.90
CA ASP F 236 35.30 -20.65 23.55
C ASP F 236 36.27 -21.72 23.03
N LYS F 237 35.93 -22.31 21.88
CA LYS F 237 36.68 -23.44 21.37
C LYS F 237 37.02 -23.26 19.89
N LYS F 238 38.27 -23.54 19.52
CA LYS F 238 38.64 -23.54 18.11
C LYS F 238 38.97 -24.94 17.63
N VAL F 239 38.61 -25.24 16.39
CA VAL F 239 38.66 -26.60 15.88
C VAL F 239 39.78 -26.82 14.87
N GLU F 240 40.75 -27.64 15.23
CA GLU F 240 41.86 -28.00 14.34
C GLU F 240 42.28 -29.45 14.55
#